data_5MST
#
_entry.id   5MST
#
_cell.length_a   69.300
_cell.length_b   91.000
_cell.length_c   113.780
_cell.angle_alpha   90.00
_cell.angle_beta   92.84
_cell.angle_gamma   90.00
#
_symmetry.space_group_name_H-M   'P 1 21 1'
#
loop_
_entity.id
_entity.type
_entity.pdbx_description
1 polymer 'Thioester reductase domain-containing protein'
2 non-polymer 'CALCIUM ION'
3 non-polymer 'FUMARIC ACID'
4 non-polymer 'ADENOSINE MONOPHOSPHATE'
5 water water
#
_entity_poly.entity_id   1
_entity_poly.type   'polypeptide(L)'
_entity_poly.pdbx_seq_one_letter_code
;MTESQSYETRQARPAGQSLAERVARLVAIDPQAAAAVPDKAVAERATQQGLRLAQRIEAFLSGYGDRPALAQRAFEITKD
PITGRAVATLLPKFETVSYRELLERSHAIASELANHAEAPVKAGEFIATIGFTSTDYTSLDIAGVLLGLTSVPLQTGATT
DTLKAIAEETAPAVFGASVEHLDNAVTTALATPSVRRLLVFDYRQGVDEDREAVEAARSRLAEAGSAVLVDTLDEVIARG
RALPRVALPPATDAGDDSLSLLIYTSGSTGTPKGAMYPERNVAQFWGGIWHNAFDDGDSAPDVPDIMVNFMPLSHVAGRI
GLMGTLSSGGTTYFIAKSDLSTFFEDYSLARPTKLFFVPRICEMIYQHYQSELDRIGAADGSPQAEAIKTELREKLLGGR
VLTAGSGSAPMSPELTAFIESVLQVHLVDGYGSTEAGPVWRDRKLVKPPVTEHKLIDVPELGYFSTDSPYPRGELAIKTQ
TILPGYYKRPETTAEVFDEDGFYLTGDVVAEVAPEEFVYVDRRKNVLKLSQGEFVALSKLEAAYGTSPLVRQISVYGSSQ
RSYLLAVVVPTPEALAKYGDGEAVKSALGDSLQKIAREEGLQSYEVPRDFIIETDPFTIENGILSDAGKTLRPKVKARYG
ERLEALYAQLAETQAGELRSIRVGAGERPVIETVQRAAAALLGASAAEVDPEAHFSDLGGDSLSALTYSNFLHEIFQVEV
PVSVIVSAANNLRSVAAHIEKERSSGSDRPTFASVHGAGATTIRASDLKLEKFLDAQTLAAAPSLPRPASEVRTVLLTGS
NGWLGRFLALAWLERLVPQGGKVVVIVRGKDDKAAKARLDSVFESGDPALLAHYEDLADKGLEVLAGDFSDADLGLRKAD
WDRLADEVDLIVHSGALVNHVLPYSQLFGPNVVGTAEVAKLALTKRLKPVTYLSTVAVAVGVEPSAFEEDGDIRDVSAVR
SIDEGYANGYGNSKWAGEVLLREAYEHAGLPVRVFRSDMILAHRKYTGQLNVPDQFTRLILSLLATGIAPKSFYQLDATG
GRQRAHYDGIPVDFTAEAITTLGLAGSDGYHSFDVFNPHHDGVGLDEFVDWLVEAGHPISRVDDYAEWLSRFETSLRGLP
EAQRQHSVLPLLHAFAQPAPAIDGSPFQTKNFQSSVQEAKVGAEHDIPHLDKALIVKYAEDIKQLGLL
;
_entity_poly.pdbx_strand_id   A,B
#
loop_
_chem_comp.id
_chem_comp.type
_chem_comp.name
_chem_comp.formula
AMP non-polymer 'ADENOSINE MONOPHOSPHATE' 'C10 H14 N5 O7 P'
CA non-polymer 'CALCIUM ION' 'Ca 2'
FUM non-polymer 'FUMARIC ACID' 'C4 H4 O4'
#
# COMPACT_ATOMS: atom_id res chain seq x y z
N GLN A 17 6.67 8.00 21.85
CA GLN A 17 7.27 7.17 22.90
C GLN A 17 8.52 6.45 22.39
N SER A 18 8.92 5.41 23.11
CA SER A 18 10.18 4.74 22.82
C SER A 18 10.11 3.93 21.53
N LEU A 19 11.29 3.60 20.98
CA LEU A 19 11.34 2.80 19.76
C LEU A 19 10.73 1.43 19.98
N ALA A 20 10.96 0.83 21.14
CA ALA A 20 10.39 -0.49 21.44
C ALA A 20 8.87 -0.44 21.36
N GLU A 21 8.27 0.58 21.99
CA GLU A 21 6.82 0.71 21.98
C GLU A 21 6.28 0.99 20.58
N ARG A 22 6.99 1.82 19.82
CA ARG A 22 6.50 2.17 18.49
C ARG A 22 6.63 0.98 17.54
N VAL A 23 7.70 0.19 17.67
CA VAL A 23 7.83 -1.05 16.89
C VAL A 23 6.70 -2.01 17.24
N ALA A 24 6.46 -2.22 18.54
CA ALA A 24 5.41 -3.15 18.95
C ALA A 24 4.05 -2.71 18.44
N ARG A 25 3.75 -1.42 18.53
CA ARG A 25 2.47 -0.93 18.02
C ARG A 25 2.36 -1.11 16.51
N LEU A 26 3.43 -0.80 15.77
CA LEU A 26 3.37 -0.99 14.33
C LEU A 26 3.11 -2.45 13.98
N VAL A 27 3.84 -3.38 14.60
CA VAL A 27 3.67 -4.78 14.18
C VAL A 27 2.32 -5.31 14.63
N ALA A 28 1.70 -4.69 15.63
CA ALA A 28 0.37 -5.09 16.09
C ALA A 28 -0.73 -4.64 15.13
N ILE A 29 -0.54 -3.55 14.40
CA ILE A 29 -1.58 -3.02 13.53
C ILE A 29 -1.23 -3.06 12.05
N ASP A 30 -0.02 -3.46 11.68
CA ASP A 30 0.41 -3.44 10.28
C ASP A 30 0.90 -4.81 9.86
N PRO A 31 0.09 -5.59 9.15
CA PRO A 31 0.51 -6.96 8.79
C PRO A 31 1.75 -7.00 7.92
N GLN A 32 1.95 -6.02 7.03
CA GLN A 32 3.13 -6.04 6.18
C GLN A 32 4.39 -5.86 7.01
N ALA A 33 4.37 -4.92 7.96
CA ALA A 33 5.52 -4.72 8.83
C ALA A 33 5.77 -5.93 9.71
N ALA A 34 4.71 -6.54 10.25
CA ALA A 34 4.89 -7.70 11.11
C ALA A 34 5.60 -8.82 10.38
N ALA A 35 5.27 -9.03 9.11
CA ALA A 35 5.85 -10.11 8.33
C ALA A 35 7.28 -9.83 7.91
N ALA A 36 7.77 -8.60 8.04
CA ALA A 36 9.12 -8.23 7.63
C ALA A 36 10.11 -8.32 8.79
N VAL A 37 9.69 -8.83 9.93
CA VAL A 37 10.59 -8.92 11.09
C VAL A 37 11.66 -9.96 10.83
N PRO A 38 12.92 -9.71 11.18
CA PRO A 38 13.97 -10.70 10.92
C PRO A 38 13.68 -12.02 11.59
N ASP A 39 14.26 -13.08 11.03
CA ASP A 39 14.19 -14.42 11.59
C ASP A 39 15.59 -14.75 12.11
N LYS A 40 15.75 -14.79 13.43
CA LYS A 40 17.09 -14.95 13.99
C LYS A 40 17.75 -16.25 13.54
N ALA A 41 16.95 -17.31 13.34
CA ALA A 41 17.50 -18.61 12.94
C ALA A 41 18.17 -18.53 11.58
N VAL A 42 17.59 -17.76 10.65
CA VAL A 42 18.20 -17.60 9.33
C VAL A 42 19.58 -16.97 9.47
N ALA A 43 19.67 -15.86 10.21
CA ALA A 43 20.94 -15.18 10.37
C ALA A 43 21.97 -16.06 11.04
N GLU A 44 21.57 -16.76 12.11
CA GLU A 44 22.53 -17.62 12.81
C GLU A 44 23.11 -18.68 11.86
N ARG A 45 22.26 -19.26 11.02
CA ARG A 45 22.73 -20.25 10.06
C ARG A 45 23.66 -19.61 9.02
N ALA A 46 23.23 -18.47 8.47
CA ALA A 46 23.97 -17.87 7.36
C ALA A 46 25.33 -17.32 7.77
N THR A 47 25.50 -16.95 9.04
CA THR A 47 26.71 -16.23 9.44
C THR A 47 27.73 -17.13 10.12
N GLN A 48 27.52 -18.45 10.14
CA GLN A 48 28.49 -19.35 10.77
C GLN A 48 29.87 -19.17 10.15
N GLN A 49 30.91 -19.38 10.97
CA GLN A 49 32.29 -19.12 10.56
C GLN A 49 32.74 -20.03 9.43
N GLY A 50 32.12 -21.20 9.30
CA GLY A 50 32.57 -22.14 8.27
C GLY A 50 32.13 -21.79 6.86
N LEU A 51 31.13 -20.92 6.70
CA LEU A 51 30.56 -20.64 5.39
C LEU A 51 31.34 -19.56 4.66
N ARG A 52 31.55 -19.77 3.36
CA ARG A 52 32.10 -18.70 2.52
C ARG A 52 31.00 -17.73 2.14
N LEU A 53 31.41 -16.57 1.61
CA LEU A 53 30.46 -15.51 1.25
C LEU A 53 29.33 -16.01 0.35
N ALA A 54 29.66 -16.78 -0.69
CA ALA A 54 28.61 -17.26 -1.58
C ALA A 54 27.60 -18.11 -0.82
N GLN A 55 28.08 -18.94 0.11
CA GLN A 55 27.16 -19.76 0.89
C GLN A 55 26.35 -18.93 1.86
N ARG A 56 26.94 -17.88 2.42
CA ARG A 56 26.21 -16.97 3.29
C ARG A 56 25.02 -16.34 2.55
N ILE A 57 25.27 -15.79 1.36
CA ILE A 57 24.18 -15.21 0.56
C ILE A 57 23.12 -16.26 0.27
N GLU A 58 23.53 -17.45 -0.14
CA GLU A 58 22.55 -18.48 -0.46
C GLU A 58 21.70 -18.82 0.77
N ALA A 59 22.33 -18.87 1.95
CA ALA A 59 21.59 -19.22 3.17
C ALA A 59 20.59 -18.13 3.53
N PHE A 60 20.96 -16.86 3.37
CA PHE A 60 20.00 -15.79 3.60
C PHE A 60 18.84 -15.88 2.62
N LEU A 61 19.15 -15.96 1.31
CA LEU A 61 18.07 -15.88 0.33
C LEU A 61 17.15 -17.10 0.41
N SER A 62 17.73 -18.30 0.58
CA SER A 62 16.86 -19.46 0.67
C SER A 62 16.12 -19.49 2.00
N GLY A 63 16.74 -18.93 3.05
CA GLY A 63 16.11 -18.95 4.35
C GLY A 63 14.86 -18.10 4.42
N TYR A 64 14.79 -17.03 3.64
CA TYR A 64 13.62 -16.17 3.70
C TYR A 64 12.56 -16.55 2.67
N GLY A 65 12.76 -17.63 1.93
CA GLY A 65 11.66 -18.29 1.26
C GLY A 65 10.95 -17.41 0.26
N ASP A 66 9.64 -17.26 0.43
CA ASP A 66 8.80 -16.54 -0.52
C ASP A 66 8.45 -15.12 -0.05
N ARG A 67 9.11 -14.63 1.00
CA ARG A 67 8.95 -13.22 1.39
C ARG A 67 9.31 -12.32 0.19
N PRO A 68 8.72 -11.13 0.13
CA PRO A 68 9.14 -10.14 -0.89
C PRO A 68 10.52 -9.55 -0.55
N ALA A 69 11.45 -9.62 -1.51
CA ALA A 69 12.80 -9.12 -1.26
C ALA A 69 13.07 -7.76 -1.87
N LEU A 70 12.61 -7.54 -3.11
CA LEU A 70 12.94 -6.36 -3.89
C LEU A 70 11.68 -5.91 -4.60
N ALA A 71 11.53 -4.60 -4.77
CA ALA A 71 10.36 -4.05 -5.44
C ALA A 71 10.81 -2.99 -6.41
N GLN A 72 10.24 -3.03 -7.61
CA GLN A 72 10.47 -2.02 -8.64
C GLN A 72 9.13 -1.51 -9.14
N ARG A 73 9.11 -0.24 -9.54
CA ARG A 73 7.86 0.34 -10.05
C ARG A 73 7.41 -0.43 -11.28
N ALA A 74 6.12 -0.73 -11.33
CA ALA A 74 5.56 -1.35 -12.50
C ALA A 74 5.43 -0.33 -13.64
N PHE A 75 5.35 -0.83 -14.87
CA PHE A 75 5.17 0.04 -16.02
C PHE A 75 4.28 -0.65 -17.03
N GLU A 76 3.70 0.15 -17.92
CA GLU A 76 2.90 -0.34 -19.03
C GLU A 76 3.52 0.16 -20.33
N ILE A 77 3.28 -0.57 -21.40
CA ILE A 77 3.72 -0.18 -22.73
C ILE A 77 2.50 0.29 -23.49
N THR A 78 2.59 1.50 -24.04
CA THR A 78 1.52 2.10 -24.82
C THR A 78 2.06 2.48 -26.19
N LYS A 79 1.21 2.44 -27.20
CA LYS A 79 1.58 2.94 -28.52
C LYS A 79 1.23 4.42 -28.59
N ASP A 80 2.20 5.25 -28.97
CA ASP A 80 1.89 6.65 -29.19
C ASP A 80 0.85 6.77 -30.30
N PRO A 81 -0.27 7.46 -30.08
CA PRO A 81 -1.30 7.55 -31.12
C PRO A 81 -0.86 8.28 -32.39
N ILE A 82 0.19 9.08 -32.34
CA ILE A 82 0.65 9.78 -33.54
C ILE A 82 1.67 8.95 -34.32
N THR A 83 2.73 8.50 -33.65
CA THR A 83 3.86 7.83 -34.30
C THR A 83 3.82 6.32 -34.21
N GLY A 84 3.00 5.74 -33.35
CA GLY A 84 3.04 4.31 -33.19
C GLY A 84 4.19 3.80 -32.35
N ARG A 85 5.00 4.69 -31.78
CA ARG A 85 6.14 4.30 -30.97
C ARG A 85 5.67 3.61 -29.69
N ALA A 86 6.29 2.48 -29.35
CA ALA A 86 5.94 1.71 -28.15
C ALA A 86 6.70 2.30 -26.97
N VAL A 87 5.97 2.95 -26.06
CA VAL A 87 6.56 3.75 -24.99
C VAL A 87 6.21 3.13 -23.65
N ALA A 88 7.16 3.17 -22.72
CA ALA A 88 6.91 2.73 -21.34
C ALA A 88 6.47 3.91 -20.50
N THR A 89 5.46 3.68 -19.66
CA THR A 89 4.93 4.66 -18.73
C THR A 89 4.80 4.00 -17.37
N LEU A 90 5.27 4.67 -16.32
CA LEU A 90 5.21 4.07 -14.99
C LEU A 90 3.76 3.98 -14.52
N LEU A 91 3.47 2.94 -13.81
CA LEU A 91 2.19 2.73 -13.16
C LEU A 91 2.30 3.05 -11.69
N PRO A 92 1.19 3.33 -11.03
CA PRO A 92 1.20 3.83 -9.66
C PRO A 92 1.28 2.70 -8.63
N LYS A 93 2.22 1.78 -8.83
CA LYS A 93 2.37 0.66 -7.93
C LYS A 93 3.75 0.05 -8.09
N PHE A 94 4.16 -0.70 -7.07
CA PHE A 94 5.37 -1.51 -7.14
C PHE A 94 5.00 -2.98 -7.35
N GLU A 95 5.87 -3.71 -8.04
CA GLU A 95 5.75 -5.16 -8.09
C GLU A 95 6.98 -5.80 -7.44
N THR A 96 6.75 -6.83 -6.64
CA THR A 96 7.83 -7.39 -5.84
C THR A 96 8.42 -8.65 -6.47
N VAL A 97 9.68 -8.90 -6.13
CA VAL A 97 10.40 -10.11 -6.46
C VAL A 97 10.73 -10.79 -5.14
N SER A 98 10.42 -12.07 -5.03
CA SER A 98 10.63 -12.77 -3.77
C SER A 98 12.09 -13.15 -3.58
N TYR A 99 12.43 -13.52 -2.35
CA TYR A 99 13.77 -14.05 -2.10
C TYR A 99 14.03 -15.27 -2.96
N ARG A 100 13.04 -16.16 -3.10
CA ARG A 100 13.24 -17.35 -3.94
C ARG A 100 13.53 -16.97 -5.39
N GLU A 101 12.73 -16.06 -5.94
CA GLU A 101 12.91 -15.64 -7.33
C GLU A 101 14.25 -14.96 -7.53
N LEU A 102 14.67 -14.12 -6.58
CA LEU A 102 15.97 -13.46 -6.70
C LEU A 102 17.10 -14.48 -6.72
N LEU A 103 17.04 -15.46 -5.85
CA LEU A 103 18.07 -16.48 -5.84
C LEU A 103 18.07 -17.28 -7.14
N GLU A 104 16.88 -17.63 -7.63
CA GLU A 104 16.78 -18.37 -8.88
C GLU A 104 17.33 -17.57 -10.06
N ARG A 105 17.00 -16.27 -10.11
CA ARG A 105 17.52 -15.43 -11.20
C ARG A 105 19.03 -15.33 -11.13
N SER A 106 19.60 -15.18 -9.93
CA SER A 106 21.05 -15.02 -9.82
C SER A 106 21.78 -16.32 -10.18
N HIS A 107 21.22 -17.47 -9.76
CA HIS A 107 21.77 -18.76 -10.18
C HIS A 107 21.67 -18.96 -11.69
N ALA A 108 20.57 -18.51 -12.30
CA ALA A 108 20.46 -18.59 -13.77
C ALA A 108 21.57 -17.81 -14.46
N ILE A 109 21.87 -16.59 -13.99
CA ILE A 109 22.94 -15.80 -14.59
C ILE A 109 24.28 -16.50 -14.40
N ALA A 110 24.54 -16.99 -13.17
CA ALA A 110 25.79 -17.69 -12.92
C ALA A 110 25.95 -18.88 -13.85
N SER A 111 24.90 -19.68 -14.00
CA SER A 111 24.99 -20.88 -14.83
C SER A 111 25.27 -20.53 -16.28
N GLU A 112 24.56 -19.54 -16.81
CA GLU A 112 24.76 -19.16 -18.20
C GLU A 112 26.16 -18.62 -18.43
N LEU A 113 26.64 -17.75 -17.54
CA LEU A 113 27.98 -17.20 -17.69
C LEU A 113 29.04 -18.29 -17.62
N ALA A 114 28.87 -19.26 -16.72
CA ALA A 114 29.92 -20.25 -16.53
C ALA A 114 29.97 -21.26 -17.67
N ASN A 115 28.84 -21.50 -18.34
CA ASN A 115 28.73 -22.56 -19.33
C ASN A 115 28.57 -22.03 -20.75
N HIS A 116 28.80 -20.75 -20.97
CA HIS A 116 28.68 -20.20 -22.32
C HIS A 116 29.60 -20.94 -23.27
N ALA A 117 29.10 -21.26 -24.46
CA ALA A 117 29.83 -22.17 -25.35
C ALA A 117 31.08 -21.52 -25.94
N GLU A 118 31.07 -20.20 -26.14
CA GLU A 118 32.17 -19.52 -26.81
C GLU A 118 32.98 -18.61 -25.89
N ALA A 119 32.35 -17.95 -24.91
CA ALA A 119 33.05 -17.03 -24.02
C ALA A 119 32.64 -17.28 -22.58
N PRO A 120 32.91 -18.47 -22.05
CA PRO A 120 32.63 -18.73 -20.65
C PRO A 120 33.52 -17.86 -19.77
N VAL A 121 33.05 -17.61 -18.55
CA VAL A 121 33.86 -16.92 -17.54
C VAL A 121 34.17 -17.91 -16.43
N LYS A 122 35.29 -17.66 -15.75
CA LYS A 122 35.68 -18.53 -14.65
C LYS A 122 36.06 -17.69 -13.43
N ALA A 123 36.14 -18.36 -12.29
CA ALA A 123 36.42 -17.68 -11.03
C ALA A 123 37.68 -16.84 -11.14
N GLY A 124 37.66 -15.67 -10.50
CA GLY A 124 38.79 -14.77 -10.50
C GLY A 124 38.84 -13.77 -11.62
N GLU A 125 38.06 -13.95 -12.67
CA GLU A 125 37.95 -12.92 -13.71
C GLU A 125 37.16 -11.73 -13.18
N PHE A 126 37.23 -10.62 -13.89
CA PHE A 126 36.60 -9.37 -13.47
C PHE A 126 35.38 -9.08 -14.34
N ILE A 127 34.38 -8.46 -13.72
CA ILE A 127 33.22 -7.97 -14.42
C ILE A 127 33.06 -6.51 -14.01
N ALA A 128 32.93 -5.63 -15.01
CA ALA A 128 32.72 -4.21 -14.77
C ALA A 128 31.30 -3.88 -15.22
N THR A 129 30.63 -3.00 -14.49
CA THR A 129 29.22 -2.74 -14.75
C THR A 129 28.93 -1.25 -14.59
N ILE A 130 28.03 -0.72 -15.42
CA ILE A 130 27.56 0.67 -15.31
C ILE A 130 26.05 0.60 -15.17
N GLY A 131 25.53 0.97 -14.00
CA GLY A 131 24.11 1.04 -13.86
C GLY A 131 23.74 1.89 -12.68
N PHE A 132 22.47 1.80 -12.29
CA PHE A 132 21.97 2.59 -11.16
C PHE A 132 21.86 1.67 -9.95
N THR A 133 20.65 1.24 -9.63
CA THR A 133 20.40 0.18 -8.67
C THR A 133 19.02 -0.36 -9.03
N SER A 134 18.90 -1.67 -9.11
CA SER A 134 17.69 -2.28 -9.67
C SER A 134 17.70 -3.76 -9.35
N THR A 135 16.56 -4.40 -9.61
CA THR A 135 16.49 -5.85 -9.43
C THR A 135 17.53 -6.56 -10.29
N ASP A 136 17.64 -6.15 -11.56
CA ASP A 136 18.62 -6.76 -12.46
C ASP A 136 20.03 -6.57 -11.96
N TYR A 137 20.36 -5.34 -11.53
CA TYR A 137 21.72 -5.08 -11.09
C TYR A 137 22.04 -5.92 -9.86
N THR A 138 21.07 -6.01 -8.94
CA THR A 138 21.26 -6.83 -7.75
C THR A 138 21.49 -8.30 -8.12
N SER A 139 20.70 -8.83 -9.06
CA SER A 139 20.87 -10.22 -9.47
C SER A 139 22.25 -10.46 -10.08
N LEU A 140 22.74 -9.50 -10.86
CA LEU A 140 24.06 -9.62 -11.47
C LEU A 140 25.16 -9.51 -10.42
N ASP A 141 24.98 -8.66 -9.41
CA ASP A 141 25.95 -8.59 -8.32
C ASP A 141 26.05 -9.93 -7.61
N ILE A 142 24.90 -10.50 -7.25
CA ILE A 142 24.90 -11.78 -6.54
C ILE A 142 25.54 -12.86 -7.41
N ALA A 143 25.15 -12.91 -8.69
CA ALA A 143 25.72 -13.91 -9.60
C ALA A 143 27.24 -13.80 -9.65
N GLY A 144 27.76 -12.58 -9.60
CA GLY A 144 29.21 -12.42 -9.58
C GLY A 144 29.82 -13.10 -8.37
N VAL A 145 29.16 -13.00 -7.21
CA VAL A 145 29.66 -13.68 -6.03
C VAL A 145 29.56 -15.19 -6.20
N LEU A 146 28.43 -15.69 -6.70
CA LEU A 146 28.29 -17.12 -6.89
C LEU A 146 29.38 -17.69 -7.80
N LEU A 147 29.80 -16.93 -8.80
CA LEU A 147 30.86 -17.38 -9.71
C LEU A 147 32.27 -17.14 -9.18
N GLY A 148 32.44 -16.30 -8.15
CA GLY A 148 33.78 -15.93 -7.72
C GLY A 148 34.45 -14.90 -8.60
N LEU A 149 33.66 -14.08 -9.28
CA LEU A 149 34.20 -12.98 -10.05
C LEU A 149 34.57 -11.84 -9.11
N THR A 150 35.42 -10.95 -9.60
CA THR A 150 35.65 -9.66 -8.94
C THR A 150 34.78 -8.62 -9.64
N SER A 151 33.87 -8.00 -8.89
CA SER A 151 32.96 -6.99 -9.45
C SER A 151 33.57 -5.60 -9.39
N VAL A 152 33.39 -4.81 -10.46
CA VAL A 152 33.88 -3.43 -10.50
C VAL A 152 32.74 -2.50 -10.92
N PRO A 153 31.93 -2.02 -9.98
CA PRO A 153 30.84 -1.10 -10.38
C PRO A 153 31.39 0.29 -10.69
N LEU A 154 31.03 0.82 -11.84
CA LEU A 154 31.54 2.07 -12.37
C LEU A 154 30.54 3.21 -12.17
N GLN A 155 31.05 4.42 -11.98
CA GLN A 155 30.20 5.59 -11.83
C GLN A 155 29.43 5.87 -13.12
N THR A 156 28.11 6.10 -13.01
CA THR A 156 27.32 6.39 -14.20
C THR A 156 27.63 7.75 -14.81
N GLY A 157 28.19 8.67 -14.05
CA GLY A 157 28.53 9.98 -14.55
C GLY A 157 29.96 10.14 -15.00
N ALA A 158 30.78 9.08 -14.90
CA ALA A 158 32.18 9.14 -15.33
C ALA A 158 32.28 9.35 -16.83
N THR A 159 33.31 10.10 -17.24
CA THR A 159 33.67 10.26 -18.65
C THR A 159 34.20 8.95 -19.21
N THR A 160 34.18 8.82 -20.55
CA THR A 160 34.74 7.60 -21.12
C THR A 160 36.23 7.50 -20.88
N ASP A 161 36.94 8.64 -20.74
CA ASP A 161 38.34 8.59 -20.37
C ASP A 161 38.53 7.82 -19.06
N THR A 162 37.70 8.16 -18.05
CA THR A 162 37.81 7.49 -16.75
C THR A 162 37.40 6.02 -16.84
N LEU A 163 36.30 5.74 -17.55
CA LEU A 163 35.86 4.37 -17.73
C LEU A 163 36.95 3.53 -18.38
N LYS A 164 37.58 4.05 -19.44
CA LYS A 164 38.61 3.28 -20.12
C LYS A 164 39.81 3.04 -19.21
N ALA A 165 40.14 4.02 -18.38
CA ALA A 165 41.31 3.87 -17.51
C ALA A 165 41.07 2.78 -16.46
N ILE A 166 39.87 2.74 -15.89
CA ILE A 166 39.57 1.70 -14.90
C ILE A 166 39.48 0.34 -15.59
N ALA A 167 38.88 0.30 -16.77
CA ALA A 167 38.81 -0.96 -17.51
C ALA A 167 40.19 -1.46 -17.90
N GLU A 168 41.12 -0.55 -18.22
CA GLU A 168 42.49 -0.99 -18.49
C GLU A 168 43.14 -1.58 -17.24
N GLU A 169 42.92 -0.97 -16.07
CA GLU A 169 43.54 -1.46 -14.84
C GLU A 169 43.00 -2.83 -14.45
N THR A 170 41.71 -3.07 -14.68
CA THR A 170 41.03 -4.27 -14.18
C THR A 170 40.84 -5.36 -15.25
N ALA A 171 40.95 -5.00 -16.53
CA ALA A 171 40.85 -5.95 -17.64
C ALA A 171 39.65 -6.91 -17.51
N PRO A 172 38.44 -6.38 -17.43
CA PRO A 172 37.28 -7.25 -17.26
C PRO A 172 37.06 -8.15 -18.47
N ALA A 173 36.58 -9.36 -18.20
CA ALA A 173 36.15 -10.28 -19.23
C ALA A 173 34.71 -10.04 -19.66
N VAL A 174 33.90 -9.50 -18.75
CA VAL A 174 32.49 -9.23 -19.00
C VAL A 174 32.25 -7.78 -18.62
N PHE A 175 31.44 -7.10 -19.42
CA PHE A 175 30.98 -5.75 -19.17
C PHE A 175 29.46 -5.78 -19.13
N GLY A 176 28.89 -5.15 -18.12
CA GLY A 176 27.44 -5.07 -17.98
C GLY A 176 27.03 -3.62 -17.93
N ALA A 177 25.90 -3.30 -18.55
CA ALA A 177 25.41 -1.92 -18.52
C ALA A 177 23.90 -1.89 -18.61
N SER A 178 23.30 -0.95 -17.87
CA SER A 178 21.90 -0.69 -18.09
C SER A 178 21.72 -0.05 -19.46
N VAL A 179 20.52 -0.21 -20.02
CA VAL A 179 20.26 0.35 -21.36
C VAL A 179 20.69 1.81 -21.41
N GLU A 180 20.37 2.57 -20.36
CA GLU A 180 20.64 4.00 -20.32
C GLU A 180 22.10 4.33 -20.59
N HIS A 181 23.02 3.45 -20.17
CA HIS A 181 24.45 3.72 -20.26
C HIS A 181 25.14 2.87 -21.32
N LEU A 182 24.38 2.29 -22.23
CA LEU A 182 24.93 1.29 -23.13
C LEU A 182 25.91 1.91 -24.14
N ASP A 183 25.71 3.16 -24.53
CA ASP A 183 26.66 3.75 -25.48
C ASP A 183 28.05 3.92 -24.86
N ASN A 184 28.12 4.43 -23.62
CA ASN A 184 29.41 4.49 -22.94
C ASN A 184 30.02 3.10 -22.76
N ALA A 185 29.19 2.11 -22.47
CA ALA A 185 29.68 0.75 -22.32
C ALA A 185 30.30 0.24 -23.61
N VAL A 186 29.66 0.52 -24.75
CA VAL A 186 30.22 0.08 -26.03
C VAL A 186 31.56 0.75 -26.29
N THR A 187 31.62 2.07 -26.07
CA THR A 187 32.87 2.80 -26.24
C THR A 187 33.98 2.22 -25.37
N THR A 188 33.66 1.90 -24.12
CA THR A 188 34.67 1.31 -23.24
C THR A 188 35.06 -0.09 -23.71
N ALA A 189 34.07 -0.91 -24.08
CA ALA A 189 34.39 -2.28 -24.49
C ALA A 189 35.28 -2.30 -25.73
N LEU A 190 35.03 -1.37 -26.68
CA LEU A 190 35.82 -1.34 -27.91
C LEU A 190 37.29 -1.03 -27.64
N ALA A 191 37.58 -0.31 -26.58
CA ALA A 191 38.95 0.03 -26.27
C ALA A 191 39.56 -0.89 -25.22
N THR A 192 38.85 -1.94 -24.81
CA THR A 192 39.29 -2.85 -23.75
C THR A 192 39.32 -4.27 -24.31
N PRO A 193 40.49 -4.72 -24.80
CA PRO A 193 40.54 -6.01 -25.52
C PRO A 193 40.12 -7.21 -24.68
N SER A 194 40.20 -7.11 -23.35
CA SER A 194 39.81 -8.24 -22.51
C SER A 194 38.31 -8.53 -22.56
N VAL A 195 37.49 -7.57 -22.99
CA VAL A 195 36.04 -7.76 -22.89
C VAL A 195 35.58 -8.76 -23.95
N ARG A 196 34.91 -9.81 -23.49
CA ARG A 196 34.38 -10.83 -24.38
C ARG A 196 32.86 -10.78 -24.53
N ARG A 197 32.15 -10.22 -23.55
CA ARG A 197 30.69 -10.22 -23.53
C ARG A 197 30.22 -8.90 -22.94
N LEU A 198 29.14 -8.38 -23.50
CA LEU A 198 28.47 -7.19 -23.00
C LEU A 198 27.05 -7.59 -22.64
N LEU A 199 26.70 -7.48 -21.35
CA LEU A 199 25.36 -7.82 -20.88
C LEU A 199 24.57 -6.53 -20.68
N VAL A 200 23.37 -6.48 -21.22
CA VAL A 200 22.53 -5.28 -21.14
C VAL A 200 21.41 -5.57 -20.15
N PHE A 201 21.34 -4.80 -19.06
CA PHE A 201 20.30 -5.07 -18.09
C PHE A 201 19.35 -3.87 -17.95
N ASP A 202 18.34 -4.05 -17.11
CA ASP A 202 17.18 -3.17 -17.07
C ASP A 202 16.53 -3.06 -18.46
N TYR A 203 16.63 -4.12 -19.26
CA TYR A 203 16.07 -4.13 -20.59
C TYR A 203 14.57 -4.46 -20.52
N ARG A 204 13.75 -3.62 -21.12
CA ARG A 204 12.29 -3.79 -21.08
C ARG A 204 11.81 -4.28 -22.44
N GLN A 205 11.48 -5.57 -22.52
CA GLN A 205 11.02 -6.16 -23.78
C GLN A 205 9.81 -5.41 -24.31
N GLY A 206 9.81 -5.14 -25.61
CA GLY A 206 8.71 -4.43 -26.22
C GLY A 206 8.79 -2.92 -26.19
N VAL A 207 9.76 -2.33 -25.50
CA VAL A 207 9.88 -0.87 -25.46
C VAL A 207 10.83 -0.42 -26.56
N ASP A 208 10.34 0.46 -27.44
CA ASP A 208 11.13 0.85 -28.63
C ASP A 208 12.49 1.43 -28.26
N GLU A 209 12.55 2.30 -27.25
CA GLU A 209 13.84 2.92 -26.98
C GLU A 209 14.86 1.91 -26.47
N ASP A 210 14.43 0.89 -25.73
CA ASP A 210 15.37 -0.16 -25.31
C ASP A 210 15.82 -1.01 -26.50
N ARG A 211 14.87 -1.42 -27.34
CA ARG A 211 15.24 -2.24 -28.49
C ARG A 211 16.18 -1.50 -29.42
N GLU A 212 15.93 -0.21 -29.65
CA GLU A 212 16.79 0.58 -30.53
C GLU A 212 18.18 0.74 -29.92
N ALA A 213 18.27 0.89 -28.60
CA ALA A 213 19.60 1.03 -28.00
C ALA A 213 20.43 -0.25 -28.17
N VAL A 214 19.80 -1.42 -28.03
CA VAL A 214 20.56 -2.65 -28.17
C VAL A 214 20.94 -2.90 -29.63
N GLU A 215 20.02 -2.63 -30.56
CA GLU A 215 20.35 -2.76 -31.98
C GLU A 215 21.51 -1.84 -32.38
N ALA A 216 21.51 -0.61 -31.87
CA ALA A 216 22.60 0.31 -32.19
C ALA A 216 23.92 -0.19 -31.62
N ALA A 217 23.89 -0.77 -30.41
CA ALA A 217 25.11 -1.27 -29.81
C ALA A 217 25.69 -2.40 -30.65
N ARG A 218 24.84 -3.34 -31.07
CA ARG A 218 25.29 -4.41 -31.95
C ARG A 218 25.88 -3.85 -33.23
N SER A 219 25.21 -2.85 -33.82
CA SER A 219 25.70 -2.28 -35.07
C SER A 219 27.05 -1.61 -34.89
N ARG A 220 27.22 -0.82 -33.83
CA ARG A 220 28.54 -0.20 -33.61
C ARG A 220 29.62 -1.25 -33.47
N LEU A 221 29.35 -2.32 -32.72
CA LEU A 221 30.37 -3.36 -32.54
C LEU A 221 30.69 -4.03 -33.86
N ALA A 222 29.66 -4.33 -34.67
CA ALA A 222 29.89 -4.96 -35.96
C ALA A 222 30.72 -4.07 -36.86
N GLU A 223 30.39 -2.78 -36.91
CA GLU A 223 31.13 -1.85 -37.75
C GLU A 223 32.61 -1.79 -37.38
N ALA A 224 32.93 -1.92 -36.09
CA ALA A 224 34.31 -1.91 -35.64
C ALA A 224 35.00 -3.27 -35.80
N GLY A 225 34.30 -4.28 -36.28
CA GLY A 225 34.91 -5.58 -36.37
C GLY A 225 35.12 -6.24 -35.02
N SER A 226 34.35 -5.86 -34.02
CA SER A 226 34.47 -6.43 -32.68
C SER A 226 33.85 -7.82 -32.61
N ALA A 227 34.51 -8.71 -31.87
CA ALA A 227 33.99 -10.04 -31.57
C ALA A 227 33.14 -10.08 -30.32
N VAL A 228 32.98 -8.95 -29.63
CA VAL A 228 32.19 -8.89 -28.40
C VAL A 228 30.75 -9.33 -28.67
N LEU A 229 30.23 -10.21 -27.82
CA LEU A 229 28.85 -10.68 -27.88
C LEU A 229 27.95 -9.81 -27.02
N VAL A 230 26.76 -9.50 -27.51
CA VAL A 230 25.79 -8.67 -26.79
C VAL A 230 24.57 -9.52 -26.47
N ASP A 231 24.20 -9.58 -25.19
CA ASP A 231 22.97 -10.24 -24.79
C ASP A 231 22.27 -9.40 -23.74
N THR A 232 20.94 -9.42 -23.76
CA THR A 232 20.19 -8.82 -22.65
C THR A 232 20.23 -9.75 -21.46
N LEU A 233 20.09 -9.17 -20.27
CA LEU A 233 20.07 -10.04 -19.10
C LEU A 233 18.79 -10.86 -19.06
N ASP A 234 17.70 -10.35 -19.65
CA ASP A 234 16.49 -11.15 -19.82
C ASP A 234 16.81 -12.49 -20.52
N GLU A 235 17.58 -12.42 -21.63
CA GLU A 235 17.97 -13.62 -22.36
C GLU A 235 18.92 -14.49 -21.55
N VAL A 236 19.88 -13.89 -20.87
CA VAL A 236 20.83 -14.67 -20.07
C VAL A 236 20.06 -15.49 -19.03
N ILE A 237 19.12 -14.85 -18.33
CA ILE A 237 18.32 -15.54 -17.32
C ILE A 237 17.47 -16.64 -17.95
N ALA A 238 16.82 -16.36 -19.08
CA ALA A 238 15.99 -17.39 -19.71
C ALA A 238 16.82 -18.61 -20.09
N ARG A 239 18.01 -18.41 -20.64
CA ARG A 239 18.85 -19.55 -20.97
C ARG A 239 19.34 -20.26 -19.72
N GLY A 240 19.69 -19.49 -18.69
CA GLY A 240 20.28 -20.07 -17.50
C GLY A 240 19.30 -20.86 -16.66
N ARG A 241 18.00 -20.56 -16.77
CA ARG A 241 17.01 -21.27 -15.96
C ARG A 241 17.02 -22.77 -16.25
N ALA A 242 17.37 -23.16 -17.47
CA ALA A 242 17.33 -24.56 -17.87
C ALA A 242 18.65 -25.27 -17.64
N LEU A 243 19.62 -24.61 -17.01
CA LEU A 243 20.95 -25.17 -16.80
C LEU A 243 21.13 -25.53 -15.33
N PRO A 244 22.00 -26.50 -15.03
CA PRO A 244 22.25 -26.84 -13.62
C PRO A 244 22.91 -25.68 -12.89
N ARG A 245 22.60 -25.56 -11.60
CA ARG A 245 23.21 -24.53 -10.77
C ARG A 245 24.70 -24.80 -10.62
N VAL A 246 25.49 -23.72 -10.58
CA VAL A 246 26.91 -23.86 -10.28
C VAL A 246 27.07 -24.26 -8.82
N ALA A 247 28.15 -24.96 -8.53
CA ALA A 247 28.41 -25.43 -7.17
C ALA A 247 29.08 -24.34 -6.34
N LEU A 248 28.65 -24.22 -5.09
CA LEU A 248 29.22 -23.24 -4.16
C LEU A 248 30.08 -23.90 -3.07
N PRO A 249 31.15 -23.23 -2.63
CA PRO A 249 31.64 -21.92 -3.07
C PRO A 249 32.46 -22.03 -4.33
N PRO A 250 32.68 -20.90 -5.02
CA PRO A 250 33.52 -20.95 -6.23
C PRO A 250 34.98 -21.23 -5.88
N ALA A 251 35.69 -21.79 -6.85
CA ALA A 251 37.09 -22.20 -6.67
C ALA A 251 38.00 -21.00 -6.95
N THR A 252 38.07 -20.10 -5.97
CA THR A 252 38.93 -18.94 -6.07
C THR A 252 40.28 -19.27 -5.45
N ASP A 253 41.19 -18.30 -5.46
CA ASP A 253 42.56 -18.61 -5.09
C ASP A 253 42.88 -18.35 -3.62
N ALA A 254 41.94 -17.81 -2.83
CA ALA A 254 42.33 -17.40 -1.49
C ALA A 254 41.22 -17.49 -0.43
N GLY A 255 40.19 -18.29 -0.64
CA GLY A 255 39.18 -18.44 0.42
C GLY A 255 38.53 -17.11 0.78
N ASP A 256 38.38 -16.86 2.08
CA ASP A 256 37.78 -15.62 2.58
C ASP A 256 38.57 -14.38 2.14
N ASP A 257 39.81 -14.54 1.69
CA ASP A 257 40.62 -13.40 1.29
C ASP A 257 40.58 -13.16 -0.22
N SER A 258 39.79 -13.94 -0.96
CA SER A 258 39.67 -13.70 -2.40
C SER A 258 39.07 -12.32 -2.66
N LEU A 259 39.54 -11.67 -3.73
CA LEU A 259 39.05 -10.35 -4.08
C LEU A 259 37.65 -10.45 -4.68
N SER A 260 36.66 -9.84 -4.03
CA SER A 260 35.27 -9.95 -4.46
C SER A 260 34.77 -8.68 -5.15
N LEU A 261 35.32 -7.53 -4.79
CA LEU A 261 34.75 -6.26 -5.19
C LEU A 261 35.83 -5.21 -5.16
N LEU A 262 35.82 -4.30 -6.15
CA LEU A 262 36.64 -3.09 -6.08
C LEU A 262 35.70 -1.90 -6.09
N ILE A 263 35.85 -1.01 -5.12
CA ILE A 263 35.04 0.20 -5.04
C ILE A 263 35.92 1.39 -5.43
N TYR A 264 35.70 1.91 -6.63
CA TYR A 264 36.50 3.02 -7.12
C TYR A 264 35.95 4.33 -6.60
N THR A 265 36.85 5.19 -6.15
CA THR A 265 36.53 6.35 -5.34
C THR A 265 37.60 7.40 -5.59
N SER A 266 37.20 8.67 -5.56
CA SER A 266 38.13 9.76 -5.83
C SER A 266 37.76 10.61 -7.04
N THR A 271 43.78 9.05 -12.00
CA THR A 271 42.73 8.03 -12.05
C THR A 271 42.18 7.75 -10.65
N PRO A 272 40.87 7.50 -10.56
CA PRO A 272 40.32 7.02 -9.30
C PRO A 272 41.05 5.76 -8.86
N LYS A 273 41.05 5.52 -7.56
CA LYS A 273 41.73 4.38 -6.98
C LYS A 273 40.69 3.36 -6.53
N GLY A 274 41.02 2.08 -6.68
CA GLY A 274 40.05 1.04 -6.37
C GLY A 274 40.25 0.42 -5.01
N ALA A 275 39.34 0.67 -4.06
CA ALA A 275 39.46 0.06 -2.75
C ALA A 275 39.17 -1.43 -2.82
N MET A 276 40.10 -2.26 -2.35
CA MET A 276 39.94 -3.70 -2.41
C MET A 276 38.99 -4.20 -1.32
N TYR A 277 38.00 -4.99 -1.72
CA TYR A 277 37.04 -5.62 -0.82
C TYR A 277 37.12 -7.14 -0.96
N PRO A 278 37.90 -7.81 -0.12
CA PRO A 278 37.90 -9.28 -0.11
C PRO A 278 36.55 -9.82 0.33
N GLU A 279 36.34 -11.12 0.07
CA GLU A 279 35.07 -11.75 0.45
C GLU A 279 34.70 -11.47 1.90
N ARG A 280 35.66 -11.54 2.80
CA ARG A 280 35.35 -11.34 4.22
C ARG A 280 34.83 -9.94 4.49
N ASN A 281 35.25 -8.95 3.72
CA ASN A 281 34.71 -7.62 3.97
C ASN A 281 33.40 -7.37 3.25
N VAL A 282 33.19 -8.01 2.09
CA VAL A 282 31.87 -7.99 1.48
C VAL A 282 30.86 -8.67 2.40
N ALA A 283 31.29 -9.73 3.10
CA ALA A 283 30.36 -10.44 3.97
C ALA A 283 29.80 -9.55 5.07
N GLN A 284 30.55 -8.50 5.47
CA GLN A 284 30.04 -7.60 6.51
C GLN A 284 28.76 -6.88 6.09
N PHE A 285 28.56 -6.67 4.78
CA PHE A 285 27.29 -6.08 4.33
C PHE A 285 26.13 -7.03 4.55
N TRP A 286 26.40 -8.33 4.55
CA TRP A 286 25.36 -9.35 4.61
C TRP A 286 25.18 -9.82 6.05
N GLY A 287 24.50 -8.97 6.83
CA GLY A 287 24.26 -9.30 8.22
C GLY A 287 25.45 -9.16 9.13
N GLY A 288 26.49 -8.46 8.70
CA GLY A 288 27.67 -8.20 9.50
C GLY A 288 27.61 -6.84 10.16
N ILE A 289 28.78 -6.27 10.41
CA ILE A 289 28.88 -5.10 11.28
C ILE A 289 28.29 -3.84 10.68
N TRP A 290 28.02 -3.81 9.36
CA TRP A 290 27.39 -2.63 8.80
C TRP A 290 25.99 -2.37 9.34
N HIS A 291 25.35 -3.37 9.97
CA HIS A 291 24.03 -3.07 10.52
C HIS A 291 24.11 -2.17 11.76
N ASN A 292 25.31 -1.77 12.17
CA ASN A 292 25.51 -0.80 13.26
C ASN A 292 25.96 0.56 12.75
N ALA A 293 25.99 0.77 11.43
CA ALA A 293 26.43 2.05 10.91
C ALA A 293 25.44 3.16 11.25
N PHE A 294 24.14 2.88 11.15
CA PHE A 294 23.12 3.94 11.23
C PHE A 294 22.00 3.59 12.18
N ASP A 295 22.20 2.57 13.01
CA ASP A 295 21.17 2.09 13.91
C ASP A 295 21.84 1.20 14.94
N ASP A 296 21.04 0.70 15.87
CA ASP A 296 21.49 -0.32 16.82
C ASP A 296 21.00 -1.67 16.29
N GLY A 297 21.67 -2.16 15.24
CA GLY A 297 21.36 -3.48 14.73
C GLY A 297 21.69 -4.61 15.68
N ASP A 298 22.50 -4.33 16.72
CA ASP A 298 22.98 -5.38 17.63
C ASP A 298 21.92 -5.78 18.65
N SER A 299 21.31 -4.79 19.30
CA SER A 299 20.39 -5.03 20.40
C SER A 299 18.97 -4.67 20.01
N ALA A 300 18.01 -5.28 20.70
CA ALA A 300 16.60 -4.99 20.50
C ALA A 300 16.35 -3.50 20.70
N PRO A 301 15.29 -2.97 20.06
CA PRO A 301 14.37 -3.76 19.22
C PRO A 301 14.87 -4.10 17.79
N ASP A 302 14.33 -5.19 17.25
CA ASP A 302 14.56 -5.60 15.86
C ASP A 302 13.50 -4.94 14.98
N VAL A 303 13.91 -3.91 14.26
CA VAL A 303 12.96 -3.08 13.49
C VAL A 303 12.70 -3.76 12.15
N PRO A 304 11.44 -3.95 11.75
CA PRO A 304 11.17 -4.41 10.38
C PRO A 304 11.78 -3.44 9.37
N ASP A 305 12.49 -3.99 8.40
CA ASP A 305 13.33 -3.21 7.48
C ASP A 305 12.65 -3.13 6.12
N ILE A 306 11.76 -2.14 5.95
CA ILE A 306 11.18 -1.78 4.66
C ILE A 306 11.77 -0.43 4.27
N MET A 307 12.55 -0.40 3.20
CA MET A 307 13.39 0.74 2.89
C MET A 307 13.29 1.10 1.42
N VAL A 308 13.34 2.39 1.13
CA VAL A 308 13.52 2.87 -0.24
C VAL A 308 14.99 3.17 -0.47
N ASN A 309 15.54 2.69 -1.59
CA ASN A 309 16.94 2.89 -1.92
C ASN A 309 17.07 3.77 -3.16
N PHE A 310 17.76 4.91 -3.01
CA PHE A 310 18.00 5.84 -4.09
C PHE A 310 19.48 5.99 -4.42
N MET A 311 20.36 5.22 -3.74
CA MET A 311 21.82 5.28 -3.87
C MET A 311 22.30 4.28 -4.91
N PRO A 312 23.08 4.72 -5.89
CA PRO A 312 23.67 3.77 -6.85
C PRO A 312 24.46 2.68 -6.13
N LEU A 313 24.45 1.48 -6.71
CA LEU A 313 25.18 0.36 -6.15
C LEU A 313 26.69 0.58 -6.18
N SER A 314 27.17 1.49 -7.04
CA SER A 314 28.59 1.84 -7.10
C SER A 314 29.10 2.54 -5.83
N HIS A 315 28.21 3.01 -4.95
CA HIS A 315 28.63 3.63 -3.72
C HIS A 315 28.36 2.68 -2.55
N VAL A 316 29.23 2.72 -1.54
CA VAL A 316 29.06 1.77 -0.42
C VAL A 316 27.72 1.98 0.28
N ALA A 317 27.20 3.21 0.29
CA ALA A 317 25.93 3.44 0.97
C ALA A 317 24.77 2.76 0.26
N GLY A 318 24.85 2.60 -1.06
CA GLY A 318 23.85 1.81 -1.76
C GLY A 318 23.88 0.36 -1.31
N ARG A 319 25.08 -0.18 -1.12
CA ARG A 319 25.26 -1.56 -0.69
C ARG A 319 24.77 -1.78 0.72
N ILE A 320 25.04 -0.82 1.62
CA ILE A 320 24.66 -0.98 3.02
C ILE A 320 23.16 -1.22 3.15
N GLY A 321 22.36 -0.38 2.51
CA GLY A 321 20.92 -0.49 2.70
C GLY A 321 20.36 -1.72 2.02
N LEU A 322 20.80 -1.96 0.79
CA LEU A 322 20.31 -3.08 -0.01
C LEU A 322 20.68 -4.42 0.62
N MET A 323 21.95 -4.64 0.92
CA MET A 323 22.32 -5.92 1.54
C MET A 323 21.81 -6.02 2.97
N GLY A 324 21.61 -4.88 3.62
CA GLY A 324 21.00 -4.88 4.95
C GLY A 324 19.59 -5.45 4.96
N THR A 325 18.75 -5.03 4.01
CA THR A 325 17.39 -5.56 3.99
C THR A 325 17.38 -7.01 3.54
N LEU A 326 18.22 -7.35 2.55
CA LEU A 326 18.31 -8.74 2.11
C LEU A 326 18.78 -9.65 3.23
N SER A 327 19.64 -9.16 4.11
CA SER A 327 20.12 -10.02 5.17
C SER A 327 19.26 -9.95 6.44
N SER A 328 18.20 -9.16 6.45
CA SER A 328 17.30 -9.15 7.59
C SER A 328 15.88 -9.52 7.22
N GLY A 329 15.66 -10.07 6.03
CA GLY A 329 14.31 -10.50 5.69
C GLY A 329 13.34 -9.39 5.39
N GLY A 330 13.84 -8.17 5.15
CA GLY A 330 13.00 -7.02 4.86
C GLY A 330 12.81 -6.87 3.37
N THR A 331 12.53 -5.64 2.94
CA THR A 331 12.27 -5.39 1.52
C THR A 331 12.89 -4.06 1.09
N THR A 332 13.61 -4.05 -0.03
CA THR A 332 14.12 -2.81 -0.61
C THR A 332 13.25 -2.42 -1.81
N TYR A 333 12.73 -1.19 -1.76
CA TYR A 333 12.03 -0.57 -2.87
C TYR A 333 13.00 0.34 -3.60
N PHE A 334 13.22 0.11 -4.90
CA PHE A 334 14.13 0.94 -5.69
C PHE A 334 13.41 2.19 -6.19
N ILE A 335 14.04 3.35 -6.02
CA ILE A 335 13.51 4.55 -6.66
C ILE A 335 13.49 4.33 -8.17
N ALA A 336 12.45 4.87 -8.83
CA ALA A 336 12.23 4.52 -10.23
C ALA A 336 13.19 5.20 -11.18
N LYS A 337 13.75 6.35 -10.81
CA LYS A 337 14.62 7.11 -11.70
C LYS A 337 15.78 7.69 -10.92
N SER A 338 16.99 7.61 -11.50
CA SER A 338 18.19 8.07 -10.82
C SER A 338 18.17 9.57 -10.52
N ASP A 339 17.54 10.37 -11.38
CA ASP A 339 17.53 11.81 -11.21
C ASP A 339 16.59 12.28 -10.10
N LEU A 340 15.93 11.36 -9.40
CA LEU A 340 15.09 11.66 -8.23
C LEU A 340 13.74 12.27 -8.59
N SER A 341 13.37 12.31 -9.88
CA SER A 341 12.13 12.96 -10.26
C SER A 341 10.88 12.23 -9.76
N THR A 342 11.00 10.97 -9.33
CA THR A 342 9.89 10.21 -8.75
C THR A 342 10.02 10.03 -7.24
N PHE A 343 10.89 10.81 -6.58
CA PHE A 343 11.21 10.60 -5.17
C PHE A 343 9.96 10.52 -4.30
N PHE A 344 9.12 11.57 -4.33
CA PHE A 344 7.98 11.60 -3.40
C PHE A 344 6.92 10.58 -3.81
N GLU A 345 6.68 10.41 -5.11
CA GLU A 345 5.82 9.32 -5.56
C GLU A 345 6.25 7.98 -4.96
N ASP A 346 7.55 7.66 -5.08
CA ASP A 346 8.02 6.36 -4.65
C ASP A 346 7.91 6.18 -3.13
N TYR A 347 8.32 7.17 -2.34
CA TYR A 347 8.18 7.06 -0.89
C TYR A 347 6.72 6.97 -0.49
N SER A 348 5.84 7.68 -1.19
CA SER A 348 4.43 7.61 -0.82
C SER A 348 3.83 6.25 -1.15
N LEU A 349 4.38 5.56 -2.15
CA LEU A 349 3.87 4.23 -2.50
C LEU A 349 4.51 3.15 -1.64
N ALA A 350 5.80 3.30 -1.35
CA ALA A 350 6.52 2.28 -0.59
C ALA A 350 6.28 2.40 0.91
N ARG A 351 6.18 3.61 1.43
CA ARG A 351 5.88 3.85 2.84
C ARG A 351 6.88 3.13 3.74
N PRO A 352 8.16 3.48 3.65
CA PRO A 352 9.19 2.76 4.41
C PRO A 352 9.07 2.92 5.91
N THR A 353 9.62 1.92 6.61
CA THR A 353 9.77 1.96 8.06
C THR A 353 11.12 2.49 8.51
N LYS A 354 12.15 2.39 7.66
CA LYS A 354 13.49 2.87 7.97
C LYS A 354 13.94 3.76 6.83
N LEU A 355 14.45 4.94 7.17
CA LEU A 355 14.94 5.89 6.17
C LEU A 355 16.45 5.96 6.22
N PHE A 356 17.07 6.05 5.06
CA PHE A 356 18.45 6.50 4.96
C PHE A 356 18.47 7.71 4.05
N PHE A 357 18.86 8.85 4.59
CA PHE A 357 19.05 10.05 3.81
C PHE A 357 20.53 10.40 3.76
N VAL A 358 20.90 11.16 2.74
CA VAL A 358 22.15 11.92 2.74
C VAL A 358 21.76 13.39 2.68
N PRO A 359 22.71 14.30 2.97
CA PRO A 359 22.35 15.72 3.06
C PRO A 359 21.70 16.31 1.82
N ARG A 360 22.15 15.96 0.61
CA ARG A 360 21.53 16.59 -0.56
C ARG A 360 20.05 16.17 -0.68
N ILE A 361 19.68 14.99 -0.16
CA ILE A 361 18.28 14.61 -0.09
C ILE A 361 17.54 15.41 0.98
N CYS A 362 18.17 15.59 2.14
CA CYS A 362 17.53 16.43 3.17
C CYS A 362 17.35 17.87 2.68
N GLU A 363 18.31 18.40 1.93
CA GLU A 363 18.16 19.75 1.37
C GLU A 363 17.01 19.80 0.37
N MET A 364 16.89 18.77 -0.45
CA MET A 364 15.78 18.71 -1.41
C MET A 364 14.43 18.74 -0.68
N ILE A 365 14.31 18.00 0.42
CA ILE A 365 13.05 17.97 1.16
C ILE A 365 12.78 19.32 1.80
N TYR A 366 13.83 19.94 2.37
CA TYR A 366 13.67 21.29 2.91
C TYR A 366 13.24 22.27 1.83
N GLN A 367 13.87 22.20 0.65
CA GLN A 367 13.45 23.07 -0.46
C GLN A 367 12.01 22.82 -0.86
N HIS A 368 11.56 21.56 -0.89
CA HIS A 368 10.16 21.29 -1.16
C HIS A 368 9.27 22.02 -0.15
N TYR A 369 9.62 21.94 1.13
CA TYR A 369 8.82 22.59 2.18
C TYR A 369 8.81 24.11 2.01
N GLN A 370 9.98 24.72 1.75
CA GLN A 370 10.01 26.15 1.48
C GLN A 370 9.18 26.50 0.25
N SER A 371 9.20 25.65 -0.78
CA SER A 371 8.46 25.93 -2.02
C SER A 371 6.95 25.85 -1.81
N GLU A 372 6.49 25.00 -0.89
CA GLU A 372 5.07 25.00 -0.52
C GLU A 372 4.73 26.25 0.28
N LEU A 373 5.55 26.58 1.28
CA LEU A 373 5.35 27.79 2.07
C LEU A 373 5.16 29.01 1.17
N ASP A 374 6.00 29.15 0.14
CA ASP A 374 5.92 30.33 -0.71
C ASP A 374 4.70 30.30 -1.61
N ARG A 375 4.33 29.12 -2.10
CA ARG A 375 3.18 29.02 -2.98
C ARG A 375 1.90 29.47 -2.27
N ILE A 376 1.76 29.13 -0.99
CA ILE A 376 0.58 29.48 -0.21
C ILE A 376 0.82 30.70 0.69
N GLY A 377 2.00 31.29 0.65
CA GLY A 377 2.27 32.50 1.41
C GLY A 377 2.19 32.36 2.91
N ALA A 378 2.53 31.20 3.45
CA ALA A 378 2.53 30.98 4.90
C ALA A 378 3.94 31.17 5.44
N ALA A 379 4.03 31.37 6.76
CA ALA A 379 5.28 31.72 7.39
C ALA A 379 5.77 30.63 8.33
N ASP A 380 7.08 30.67 8.58
CA ASP A 380 7.81 29.82 9.52
C ASP A 380 7.04 28.76 10.28
N GLY A 381 6.52 29.11 11.45
CA GLY A 381 5.89 28.11 12.31
C GLY A 381 4.40 28.30 12.46
N SER A 382 3.72 28.64 11.38
CA SER A 382 2.28 28.85 11.41
C SER A 382 1.55 27.51 11.38
N PRO A 383 0.26 27.50 11.73
CA PRO A 383 -0.55 26.28 11.53
C PRO A 383 -0.42 25.72 10.13
N GLN A 384 -0.53 26.58 9.10
CA GLN A 384 -0.39 26.11 7.73
C GLN A 384 0.97 25.47 7.50
N ALA A 385 2.04 26.09 8.00
CA ALA A 385 3.37 25.52 7.87
C ALA A 385 3.46 24.15 8.52
N GLU A 386 2.89 24.02 9.73
CA GLU A 386 2.96 22.73 10.40
C GLU A 386 2.16 21.67 9.64
N ALA A 387 1.11 22.09 8.95
CA ALA A 387 0.32 21.15 8.18
C ALA A 387 1.09 20.60 6.99
N ILE A 388 2.01 21.40 6.43
CA ILE A 388 2.88 20.91 5.36
C ILE A 388 3.86 19.88 5.90
N LYS A 389 4.45 20.15 7.07
CA LYS A 389 5.31 19.15 7.70
C LYS A 389 4.56 17.85 7.96
N THR A 390 3.32 17.95 8.45
CA THR A 390 2.53 16.76 8.74
C THR A 390 2.25 15.97 7.48
N GLU A 391 1.93 16.66 6.38
CA GLU A 391 1.68 15.95 5.14
C GLU A 391 2.95 15.30 4.62
N LEU A 392 4.10 15.97 4.76
CA LEU A 392 5.37 15.35 4.39
C LEU A 392 5.59 14.06 5.17
N ARG A 393 5.37 14.11 6.48
CA ARG A 393 5.62 12.95 7.32
C ARG A 393 4.64 11.84 7.03
N GLU A 394 3.34 12.17 7.01
CA GLU A 394 2.29 11.15 7.03
C GLU A 394 1.93 10.63 5.65
N LYS A 395 2.03 11.48 4.62
CA LYS A 395 1.57 11.16 3.29
C LYS A 395 2.72 11.00 2.29
N LEU A 396 3.54 12.04 2.11
CA LEU A 396 4.56 11.96 1.07
C LEU A 396 5.64 10.96 1.42
N LEU A 397 6.01 10.87 2.70
CA LEU A 397 6.99 9.91 3.16
C LEU A 397 6.37 8.63 3.71
N GLY A 398 5.04 8.56 3.81
CA GLY A 398 4.33 7.31 4.01
C GLY A 398 3.78 7.10 5.40
N GLY A 399 4.25 7.85 6.40
CA GLY A 399 3.70 7.78 7.73
C GLY A 399 4.10 6.58 8.58
N ARG A 400 5.00 5.71 8.09
CA ARG A 400 5.40 4.51 8.86
C ARG A 400 6.84 4.58 9.35
N VAL A 401 7.50 5.72 9.21
CA VAL A 401 8.93 5.80 9.53
C VAL A 401 9.15 5.62 11.02
N LEU A 402 9.93 4.61 11.38
CA LEU A 402 10.31 4.29 12.76
C LEU A 402 11.70 4.78 13.12
N THR A 403 12.67 4.65 12.21
CA THR A 403 14.04 5.09 12.44
C THR A 403 14.52 5.81 11.19
N ALA A 404 15.51 6.68 11.36
CA ALA A 404 16.08 7.42 10.25
C ALA A 404 17.56 7.63 10.50
N GLY A 405 18.35 7.46 9.44
CA GLY A 405 19.78 7.65 9.52
C GLY A 405 20.24 8.52 8.37
N SER A 406 21.40 9.14 8.57
CA SER A 406 22.05 9.99 7.58
C SER A 406 23.55 9.80 7.66
N GLY A 407 24.22 10.14 6.57
CA GLY A 407 25.67 10.08 6.53
C GLY A 407 26.17 10.40 5.15
N SER A 408 27.47 10.19 4.96
CA SER A 408 28.19 10.40 3.71
C SER A 408 28.71 11.84 3.59
N ALA A 409 28.15 12.78 4.35
CA ALA A 409 28.56 14.17 4.23
C ALA A 409 28.05 14.93 5.45
N PRO A 410 28.61 16.09 5.74
CA PRO A 410 28.17 16.84 6.92
C PRO A 410 26.81 17.46 6.72
N MET A 411 26.12 17.68 7.84
CA MET A 411 24.84 18.38 7.78
C MET A 411 24.80 19.44 8.86
N SER A 412 24.21 20.59 8.51
CA SER A 412 24.12 21.66 9.50
C SER A 412 23.12 21.28 10.59
N PRO A 413 23.32 21.76 11.81
CA PRO A 413 22.34 21.51 12.87
C PRO A 413 20.94 21.97 12.50
N GLU A 414 20.84 23.06 11.74
CA GLU A 414 19.54 23.60 11.38
C GLU A 414 18.79 22.63 10.46
N LEU A 415 19.49 22.02 9.50
CA LEU A 415 18.82 21.06 8.64
C LEU A 415 18.49 19.78 9.40
N THR A 416 19.41 19.30 10.25
CA THR A 416 19.08 18.18 11.12
C THR A 416 17.80 18.47 11.91
N ALA A 417 17.72 19.65 12.55
CA ALA A 417 16.54 19.98 13.34
C ALA A 417 15.27 19.97 12.50
N PHE A 418 15.33 20.51 11.29
CA PHE A 418 14.17 20.49 10.41
C PHE A 418 13.73 19.06 10.12
N ILE A 419 14.67 18.21 9.73
CA ILE A 419 14.31 16.84 9.36
C ILE A 419 13.70 16.10 10.55
N GLU A 420 14.27 16.29 11.74
CA GLU A 420 13.72 15.63 12.92
C GLU A 420 12.33 16.16 13.26
N SER A 421 12.07 17.45 12.99
CA SER A 421 10.74 17.98 13.27
C SER A 421 9.71 17.46 12.26
N VAL A 422 10.15 17.17 11.04
CA VAL A 422 9.26 16.55 10.07
C VAL A 422 8.98 15.10 10.45
N LEU A 423 10.04 14.32 10.70
CA LEU A 423 9.88 12.89 10.90
C LEU A 423 9.39 12.53 12.28
N GLN A 424 9.62 13.40 13.28
CA GLN A 424 9.32 13.12 14.68
C GLN A 424 10.04 11.85 15.15
N VAL A 425 11.24 11.62 14.62
CA VAL A 425 12.15 10.60 15.12
C VAL A 425 13.55 11.18 15.08
N HIS A 426 14.43 10.65 15.93
CA HIS A 426 15.81 11.09 15.96
C HIS A 426 16.52 10.68 14.66
N LEU A 427 17.35 11.59 14.12
CA LEU A 427 18.10 11.34 12.89
C LEU A 427 19.51 10.91 13.29
N VAL A 428 19.82 9.64 13.07
CA VAL A 428 21.15 9.12 13.44
C VAL A 428 22.16 9.57 12.41
N ASP A 429 23.31 10.03 12.89
CA ASP A 429 24.39 10.50 12.02
C ASP A 429 25.49 9.45 12.08
N GLY A 430 25.74 8.78 10.96
CA GLY A 430 26.80 7.80 10.88
C GLY A 430 27.91 8.32 9.99
N TYR A 431 29.14 8.23 10.50
CA TYR A 431 30.34 8.67 9.79
C TYR A 431 31.16 7.43 9.46
N GLY A 432 31.68 7.37 8.24
CA GLY A 432 32.49 6.25 7.83
C GLY A 432 33.03 6.51 6.44
N SER A 433 33.72 5.51 5.89
CA SER A 433 34.28 5.68 4.56
C SER A 433 34.35 4.33 3.85
N THR A 434 34.56 4.40 2.53
CA THR A 434 34.81 3.20 1.75
C THR A 434 36.03 2.44 2.30
N GLU A 435 37.08 3.18 2.67
CA GLU A 435 38.31 2.58 3.16
C GLU A 435 38.14 1.92 4.53
N ALA A 436 37.45 2.59 5.46
CA ALA A 436 37.47 2.16 6.84
C ALA A 436 36.22 1.40 7.26
N GLY A 437 35.13 1.53 6.53
CA GLY A 437 33.85 1.04 6.98
C GLY A 437 33.20 2.05 7.91
N PRO A 438 32.25 1.61 8.74
CA PRO A 438 31.61 2.53 9.68
C PRO A 438 32.55 2.88 10.82
N VAL A 439 32.60 4.17 11.16
CA VAL A 439 33.56 4.63 12.16
C VAL A 439 32.87 5.16 13.42
N TRP A 440 31.87 6.04 13.27
CA TRP A 440 31.16 6.47 14.46
C TRP A 440 29.69 6.62 14.15
N ARG A 441 28.89 6.64 15.22
CA ARG A 441 27.44 6.78 15.14
C ARG A 441 27.02 7.68 16.28
N ASP A 442 26.39 8.81 15.96
CA ASP A 442 26.02 9.82 16.94
C ASP A 442 27.20 10.14 17.88
N ARG A 443 28.33 10.50 17.24
CA ARG A 443 29.58 10.93 17.86
C ARG A 443 30.42 9.81 18.46
N LYS A 444 29.85 8.62 18.65
CA LYS A 444 30.55 7.54 19.37
C LYS A 444 31.10 6.49 18.40
N LEU A 445 32.36 6.12 18.60
CA LEU A 445 32.98 5.12 17.72
C LEU A 445 32.19 3.82 17.73
N VAL A 446 32.11 3.19 16.55
CA VAL A 446 31.40 1.93 16.38
C VAL A 446 32.38 0.81 16.69
N LYS A 447 32.21 0.18 17.84
CA LYS A 447 33.17 -0.83 18.31
C LYS A 447 32.45 -2.12 18.64
N PRO A 448 32.76 -3.22 17.93
CA PRO A 448 33.57 -3.31 16.71
C PRO A 448 32.86 -2.55 15.59
N PRO A 449 33.52 -2.32 14.45
CA PRO A 449 34.85 -2.81 14.04
C PRO A 449 36.03 -2.00 14.56
N VAL A 450 35.80 -0.78 15.08
CA VAL A 450 36.92 0.07 15.47
C VAL A 450 37.57 -0.48 16.73
N THR A 451 38.90 -0.56 16.75
CA THR A 451 39.58 -1.07 17.93
C THR A 451 40.52 -0.06 18.59
N GLU A 452 41.12 0.87 17.83
CA GLU A 452 41.99 1.90 18.41
C GLU A 452 41.83 3.18 17.61
N HIS A 453 42.09 4.31 18.26
CA HIS A 453 42.00 5.60 17.57
C HIS A 453 43.00 6.57 18.19
N LYS A 454 43.30 7.62 17.44
CA LYS A 454 44.07 8.75 17.96
C LYS A 454 43.80 9.96 17.08
N LEU A 455 44.02 11.15 17.64
CA LEU A 455 44.03 12.39 16.88
C LEU A 455 45.46 12.78 16.56
N ILE A 456 45.68 13.32 15.36
CA ILE A 456 47.00 13.73 14.90
C ILE A 456 46.98 15.24 14.63
N ASP A 457 47.91 15.97 15.24
CA ASP A 457 48.01 17.41 14.97
C ASP A 457 48.22 17.67 13.49
N VAL A 458 47.56 18.72 13.00
CA VAL A 458 47.81 19.17 11.64
C VAL A 458 48.25 20.62 11.74
N PRO A 459 49.53 20.87 12.07
CA PRO A 459 49.95 22.26 12.29
C PRO A 459 49.71 23.17 11.11
N GLU A 460 49.91 22.69 9.88
CA GLU A 460 49.75 23.56 8.73
C GLU A 460 48.31 23.99 8.50
N LEU A 461 47.34 23.39 9.20
CA LEU A 461 45.96 23.86 9.13
C LEU A 461 45.46 24.41 10.47
N GLY A 462 46.32 24.52 11.47
CA GLY A 462 45.92 25.11 12.73
C GLY A 462 45.15 24.21 13.68
N TYR A 463 45.31 22.90 13.57
CA TYR A 463 44.54 21.95 14.39
C TYR A 463 45.48 21.23 15.34
N PHE A 464 45.27 21.43 16.64
CA PHE A 464 46.12 20.82 17.67
C PHE A 464 45.27 20.19 18.76
N SER A 465 45.85 19.19 19.42
CA SER A 465 45.21 18.55 20.57
C SER A 465 45.06 19.51 21.75
N THR A 466 45.84 20.58 21.78
CA THR A 466 45.74 21.59 22.82
C THR A 466 44.71 22.67 22.50
N ASP A 467 43.95 22.53 21.42
CA ASP A 467 42.99 23.55 21.03
C ASP A 467 41.88 23.73 22.09
N SER A 468 41.30 24.92 22.10
CA SER A 468 40.20 25.25 22.98
C SER A 468 39.01 25.69 22.14
N PRO A 469 37.81 25.19 22.47
CA PRO A 469 37.48 24.35 23.63
C PRO A 469 37.80 22.87 23.49
N TYR A 470 38.05 22.38 22.28
CA TYR A 470 38.18 20.94 22.10
C TYR A 470 39.46 20.56 21.37
N PRO A 471 40.10 19.47 21.76
CA PRO A 471 41.18 18.92 20.94
C PRO A 471 40.69 18.70 19.50
N ARG A 472 41.54 19.04 18.54
CA ARG A 472 41.27 18.82 17.13
C ARG A 472 42.48 18.22 16.47
N GLY A 473 42.24 17.41 15.43
CA GLY A 473 43.33 16.83 14.68
C GLY A 473 42.75 15.89 13.64
N GLU A 474 43.62 15.32 12.82
CA GLU A 474 43.19 14.29 11.89
C GLU A 474 42.91 12.99 12.64
N LEU A 475 41.77 12.37 12.33
CA LEU A 475 41.40 11.10 12.94
C LEU A 475 42.18 9.95 12.31
N ALA A 476 42.82 9.13 13.13
CA ALA A 476 43.49 7.92 12.68
C ALA A 476 42.91 6.74 13.45
N ILE A 477 42.73 5.61 12.79
CA ILE A 477 42.03 4.48 13.42
C ILE A 477 42.64 3.15 13.01
N LYS A 478 42.51 2.17 13.90
CA LYS A 478 42.66 0.77 13.57
C LYS A 478 41.28 0.13 13.64
N THR A 479 40.91 -0.60 12.59
CA THR A 479 39.56 -1.14 12.54
C THR A 479 39.53 -2.48 11.79
N GLN A 480 38.62 -3.35 12.21
CA GLN A 480 38.47 -4.67 11.59
C GLN A 480 38.08 -4.60 10.12
N THR A 481 37.44 -3.53 9.68
CA THR A 481 36.92 -3.46 8.31
C THR A 481 37.86 -2.71 7.36
N ILE A 482 39.12 -2.51 7.75
CA ILE A 482 40.02 -1.69 6.96
C ILE A 482 40.35 -2.40 5.65
N LEU A 483 40.46 -1.63 4.57
CA LEU A 483 40.80 -2.24 3.28
C LEU A 483 42.23 -2.79 3.34
N PRO A 484 42.50 -3.89 2.61
CA PRO A 484 43.89 -4.37 2.51
C PRO A 484 44.78 -3.49 1.66
N GLY A 485 44.21 -2.69 0.76
CA GLY A 485 44.98 -1.80 -0.07
C GLY A 485 44.13 -1.31 -1.21
N TYR A 486 44.69 -0.36 -1.95
CA TYR A 486 44.12 0.03 -3.23
C TYR A 486 44.68 -0.85 -4.34
N TYR A 487 43.80 -1.25 -5.26
CA TYR A 487 44.15 -2.25 -6.28
C TYR A 487 45.29 -1.76 -7.15
N LYS A 488 46.39 -2.50 -7.14
CA LYS A 488 47.55 -2.25 -7.98
C LYS A 488 48.24 -0.91 -7.69
N ARG A 489 47.99 -0.31 -6.52
CA ARG A 489 48.56 1.01 -6.18
C ARG A 489 49.15 1.00 -4.78
N PRO A 490 50.30 0.32 -4.61
CA PRO A 490 50.89 0.23 -3.27
C PRO A 490 51.46 1.54 -2.77
N GLU A 491 51.89 2.41 -3.68
CA GLU A 491 52.39 3.72 -3.25
C GLU A 491 51.27 4.58 -2.69
N THR A 492 50.08 4.56 -3.34
CA THR A 492 48.92 5.27 -2.82
C THR A 492 48.46 4.66 -1.49
N THR A 493 48.46 3.33 -1.40
CA THR A 493 48.13 2.68 -0.14
C THR A 493 49.05 3.14 0.99
N ALA A 494 50.36 3.21 0.74
CA ALA A 494 51.29 3.60 1.79
C ALA A 494 50.99 4.99 2.34
N GLU A 495 50.44 5.87 1.52
CA GLU A 495 50.19 7.24 1.95
C GLU A 495 49.03 7.37 2.93
N VAL A 496 48.17 6.35 3.04
CA VAL A 496 47.00 6.46 3.93
C VAL A 496 47.17 5.64 5.22
N PHE A 497 48.37 5.12 5.49
CA PHE A 497 48.70 4.47 6.74
C PHE A 497 49.93 5.12 7.35
N ASP A 498 49.94 5.30 8.67
CA ASP A 498 51.12 5.87 9.32
C ASP A 498 52.05 4.75 9.78
N GLU A 499 53.17 5.11 10.41
CA GLU A 499 54.21 4.14 10.69
C GLU A 499 53.79 3.13 11.75
N ASP A 500 52.77 3.46 12.55
CA ASP A 500 52.26 2.58 13.58
C ASP A 500 51.07 1.75 13.09
N GLY A 501 50.78 1.80 11.80
CA GLY A 501 49.71 1.00 11.25
C GLY A 501 48.32 1.58 11.37
N PHE A 502 48.19 2.83 11.80
CA PHE A 502 46.85 3.45 11.82
C PHE A 502 46.48 3.91 10.43
N TYR A 503 45.20 3.75 10.08
CA TYR A 503 44.65 4.33 8.86
C TYR A 503 44.41 5.83 9.02
N LEU A 504 44.91 6.63 8.09
CA LEU A 504 44.75 8.08 8.13
C LEU A 504 43.46 8.45 7.37
N THR A 505 42.46 8.94 8.10
CA THR A 505 41.18 9.23 7.44
C THR A 505 41.25 10.40 6.49
N GLY A 506 42.24 11.29 6.66
CA GLY A 506 42.22 12.56 5.95
C GLY A 506 41.16 13.52 6.42
N ASP A 507 40.47 13.22 7.52
CA ASP A 507 39.39 14.03 8.05
C ASP A 507 39.78 14.64 9.40
N VAL A 508 39.58 15.95 9.52
CA VAL A 508 39.82 16.67 10.76
C VAL A 508 38.56 16.56 11.62
N VAL A 509 38.75 16.24 12.91
CA VAL A 509 37.64 16.08 13.85
C VAL A 509 37.97 16.83 15.12
N ALA A 510 36.94 17.09 15.93
CA ALA A 510 37.11 17.59 17.29
C ALA A 510 36.61 16.55 18.27
N GLU A 511 37.34 16.37 19.37
CA GLU A 511 36.90 15.48 20.45
C GLU A 511 36.18 16.34 21.48
N VAL A 512 34.84 16.31 21.43
CA VAL A 512 34.01 17.23 22.20
C VAL A 512 33.60 16.68 23.55
N ALA A 513 33.96 15.43 23.84
CA ALA A 513 33.80 14.76 25.11
C ALA A 513 34.57 13.45 24.99
N PRO A 514 34.82 12.73 26.09
CA PRO A 514 35.65 11.52 25.99
C PRO A 514 35.12 10.52 24.97
N GLU A 515 35.98 10.16 24.01
CA GLU A 515 35.66 9.23 22.91
C GLU A 515 34.42 9.67 22.11
N GLU A 516 34.10 10.97 22.10
CA GLU A 516 33.02 11.49 21.26
C GLU A 516 33.56 12.53 20.28
N PHE A 517 33.19 12.41 19.01
CA PHE A 517 33.82 13.20 17.96
C PHE A 517 32.80 13.92 17.11
N VAL A 518 33.22 15.06 16.59
CA VAL A 518 32.43 15.82 15.62
C VAL A 518 33.34 16.13 14.42
N TYR A 519 32.77 15.99 13.24
CA TYR A 519 33.50 16.24 11.99
C TYR A 519 33.74 17.74 11.80
N VAL A 520 34.98 18.10 11.49
CA VAL A 520 35.32 19.47 11.12
C VAL A 520 35.33 19.63 9.60
N ASP A 521 36.22 18.92 8.91
CA ASP A 521 36.19 18.90 7.45
C ASP A 521 37.25 17.92 6.96
N ARG A 522 37.15 17.54 5.69
CA ARG A 522 38.29 16.90 5.02
C ARG A 522 39.46 17.86 5.00
N ARG A 523 40.67 17.33 5.19
CA ARG A 523 41.84 18.18 5.07
C ARG A 523 41.85 18.93 3.75
N LYS A 524 41.41 18.27 2.67
CA LYS A 524 41.40 18.87 1.34
C LYS A 524 40.42 20.02 1.22
N ASN A 525 39.45 20.13 2.12
CA ASN A 525 38.44 21.17 2.06
C ASN A 525 38.77 22.36 2.96
N VAL A 526 39.90 22.35 3.62
CA VAL A 526 40.28 23.44 4.52
C VAL A 526 41.18 24.38 3.76
N LEU A 527 40.84 25.66 3.77
CA LEU A 527 41.53 26.65 2.97
C LEU A 527 42.07 27.74 3.88
N LYS A 528 43.32 28.16 3.65
CA LYS A 528 43.93 29.25 4.41
C LYS A 528 43.85 30.52 3.57
N LEU A 529 43.07 31.49 4.02
CA LEU A 529 42.96 32.73 3.27
C LEU A 529 44.25 33.54 3.43
N SER A 530 44.41 34.55 2.57
CA SER A 530 45.67 35.29 2.50
C SER A 530 46.00 36.01 3.81
N GLN A 531 45.00 36.36 4.61
CA GLN A 531 45.29 36.96 5.92
C GLN A 531 45.46 35.92 7.01
N GLY A 532 45.54 34.63 6.66
CA GLY A 532 45.92 33.61 7.60
C GLY A 532 44.79 32.88 8.30
N GLU A 533 43.54 33.30 8.11
CA GLU A 533 42.40 32.59 8.67
C GLU A 533 42.14 31.30 7.89
N PHE A 534 41.63 30.30 8.59
CA PHE A 534 41.30 29.01 8.00
C PHE A 534 39.79 28.86 7.91
N VAL A 535 39.31 28.33 6.78
CA VAL A 535 37.89 28.10 6.58
C VAL A 535 37.66 26.64 6.20
N ALA A 536 36.65 26.04 6.82
CA ALA A 536 36.19 24.68 6.48
C ALA A 536 35.13 24.82 5.41
N LEU A 537 35.50 24.59 4.14
CA LEU A 537 34.59 24.95 3.05
C LEU A 537 33.30 24.15 3.08
N SER A 538 33.35 22.87 3.49
CA SER A 538 32.11 22.10 3.46
C SER A 538 31.20 22.43 4.64
N LYS A 539 31.74 22.95 5.73
CA LYS A 539 30.88 23.48 6.80
C LYS A 539 30.09 24.67 6.29
N LEU A 540 30.75 25.53 5.51
CA LEU A 540 30.06 26.71 4.98
C LEU A 540 29.02 26.32 3.94
N GLU A 541 29.36 25.33 3.10
CA GLU A 541 28.39 24.86 2.12
C GLU A 541 27.16 24.29 2.80
N ALA A 542 27.36 23.54 3.89
CA ALA A 542 26.22 23.01 4.61
C ALA A 542 25.40 24.13 5.25
N ALA A 543 26.06 25.16 5.77
CA ALA A 543 25.33 26.25 6.42
C ALA A 543 24.52 27.04 5.39
N TYR A 544 25.15 27.45 4.30
CA TYR A 544 24.49 28.30 3.32
C TYR A 544 23.50 27.53 2.47
N GLY A 545 23.59 26.21 2.46
CA GLY A 545 22.63 25.40 1.72
C GLY A 545 21.22 25.55 2.23
N THR A 546 21.03 26.05 3.45
CA THR A 546 19.72 26.24 4.05
C THR A 546 19.09 27.58 3.70
N SER A 547 19.77 28.45 2.99
CA SER A 547 19.13 29.67 2.52
C SER A 547 17.89 29.30 1.72
N PRO A 548 16.75 29.95 1.94
CA PRO A 548 15.56 29.61 1.13
C PRO A 548 15.73 29.90 -0.36
N LEU A 549 16.76 30.67 -0.74
CA LEU A 549 16.99 31.02 -2.13
C LEU A 549 18.00 30.12 -2.82
N VAL A 550 18.73 29.31 -2.07
CA VAL A 550 19.81 28.49 -2.58
C VAL A 550 19.29 27.10 -2.90
N ARG A 551 19.46 26.67 -4.15
CA ARG A 551 19.24 25.26 -4.47
C ARG A 551 20.52 24.46 -4.24
N GLN A 552 21.63 24.90 -4.82
CA GLN A 552 22.95 24.32 -4.55
C GLN A 552 23.96 25.44 -4.41
N ILE A 553 25.00 25.19 -3.63
CA ILE A 553 26.09 26.16 -3.49
C ILE A 553 27.41 25.43 -3.37
N SER A 554 28.43 25.98 -4.04
CA SER A 554 29.81 25.54 -3.85
C SER A 554 30.63 26.77 -3.48
N VAL A 555 31.28 26.74 -2.31
CA VAL A 555 32.04 27.88 -1.81
C VAL A 555 33.48 27.76 -2.29
N TYR A 556 34.05 28.85 -2.80
CA TYR A 556 35.35 28.82 -3.45
C TYR A 556 36.24 29.86 -2.83
N GLY A 557 37.49 29.49 -2.54
CA GLY A 557 38.48 30.41 -2.03
C GLY A 557 39.80 30.25 -2.75
N SER A 558 40.72 31.17 -2.45
CA SER A 558 42.05 31.15 -3.01
C SER A 558 43.04 31.59 -1.94
N SER A 559 44.19 30.90 -1.89
CA SER A 559 45.24 31.27 -0.94
C SER A 559 45.74 32.69 -1.15
N GLN A 560 45.53 33.25 -2.33
CA GLN A 560 46.01 34.59 -2.68
C GLN A 560 45.01 35.68 -2.38
N ARG A 561 43.83 35.33 -1.85
CA ARG A 561 42.77 36.30 -1.64
C ARG A 561 42.29 36.23 -0.20
N SER A 562 41.67 37.31 0.25
CA SER A 562 41.27 37.48 1.64
C SER A 562 39.81 37.19 1.88
N TYR A 563 39.07 36.76 0.86
CA TYR A 563 37.63 36.58 0.96
C TYR A 563 37.20 35.48 0.01
N LEU A 564 35.97 35.01 0.22
CA LEU A 564 35.42 33.89 -0.54
C LEU A 564 34.45 34.34 -1.62
N LEU A 565 34.31 33.48 -2.64
CA LEU A 565 33.28 33.54 -3.65
C LEU A 565 32.42 32.28 -3.56
N ALA A 566 31.41 32.19 -4.42
CA ALA A 566 30.60 30.98 -4.46
C ALA A 566 29.93 30.83 -5.81
N VAL A 567 29.79 29.58 -6.25
CA VAL A 567 28.90 29.23 -7.35
C VAL A 567 27.55 28.88 -6.74
N VAL A 568 26.50 29.55 -7.16
CA VAL A 568 25.18 29.33 -6.59
C VAL A 568 24.19 29.01 -7.69
N VAL A 569 23.51 27.88 -7.54
CA VAL A 569 22.32 27.57 -8.32
C VAL A 569 21.11 28.05 -7.51
N PRO A 570 20.42 29.11 -7.92
CA PRO A 570 19.25 29.54 -7.16
C PRO A 570 18.08 28.59 -7.38
N THR A 571 17.11 28.66 -6.48
CA THR A 571 15.89 27.89 -6.66
C THR A 571 15.13 28.43 -7.86
N PRO A 572 14.28 27.60 -8.47
CA PRO A 572 13.44 28.12 -9.55
C PRO A 572 12.61 29.31 -9.11
N GLU A 573 12.17 29.32 -7.85
CA GLU A 573 11.40 30.46 -7.34
C GLU A 573 12.26 31.72 -7.24
N ALA A 574 13.50 31.58 -6.75
CA ALA A 574 14.39 32.73 -6.72
C ALA A 574 14.64 33.29 -8.11
N LEU A 575 14.88 32.40 -9.09
CA LEU A 575 15.11 32.87 -10.45
C LEU A 575 13.90 33.60 -11.01
N ALA A 576 12.69 33.10 -10.72
CA ALA A 576 11.49 33.73 -11.23
C ALA A 576 11.24 35.10 -10.60
N LYS A 577 11.71 35.30 -9.36
CA LYS A 577 11.53 36.56 -8.64
C LYS A 577 12.62 37.58 -8.96
N TYR A 578 13.88 37.14 -9.05
CA TYR A 578 15.02 38.03 -9.11
C TYR A 578 15.81 37.92 -10.40
N GLY A 579 15.53 36.94 -11.26
CA GLY A 579 16.36 36.71 -12.41
C GLY A 579 17.69 36.08 -12.04
N ASP A 580 18.63 36.15 -12.98
CA ASP A 580 19.92 35.48 -12.80
C ASP A 580 21.09 36.45 -12.73
N GLY A 581 20.82 37.74 -12.53
CA GLY A 581 21.89 38.72 -12.46
C GLY A 581 22.04 39.44 -11.15
N GLU A 582 22.28 40.75 -11.22
CA GLU A 582 22.60 41.53 -10.03
C GLU A 582 21.52 41.42 -8.96
N ALA A 583 20.24 41.43 -9.36
CA ALA A 583 19.16 41.38 -8.37
C ALA A 583 19.25 40.13 -7.50
N VAL A 584 19.50 38.97 -8.11
CA VAL A 584 19.51 37.75 -7.29
C VAL A 584 20.79 37.67 -6.49
N LYS A 585 21.89 38.24 -7.02
CA LYS A 585 23.12 38.33 -6.24
C LYS A 585 22.90 39.12 -4.95
N SER A 586 22.22 40.26 -5.07
CA SER A 586 21.94 41.06 -3.89
C SER A 586 21.04 40.32 -2.90
N ALA A 587 20.01 39.63 -3.40
CA ALA A 587 19.13 38.87 -2.51
C ALA A 587 19.89 37.72 -1.85
N LEU A 588 20.72 37.01 -2.63
CA LEU A 588 21.52 35.94 -2.04
C LEU A 588 22.46 36.48 -0.98
N GLY A 589 23.16 37.58 -1.29
CA GLY A 589 24.04 38.19 -0.30
C GLY A 589 23.34 38.45 1.02
N ASP A 590 22.17 39.08 0.98
CA ASP A 590 21.42 39.32 2.21
C ASP A 590 21.14 38.02 2.95
N SER A 591 20.68 37.00 2.22
CA SER A 591 20.35 35.72 2.84
C SER A 591 21.57 35.08 3.48
N LEU A 592 22.74 35.16 2.85
CA LEU A 592 23.90 34.50 3.42
C LEU A 592 24.40 35.25 4.66
N GLN A 593 24.34 36.58 4.63
CA GLN A 593 24.73 37.36 5.80
C GLN A 593 23.79 37.08 6.97
N LYS A 594 22.50 36.88 6.68
CA LYS A 594 21.56 36.48 7.71
C LYS A 594 21.99 35.17 8.37
N ILE A 595 22.33 34.15 7.56
CA ILE A 595 22.77 32.88 8.13
C ILE A 595 24.06 33.05 8.90
N ALA A 596 24.96 33.90 8.39
CA ALA A 596 26.21 34.15 9.12
C ALA A 596 25.94 34.78 10.48
N ARG A 597 24.97 35.70 10.55
CA ARG A 597 24.64 36.31 11.84
C ARG A 597 24.09 35.28 12.82
N GLU A 598 23.18 34.42 12.36
CA GLU A 598 22.49 33.50 13.25
C GLU A 598 23.41 32.39 13.78
N GLU A 599 24.37 31.95 12.97
CA GLU A 599 25.23 30.84 13.36
C GLU A 599 26.61 31.30 13.80
N GLY A 600 26.82 32.60 14.00
CA GLY A 600 28.09 33.07 14.50
C GLY A 600 29.26 32.81 13.58
N LEU A 601 29.06 32.97 12.28
CA LEU A 601 30.18 32.88 11.36
C LEU A 601 30.90 34.23 11.29
N GLN A 602 32.18 34.20 10.94
CA GLN A 602 32.95 35.42 10.82
C GLN A 602 32.72 36.06 9.45
N SER A 603 33.06 37.34 9.35
CA SER A 603 32.81 38.05 8.09
C SER A 603 33.59 37.44 6.94
N TYR A 604 34.81 36.98 7.20
CA TYR A 604 35.58 36.35 6.14
C TYR A 604 35.00 35.01 5.71
N GLU A 605 34.00 34.49 6.41
CA GLU A 605 33.34 33.26 6.01
C GLU A 605 32.14 33.47 5.08
N VAL A 606 31.85 34.72 4.71
CA VAL A 606 30.67 35.02 3.89
C VAL A 606 31.14 35.29 2.45
N PRO A 607 30.65 34.55 1.47
CA PRO A 607 30.99 34.85 0.08
C PRO A 607 30.61 36.28 -0.28
N ARG A 608 31.53 36.98 -0.94
CA ARG A 608 31.29 38.38 -1.26
C ARG A 608 30.68 38.58 -2.65
N ASP A 609 30.89 37.64 -3.57
CA ASP A 609 30.33 37.75 -4.91
C ASP A 609 30.13 36.33 -5.43
N PHE A 610 29.43 36.21 -6.55
CA PHE A 610 28.88 34.93 -6.98
C PHE A 610 29.02 34.75 -8.49
N ILE A 611 29.14 33.48 -8.88
CA ILE A 611 28.79 33.02 -10.22
C ILE A 611 27.42 32.38 -10.13
N ILE A 612 26.46 32.91 -10.88
CA ILE A 612 25.09 32.40 -10.85
C ILE A 612 24.92 31.35 -11.94
N GLU A 613 24.43 30.18 -11.56
CA GLU A 613 24.26 29.06 -12.48
C GLU A 613 22.80 28.64 -12.48
N THR A 614 22.18 28.63 -13.64
CA THR A 614 20.80 28.14 -13.72
C THR A 614 20.71 26.66 -14.05
N ASP A 615 21.84 26.01 -14.34
CA ASP A 615 21.89 24.59 -14.65
C ASP A 615 22.33 23.80 -13.43
N PRO A 616 21.46 23.02 -12.79
CA PRO A 616 21.84 22.37 -11.51
C PRO A 616 23.03 21.43 -11.69
N PHE A 617 23.85 21.32 -10.63
CA PHE A 617 24.81 20.24 -10.55
C PHE A 617 24.06 18.91 -10.52
N THR A 618 24.52 17.92 -11.26
CA THR A 618 23.77 16.69 -11.32
C THR A 618 24.73 15.51 -11.44
N ILE A 619 24.22 14.31 -11.18
CA ILE A 619 25.03 13.12 -11.46
C ILE A 619 25.28 13.00 -12.95
N GLU A 620 24.26 13.30 -13.76
CA GLU A 620 24.38 13.18 -15.21
C GLU A 620 25.50 14.04 -15.77
N ASN A 621 25.63 15.29 -15.29
CA ASN A 621 26.67 16.16 -15.84
C ASN A 621 27.99 16.04 -15.07
N GLY A 622 28.05 15.15 -14.09
CA GLY A 622 29.31 14.82 -13.47
C GLY A 622 29.76 15.72 -12.36
N ILE A 623 29.01 16.79 -12.05
CA ILE A 623 29.40 17.66 -10.95
C ILE A 623 29.05 17.04 -9.60
N LEU A 624 28.00 16.21 -9.52
CA LEU A 624 27.73 15.39 -8.36
C LEU A 624 28.27 13.98 -8.57
N SER A 625 28.79 13.38 -7.49
CA SER A 625 29.18 11.99 -7.52
C SER A 625 27.94 11.08 -7.47
N ASP A 626 28.17 9.78 -7.66
CA ASP A 626 27.08 8.81 -7.54
C ASP A 626 26.35 8.96 -6.22
N ALA A 627 27.04 9.35 -5.17
CA ALA A 627 26.40 9.50 -3.86
C ALA A 627 25.67 10.82 -3.70
N GLY A 628 25.72 11.70 -4.71
CA GLY A 628 25.09 13.00 -4.61
C GLY A 628 25.97 14.10 -4.02
N LYS A 629 27.23 13.82 -3.72
CA LYS A 629 28.09 14.84 -3.15
C LYS A 629 28.63 15.74 -4.26
N THR A 630 28.75 17.03 -3.95
CA THR A 630 29.37 17.95 -4.89
C THR A 630 30.87 17.69 -4.96
N LEU A 631 31.38 17.48 -6.17
CA LEU A 631 32.80 17.17 -6.37
C LEU A 631 33.56 18.48 -6.58
N ARG A 632 34.41 18.83 -5.61
CA ARG A 632 35.09 20.12 -5.68
C ARG A 632 35.93 20.26 -6.94
N PRO A 633 36.70 19.25 -7.38
CA PRO A 633 37.50 19.41 -8.59
C PRO A 633 36.68 19.54 -9.87
N LYS A 634 35.45 19.00 -9.89
CA LYS A 634 34.57 19.17 -11.04
C LYS A 634 33.98 20.57 -11.08
N VAL A 635 33.64 21.13 -9.93
CA VAL A 635 33.26 22.54 -9.87
C VAL A 635 34.41 23.41 -10.34
N LYS A 636 35.62 23.12 -9.87
CA LYS A 636 36.78 23.91 -10.27
C LYS A 636 37.00 23.84 -11.78
N ALA A 637 36.81 22.66 -12.38
CA ALA A 637 37.06 22.51 -13.80
C ALA A 637 36.05 23.32 -14.62
N ARG A 638 34.81 23.38 -14.16
CA ARG A 638 33.76 24.04 -14.93
C ARG A 638 33.72 25.55 -14.66
N TYR A 639 33.98 25.96 -13.43
CA TYR A 639 33.79 27.35 -13.02
C TYR A 639 35.08 28.04 -12.57
N GLY A 640 36.20 27.32 -12.46
CA GLY A 640 37.39 27.93 -11.88
C GLY A 640 37.89 29.14 -12.64
N GLU A 641 37.91 29.07 -13.97
CA GLU A 641 38.34 30.21 -14.76
C GLU A 641 37.49 31.44 -14.46
N ARG A 642 36.16 31.27 -14.44
CA ARG A 642 35.26 32.38 -14.17
C ARG A 642 35.44 32.92 -12.75
N LEU A 643 35.63 32.03 -11.76
CA LEU A 643 35.85 32.48 -10.39
C LEU A 643 37.13 33.30 -10.27
N GLU A 644 38.22 32.82 -10.86
CA GLU A 644 39.47 33.57 -10.80
C GLU A 644 39.35 34.89 -11.56
N ALA A 645 38.63 34.89 -12.67
CA ALA A 645 38.40 36.14 -13.39
C ALA A 645 37.60 37.13 -12.55
N LEU A 646 36.70 36.63 -11.70
CA LEU A 646 35.94 37.54 -10.84
C LEU A 646 36.82 38.11 -9.72
N TYR A 647 37.72 37.29 -9.15
CA TYR A 647 38.70 37.83 -8.22
C TYR A 647 39.50 38.95 -8.87
N ALA A 648 40.02 38.71 -10.08
CA ALA A 648 40.84 39.71 -10.74
C ALA A 648 40.04 40.97 -11.05
N GLN A 649 38.82 40.80 -11.55
CA GLN A 649 37.95 41.94 -11.81
C GLN A 649 37.73 42.78 -10.57
N LEU A 650 37.47 42.13 -9.43
CA LEU A 650 37.18 42.84 -8.19
C LEU A 650 38.41 43.48 -7.55
N ALA A 651 39.62 43.12 -7.98
CA ALA A 651 40.83 43.65 -7.37
C ALA A 651 41.33 44.90 -8.11
N GLN B 17 -11.14 20.81 4.72
CA GLN B 17 -11.68 21.69 3.68
C GLN B 17 -12.74 20.98 2.84
N SER B 18 -13.12 21.58 1.71
CA SER B 18 -14.23 21.08 0.91
C SER B 18 -13.85 19.77 0.22
N LEU B 19 -14.87 19.01 -0.16
CA LEU B 19 -14.61 17.75 -0.86
C LEU B 19 -13.81 17.99 -2.13
N ALA B 20 -14.18 19.03 -2.90
CA ALA B 20 -13.42 19.35 -4.10
C ALA B 20 -11.94 19.54 -3.78
N GLU B 21 -11.63 20.32 -2.74
CA GLU B 21 -10.23 20.57 -2.40
C GLU B 21 -9.54 19.31 -1.90
N ARG B 22 -10.26 18.48 -1.16
CA ARG B 22 -9.64 17.25 -0.64
C ARG B 22 -9.42 16.24 -1.75
N VAL B 23 -10.34 16.15 -2.72
CA VAL B 23 -10.11 15.29 -3.87
C VAL B 23 -8.88 15.75 -4.65
N ALA B 24 -8.78 17.06 -4.91
CA ALA B 24 -7.70 17.57 -5.73
C ALA B 24 -6.35 17.38 -5.05
N ARG B 25 -6.30 17.57 -3.74
CA ARG B 25 -5.05 17.33 -3.02
C ARG B 25 -4.67 15.86 -3.04
N LEU B 26 -5.65 14.97 -2.88
CA LEU B 26 -5.33 13.53 -2.90
C LEU B 26 -4.78 13.11 -4.24
N VAL B 27 -5.42 13.53 -5.34
CA VAL B 27 -4.93 13.09 -6.64
C VAL B 27 -3.59 13.72 -6.98
N ALA B 28 -3.29 14.85 -6.34
CA ALA B 28 -2.01 15.51 -6.55
C ALA B 28 -0.86 14.74 -5.89
N ILE B 29 -1.09 14.10 -4.75
CA ILE B 29 -0.01 13.46 -4.00
C ILE B 29 -0.09 11.94 -3.98
N ASP B 30 -1.14 11.34 -4.53
CA ASP B 30 -1.35 9.90 -4.40
C ASP B 30 -1.57 9.28 -5.77
N PRO B 31 -0.52 8.70 -6.37
CA PRO B 31 -0.64 8.17 -7.74
C PRO B 31 -1.70 7.11 -7.92
N GLN B 32 -1.91 6.26 -6.90
CA GLN B 32 -2.91 5.22 -7.03
C GLN B 32 -4.30 5.82 -7.15
N ALA B 33 -4.62 6.79 -6.30
CA ALA B 33 -5.93 7.44 -6.38
C ALA B 33 -6.09 8.21 -7.69
N ALA B 34 -5.03 8.90 -8.15
CA ALA B 34 -5.14 9.65 -9.40
C ALA B 34 -5.47 8.74 -10.57
N ALA B 35 -4.92 7.52 -10.57
CA ALA B 35 -5.17 6.60 -11.66
C ALA B 35 -6.55 5.97 -11.59
N ALA B 36 -7.27 6.12 -10.48
CA ALA B 36 -8.57 5.53 -10.30
C ALA B 36 -9.71 6.50 -10.61
N VAL B 37 -9.39 7.71 -11.07
CA VAL B 37 -10.43 8.69 -11.40
C VAL B 37 -11.27 8.18 -12.57
N PRO B 38 -12.60 8.31 -12.51
CA PRO B 38 -13.45 7.83 -13.60
C PRO B 38 -13.09 8.47 -14.94
N ASP B 39 -13.42 7.74 -16.01
CA ASP B 39 -13.21 8.20 -17.38
C ASP B 39 -14.58 8.47 -17.97
N LYS B 40 -14.97 9.75 -18.06
CA LYS B 40 -16.31 10.08 -18.53
C LYS B 40 -16.63 9.45 -19.88
N ALA B 41 -15.62 9.27 -20.73
CA ALA B 41 -15.87 8.74 -22.07
C ALA B 41 -16.30 7.28 -22.02
N VAL B 42 -15.69 6.49 -21.13
CA VAL B 42 -16.13 5.10 -20.97
C VAL B 42 -17.60 5.05 -20.58
N ALA B 43 -17.99 5.84 -19.57
CA ALA B 43 -19.36 5.78 -19.09
C ALA B 43 -20.35 6.25 -20.16
N GLU B 44 -20.01 7.31 -20.89
CA GLU B 44 -20.91 7.78 -21.94
C GLU B 44 -21.16 6.69 -22.98
N ARG B 45 -20.11 5.95 -23.36
CA ARG B 45 -20.25 4.86 -24.32
C ARG B 45 -21.11 3.74 -23.75
N ALA B 46 -20.81 3.32 -22.51
CA ALA B 46 -21.43 2.14 -21.95
C ALA B 46 -22.92 2.33 -21.62
N THR B 47 -23.36 3.56 -21.40
CA THR B 47 -24.73 3.80 -20.95
C THR B 47 -25.66 4.29 -22.05
N GLN B 48 -25.23 4.21 -23.32
CA GLN B 48 -26.12 4.65 -24.39
C GLN B 48 -27.41 3.81 -24.39
N GLN B 49 -28.50 4.45 -24.81
CA GLN B 49 -29.83 3.84 -24.72
C GLN B 49 -29.95 2.56 -25.54
N GLY B 50 -29.18 2.44 -26.62
CA GLY B 50 -29.35 1.31 -27.49
C GLY B 50 -28.67 0.03 -27.03
N LEU B 51 -27.84 0.11 -26.00
CA LEU B 51 -27.10 -1.07 -25.53
C LEU B 51 -27.92 -1.86 -24.53
N ARG B 52 -27.88 -3.18 -24.68
CA ARG B 52 -28.44 -4.08 -23.67
C ARG B 52 -27.47 -4.21 -22.49
N LEU B 53 -27.97 -4.78 -21.39
CA LEU B 53 -27.18 -4.86 -20.15
C LEU B 53 -25.84 -5.56 -20.38
N ALA B 54 -25.85 -6.70 -21.09
CA ALA B 54 -24.60 -7.41 -21.32
C ALA B 54 -23.59 -6.53 -22.06
N GLN B 55 -24.08 -5.76 -23.03
CA GLN B 55 -23.18 -4.89 -23.79
C GLN B 55 -22.67 -3.73 -22.93
N ARG B 56 -23.53 -3.18 -22.06
CA ARG B 56 -23.08 -2.14 -21.12
C ARG B 56 -21.93 -2.65 -20.25
N ILE B 57 -22.08 -3.85 -19.70
CA ILE B 57 -21.00 -4.41 -18.87
C ILE B 57 -19.73 -4.56 -19.69
N GLU B 58 -19.85 -5.12 -20.90
CA GLU B 58 -18.64 -5.30 -21.70
C GLU B 58 -17.98 -3.97 -22.02
N ALA B 59 -18.79 -2.93 -22.29
CA ALA B 59 -18.22 -1.60 -22.60
C ALA B 59 -17.47 -1.03 -21.40
N PHE B 60 -18.03 -1.19 -20.19
CA PHE B 60 -17.33 -0.73 -18.99
C PHE B 60 -16.02 -1.49 -18.79
N LEU B 61 -16.07 -2.83 -18.82
CA LEU B 61 -14.88 -3.60 -18.48
C LEU B 61 -13.81 -3.44 -19.54
N SER B 62 -14.19 -3.46 -20.81
CA SER B 62 -13.17 -3.28 -21.84
C SER B 62 -12.66 -1.85 -21.86
N GLY B 63 -13.51 -0.88 -21.51
CA GLY B 63 -13.08 0.51 -21.55
C GLY B 63 -12.01 0.84 -20.55
N TYR B 64 -12.00 0.15 -19.41
CA TYR B 64 -10.99 0.44 -18.40
C TYR B 64 -9.75 -0.43 -18.53
N GLY B 65 -9.67 -1.23 -19.59
CA GLY B 65 -8.38 -1.77 -20.00
C GLY B 65 -7.67 -2.55 -18.92
N ASP B 66 -6.46 -2.12 -18.57
CA ASP B 66 -5.64 -2.87 -17.62
C ASP B 66 -5.60 -2.24 -16.23
N ARG B 67 -6.52 -1.31 -15.93
CA ARG B 67 -6.67 -0.86 -14.56
C ARG B 67 -6.94 -2.04 -13.63
N PRO B 68 -6.52 -1.96 -12.37
CA PRO B 68 -6.95 -2.96 -11.38
C PRO B 68 -8.44 -2.82 -11.07
N ALA B 69 -9.18 -3.92 -11.16
CA ALA B 69 -10.62 -3.89 -10.91
C ALA B 69 -11.01 -4.45 -9.55
N LEU B 70 -10.46 -5.61 -9.19
CA LEU B 70 -10.82 -6.31 -7.97
C LEU B 70 -9.55 -6.78 -7.28
N ALA B 71 -9.61 -6.86 -5.96
CA ALA B 71 -8.47 -7.25 -5.16
C ALA B 71 -8.91 -8.25 -4.10
N GLN B 72 -8.12 -9.30 -3.91
CA GLN B 72 -8.37 -10.30 -2.90
C GLN B 72 -7.09 -10.56 -2.13
N ARG B 73 -7.23 -10.84 -0.83
CA ARG B 73 -6.03 -11.12 -0.04
C ARG B 73 -5.27 -12.29 -0.65
N ALA B 74 -3.96 -12.15 -0.74
CA ALA B 74 -3.14 -13.25 -1.17
C ALA B 74 -3.03 -14.29 -0.06
N PHE B 75 -2.65 -15.51 -0.41
CA PHE B 75 -2.39 -16.53 0.61
C PHE B 75 -1.24 -17.41 0.17
N GLU B 76 -0.70 -18.15 1.13
CA GLU B 76 0.36 -19.11 0.92
C GLU B 76 -0.09 -20.47 1.44
N ILE B 77 0.45 -21.52 0.87
CA ILE B 77 0.15 -22.88 1.27
C ILE B 77 1.38 -23.41 1.98
N THR B 78 1.22 -23.86 3.22
CA THR B 78 2.32 -24.44 3.96
C THR B 78 1.90 -25.78 4.55
N LYS B 79 2.87 -26.64 4.80
CA LYS B 79 2.58 -27.95 5.37
C LYS B 79 2.67 -27.85 6.89
N ASP B 80 1.61 -28.28 7.58
CA ASP B 80 1.67 -28.40 9.02
C ASP B 80 2.86 -29.29 9.40
N PRO B 81 3.76 -28.84 10.27
CA PRO B 81 4.94 -29.64 10.58
C PRO B 81 4.64 -30.93 11.35
N ILE B 82 3.46 -31.06 11.96
CA ILE B 82 3.10 -32.28 12.69
C ILE B 82 2.34 -33.26 11.79
N THR B 83 1.29 -32.81 11.10
CA THR B 83 0.46 -33.72 10.34
C THR B 83 0.75 -33.71 8.85
N GLY B 84 1.53 -32.75 8.36
CA GLY B 84 1.79 -32.64 6.94
C GLY B 84 0.63 -32.12 6.13
N ARG B 85 -0.43 -31.65 6.78
CA ARG B 85 -1.60 -31.12 6.09
C ARG B 85 -1.26 -29.82 5.38
N ALA B 86 -1.70 -29.70 4.11
CA ALA B 86 -1.47 -28.48 3.32
C ALA B 86 -2.53 -27.44 3.72
N VAL B 87 -2.09 -26.39 4.39
CA VAL B 87 -2.96 -25.38 4.97
C VAL B 87 -2.74 -24.06 4.24
N ALA B 88 -3.81 -23.28 4.08
CA ALA B 88 -3.72 -21.94 3.54
C ALA B 88 -3.62 -20.94 4.69
N THR B 89 -2.76 -19.94 4.52
CA THR B 89 -2.55 -18.88 5.49
C THR B 89 -2.55 -17.56 4.72
N LEU B 90 -3.35 -16.59 5.15
CA LEU B 90 -3.35 -15.31 4.45
C LEU B 90 -1.98 -14.63 4.55
N LEU B 91 -1.61 -13.95 3.50
CA LEU B 91 -0.43 -13.10 3.44
C LEU B 91 -0.84 -11.65 3.63
N PRO B 92 0.09 -10.77 4.08
CA PRO B 92 -0.26 -9.39 4.41
C PRO B 92 -0.29 -8.48 3.19
N LYS B 93 -0.99 -8.93 2.14
CA LYS B 93 -1.11 -8.13 0.94
C LYS B 93 -2.33 -8.57 0.14
N PHE B 94 -2.76 -7.68 -0.75
CA PHE B 94 -3.79 -7.98 -1.73
C PHE B 94 -3.15 -8.19 -3.11
N GLU B 95 -3.76 -9.06 -3.90
CA GLU B 95 -3.42 -9.21 -5.30
C GLU B 95 -4.60 -8.76 -6.16
N THR B 96 -4.31 -8.03 -7.24
CA THR B 96 -5.38 -7.45 -8.04
C THR B 96 -5.62 -8.25 -9.32
N VAL B 97 -6.85 -8.14 -9.81
CA VAL B 97 -7.27 -8.67 -11.11
C VAL B 97 -7.69 -7.46 -11.94
N SER B 98 -7.19 -7.37 -13.16
CA SER B 98 -7.48 -6.20 -14.00
C SER B 98 -8.89 -6.27 -14.59
N TYR B 99 -9.36 -5.14 -15.13
CA TYR B 99 -10.62 -5.17 -15.87
C TYR B 99 -10.54 -6.16 -17.04
N ARG B 100 -9.42 -6.17 -17.74
CA ARG B 100 -9.25 -7.08 -18.87
C ARG B 100 -9.32 -8.54 -18.42
N GLU B 101 -8.65 -8.86 -17.31
CA GLU B 101 -8.66 -10.22 -16.80
C GLU B 101 -10.04 -10.64 -16.31
N LEU B 102 -10.75 -9.72 -15.64
CA LEU B 102 -12.10 -10.03 -15.19
C LEU B 102 -13.02 -10.32 -16.37
N LEU B 103 -12.97 -9.48 -17.41
CA LEU B 103 -13.82 -9.72 -18.57
C LEU B 103 -13.46 -11.02 -19.25
N GLU B 104 -12.17 -11.31 -19.38
CA GLU B 104 -11.74 -12.56 -19.99
C GLU B 104 -12.21 -13.77 -19.16
N ARG B 105 -12.09 -13.71 -17.83
CA ARG B 105 -12.55 -14.83 -17.02
C ARG B 105 -14.04 -15.03 -17.18
N SER B 106 -14.81 -13.94 -17.20
CA SER B 106 -16.26 -14.09 -17.26
C SER B 106 -16.69 -14.63 -18.62
N HIS B 107 -16.04 -14.18 -19.69
CA HIS B 107 -16.29 -14.76 -21.00
C HIS B 107 -15.91 -16.24 -21.05
N ALA B 108 -14.81 -16.61 -20.38
CA ALA B 108 -14.43 -18.02 -20.33
C ALA B 108 -15.51 -18.86 -19.68
N ILE B 109 -16.06 -18.40 -18.55
CA ILE B 109 -17.14 -19.14 -17.89
C ILE B 109 -18.36 -19.23 -18.80
N ALA B 110 -18.74 -18.10 -19.41
CA ALA B 110 -19.91 -18.12 -20.29
C ALA B 110 -19.71 -19.12 -21.43
N SER B 111 -18.55 -19.08 -22.10
CA SER B 111 -18.26 -20.01 -23.18
C SER B 111 -18.37 -21.46 -22.71
N GLU B 112 -17.71 -21.78 -21.60
CA GLU B 112 -17.76 -23.16 -21.13
C GLU B 112 -19.19 -23.60 -20.83
N LEU B 113 -19.96 -22.75 -20.16
CA LEU B 113 -21.32 -23.16 -19.80
C LEU B 113 -22.20 -23.33 -21.01
N ALA B 114 -22.02 -22.49 -22.04
CA ALA B 114 -22.91 -22.53 -23.19
C ALA B 114 -22.58 -23.69 -24.11
N ASN B 115 -21.31 -24.13 -24.13
CA ASN B 115 -20.86 -25.14 -25.08
C ASN B 115 -20.57 -26.50 -24.44
N HIS B 116 -20.94 -26.70 -23.18
CA HIS B 116 -20.69 -27.98 -22.53
C HIS B 116 -21.32 -29.11 -23.34
N ALA B 117 -20.57 -30.19 -23.55
CA ALA B 117 -20.99 -31.22 -24.48
C ALA B 117 -22.21 -32.00 -23.98
N GLU B 118 -22.35 -32.18 -22.65
CA GLU B 118 -23.45 -32.98 -22.12
C GLU B 118 -24.52 -32.18 -21.40
N ALA B 119 -24.17 -31.08 -20.73
CA ALA B 119 -25.13 -30.31 -19.94
C ALA B 119 -24.96 -28.81 -20.22
N PRO B 120 -25.14 -28.40 -21.47
CA PRO B 120 -25.03 -26.97 -21.78
C PRO B 120 -26.20 -26.19 -21.19
N VAL B 121 -25.98 -24.89 -20.99
CA VAL B 121 -27.01 -23.99 -20.49
C VAL B 121 -27.37 -23.02 -21.61
N LYS B 122 -28.62 -22.57 -21.63
CA LYS B 122 -29.07 -21.61 -22.63
C LYS B 122 -29.76 -20.43 -21.97
N ALA B 123 -29.89 -19.36 -22.76
CA ALA B 123 -30.48 -18.11 -22.27
C ALA B 123 -31.83 -18.36 -21.61
N GLY B 124 -32.08 -17.67 -20.50
CA GLY B 124 -33.34 -17.81 -19.80
C GLY B 124 -33.36 -18.89 -18.73
N GLU B 125 -32.37 -19.77 -18.68
CA GLU B 125 -32.36 -20.70 -17.57
C GLU B 125 -31.89 -19.99 -16.29
N PHE B 126 -32.05 -20.65 -15.15
CA PHE B 126 -31.73 -20.07 -13.86
C PHE B 126 -30.46 -20.69 -13.31
N ILE B 127 -29.68 -19.88 -12.61
CA ILE B 127 -28.53 -20.34 -11.85
C ILE B 127 -28.66 -19.82 -10.43
N ALA B 128 -28.58 -20.73 -9.45
CA ALA B 128 -28.63 -20.37 -8.05
C ALA B 128 -27.24 -20.54 -7.45
N THR B 129 -26.88 -19.66 -6.52
CA THR B 129 -25.51 -19.62 -6.01
C THR B 129 -25.51 -19.33 -4.51
N ILE B 130 -24.61 -19.99 -3.77
CA ILE B 130 -24.38 -19.72 -2.36
C ILE B 130 -22.93 -19.30 -2.22
N GLY B 131 -22.70 -18.05 -1.83
CA GLY B 131 -21.34 -17.61 -1.62
C GLY B 131 -21.33 -16.32 -0.82
N PHE B 132 -20.14 -15.75 -0.71
CA PHE B 132 -19.98 -14.52 0.07
C PHE B 132 -19.89 -13.36 -0.92
N THR B 133 -18.69 -12.91 -1.17
CA THR B 133 -18.43 -11.99 -2.26
C THR B 133 -16.94 -12.13 -2.54
N SER B 134 -16.58 -12.20 -3.82
CA SER B 134 -15.22 -12.56 -4.17
C SER B 134 -15.00 -12.33 -5.66
N THR B 135 -13.76 -12.48 -6.08
CA THR B 135 -13.46 -12.36 -7.50
C THR B 135 -14.18 -13.44 -8.30
N ASP B 136 -14.14 -14.68 -7.82
CA ASP B 136 -14.84 -15.77 -8.49
C ASP B 136 -16.33 -15.49 -8.56
N TYR B 137 -16.94 -15.09 -7.44
CA TYR B 137 -18.39 -14.91 -7.45
C TYR B 137 -18.75 -13.79 -8.43
N THR B 138 -17.96 -12.72 -8.45
CA THR B 138 -18.20 -11.61 -9.38
C THR B 138 -18.09 -12.10 -10.83
N SER B 139 -17.06 -12.90 -11.14
CA SER B 139 -16.91 -13.46 -12.49
C SER B 139 -18.13 -14.28 -12.89
N LEU B 140 -18.67 -15.07 -11.95
CA LEU B 140 -19.83 -15.90 -12.23
C LEU B 140 -21.09 -15.05 -12.42
N ASP B 141 -21.24 -13.98 -11.63
CA ASP B 141 -22.38 -13.07 -11.82
C ASP B 141 -22.33 -12.42 -13.19
N ILE B 142 -21.16 -11.93 -13.60
CA ILE B 142 -21.05 -11.34 -14.93
C ILE B 142 -21.33 -12.38 -16.01
N ALA B 143 -20.75 -13.57 -15.88
CA ALA B 143 -20.97 -14.62 -16.88
C ALA B 143 -22.46 -14.92 -17.05
N GLY B 144 -23.21 -14.92 -15.96
CA GLY B 144 -24.65 -15.15 -16.06
C GLY B 144 -25.33 -14.10 -16.91
N VAL B 145 -24.89 -12.85 -16.80
CA VAL B 145 -25.48 -11.79 -17.61
C VAL B 145 -25.11 -11.98 -19.07
N LEU B 146 -23.84 -12.31 -19.33
CA LEU B 146 -23.41 -12.54 -20.71
C LEU B 146 -24.22 -13.65 -21.35
N LEU B 147 -24.55 -14.69 -20.57
CA LEU B 147 -25.32 -15.81 -21.08
C LEU B 147 -26.83 -15.57 -21.09
N GLY B 148 -27.32 -14.55 -20.39
CA GLY B 148 -28.76 -14.33 -20.32
C GLY B 148 -29.46 -15.23 -19.33
N LEU B 149 -28.72 -15.72 -18.34
CA LEU B 149 -29.33 -16.52 -17.29
C LEU B 149 -30.05 -15.61 -16.30
N THR B 150 -30.97 -16.18 -15.53
CA THR B 150 -31.48 -15.50 -14.35
C THR B 150 -30.69 -15.97 -13.14
N SER B 151 -30.01 -15.03 -12.46
CA SER B 151 -29.22 -15.33 -11.26
C SER B 151 -30.08 -15.29 -10.00
N VAL B 152 -29.87 -16.27 -9.12
CA VAL B 152 -30.57 -16.34 -7.83
C VAL B 152 -29.55 -16.50 -6.72
N PRO B 153 -28.99 -15.42 -6.18
CA PRO B 153 -28.03 -15.54 -5.06
C PRO B 153 -28.75 -15.87 -3.77
N LEU B 154 -28.27 -16.88 -3.07
CA LEU B 154 -28.92 -17.41 -1.89
C LEU B 154 -28.15 -17.02 -0.62
N GLN B 155 -28.90 -16.87 0.49
CA GLN B 155 -28.30 -16.46 1.75
C GLN B 155 -27.41 -17.58 2.30
N THR B 156 -26.18 -17.23 2.72
CA THR B 156 -25.27 -18.26 3.21
C THR B 156 -25.70 -18.85 4.55
N GLY B 157 -26.53 -18.14 5.32
CA GLY B 157 -27.00 -18.64 6.58
C GLY B 157 -28.37 -19.25 6.55
N ALA B 158 -28.98 -19.36 5.37
CA ALA B 158 -30.29 -19.99 5.23
C ALA B 158 -30.21 -21.49 5.52
N THR B 159 -31.28 -22.01 6.12
CA THR B 159 -31.40 -23.45 6.34
C THR B 159 -31.62 -24.18 5.02
N THR B 160 -31.33 -25.49 5.01
CA THR B 160 -31.59 -26.26 3.80
C THR B 160 -33.08 -26.31 3.45
N ASP B 161 -33.96 -26.18 4.44
CA ASP B 161 -35.39 -26.09 4.12
C ASP B 161 -35.67 -24.87 3.24
N THR B 162 -35.07 -23.72 3.60
CA THR B 162 -35.28 -22.50 2.83
C THR B 162 -34.63 -22.59 1.45
N LEU B 163 -33.42 -23.13 1.40
CA LEU B 163 -32.72 -23.32 0.13
C LEU B 163 -33.53 -24.20 -0.80
N LYS B 164 -34.04 -25.33 -0.29
CA LYS B 164 -34.81 -26.24 -1.12
C LYS B 164 -36.08 -25.58 -1.63
N ALA B 165 -36.72 -24.74 -0.82
CA ALA B 165 -37.95 -24.09 -1.24
C ALA B 165 -37.69 -23.07 -2.34
N ILE B 166 -36.60 -22.32 -2.24
CA ILE B 166 -36.28 -21.36 -3.31
C ILE B 166 -35.87 -22.11 -4.57
N ALA B 167 -35.07 -23.16 -4.44
CA ALA B 167 -34.66 -23.92 -5.61
C ALA B 167 -35.85 -24.61 -6.27
N GLU B 168 -36.87 -24.99 -5.48
CA GLU B 168 -38.07 -25.54 -6.08
C GLU B 168 -38.80 -24.50 -6.92
N GLU B 169 -38.91 -23.28 -6.39
CA GLU B 169 -39.62 -22.21 -7.10
C GLU B 169 -38.90 -21.79 -8.37
N THR B 170 -37.56 -21.81 -8.38
CA THR B 170 -36.78 -21.27 -9.50
C THR B 170 -36.24 -22.35 -10.43
N ALA B 171 -36.21 -23.60 -10.00
CA ALA B 171 -35.80 -24.73 -10.82
C ALA B 171 -34.47 -24.47 -11.58
N PRO B 172 -33.41 -24.17 -10.84
CA PRO B 172 -32.14 -23.83 -11.52
C PRO B 172 -31.55 -25.04 -12.24
N ALA B 173 -30.93 -24.76 -13.38
CA ALA B 173 -30.20 -25.75 -14.13
C ALA B 173 -28.75 -25.89 -13.68
N VAL B 174 -28.21 -24.84 -13.09
CA VAL B 174 -26.85 -24.81 -12.57
C VAL B 174 -26.91 -24.33 -11.14
N PHE B 175 -26.08 -24.93 -10.28
CA PHE B 175 -25.93 -24.50 -8.90
C PHE B 175 -24.46 -24.16 -8.69
N GLY B 176 -24.20 -23.04 -8.07
CA GLY B 176 -22.83 -22.64 -7.74
C GLY B 176 -22.69 -22.48 -6.25
N ALA B 177 -21.54 -22.86 -5.72
CA ALA B 177 -21.29 -22.62 -4.32
C ALA B 177 -19.81 -22.44 -4.05
N SER B 178 -19.51 -21.57 -3.09
CA SER B 178 -18.15 -21.54 -2.57
C SER B 178 -17.88 -22.83 -1.82
N VAL B 179 -16.59 -23.16 -1.71
CA VAL B 179 -16.18 -24.38 -1.02
C VAL B 179 -16.85 -24.47 0.35
N GLU B 180 -16.91 -23.36 1.08
CA GLU B 180 -17.36 -23.44 2.46
C GLU B 180 -18.85 -23.80 2.58
N HIS B 181 -19.64 -23.60 1.53
CA HIS B 181 -21.06 -23.93 1.56
C HIS B 181 -21.39 -25.12 0.67
N LEU B 182 -20.39 -25.92 0.31
CA LEU B 182 -20.62 -26.96 -0.69
C LEU B 182 -21.53 -28.06 -0.15
N ASP B 183 -21.54 -28.31 1.16
CA ASP B 183 -22.41 -29.37 1.65
C ASP B 183 -23.88 -29.00 1.54
N ASN B 184 -24.24 -27.78 1.96
CA ASN B 184 -25.61 -27.30 1.76
C ASN B 184 -25.96 -27.29 0.28
N ALA B 185 -25.00 -26.93 -0.58
CA ALA B 185 -25.25 -26.96 -2.02
C ALA B 185 -25.59 -28.36 -2.49
N VAL B 186 -24.84 -29.36 -2.01
CA VAL B 186 -25.11 -30.73 -2.46
C VAL B 186 -26.49 -31.19 -1.98
N THR B 187 -26.84 -30.91 -0.72
CA THR B 187 -28.15 -31.29 -0.19
C THR B 187 -29.26 -30.66 -1.02
N THR B 188 -29.11 -29.37 -1.36
CA THR B 188 -30.11 -28.70 -2.18
C THR B 188 -30.18 -29.32 -3.59
N ALA B 189 -29.01 -29.58 -4.19
CA ALA B 189 -29.01 -30.15 -5.54
C ALA B 189 -29.67 -31.53 -5.57
N LEU B 190 -29.45 -32.35 -4.54
CA LEU B 190 -30.00 -33.70 -4.54
C LEU B 190 -31.51 -33.67 -4.52
N ALA B 191 -32.10 -32.64 -3.95
CA ALA B 191 -33.55 -32.54 -3.85
C ALA B 191 -34.15 -31.70 -4.97
N THR B 192 -33.35 -31.29 -5.96
CA THR B 192 -33.76 -30.36 -7.01
C THR B 192 -33.46 -30.97 -8.37
N PRO B 193 -34.42 -31.69 -8.97
CA PRO B 193 -34.11 -32.47 -10.18
C PRO B 193 -33.61 -31.64 -11.35
N SER B 194 -33.96 -30.35 -11.40
CA SER B 194 -33.51 -29.52 -12.52
C SER B 194 -32.02 -29.30 -12.54
N VAL B 195 -31.31 -29.50 -11.42
CA VAL B 195 -29.89 -29.16 -11.39
C VAL B 195 -29.08 -30.18 -12.20
N ARG B 196 -28.30 -29.68 -13.15
CA ARG B 196 -27.45 -30.57 -13.95
C ARG B 196 -25.97 -30.40 -13.66
N ARG B 197 -25.56 -29.26 -13.11
CA ARG B 197 -24.15 -28.99 -12.85
C ARG B 197 -24.01 -28.25 -11.54
N LEU B 198 -22.97 -28.58 -10.79
CA LEU B 198 -22.61 -27.88 -9.57
C LEU B 198 -21.23 -27.28 -9.79
N LEU B 199 -21.12 -25.96 -9.71
CA LEU B 199 -19.85 -25.26 -9.89
C LEU B 199 -19.32 -24.83 -8.53
N VAL B 200 -18.09 -25.21 -8.22
CA VAL B 200 -17.50 -24.93 -6.92
C VAL B 200 -16.54 -23.76 -7.09
N PHE B 201 -16.78 -22.65 -6.41
CA PHE B 201 -15.88 -21.52 -6.60
C PHE B 201 -15.19 -21.17 -5.28
N ASP B 202 -14.32 -20.17 -5.34
CA ASP B 202 -13.35 -19.87 -4.28
C ASP B 202 -12.52 -21.11 -3.95
N TYR B 203 -12.28 -21.95 -4.94
CA TYR B 203 -11.49 -23.16 -4.75
C TYR B 203 -10.01 -22.84 -4.84
N ARG B 204 -9.25 -23.23 -3.82
CA ARG B 204 -7.80 -22.94 -3.75
C ARG B 204 -7.04 -24.23 -4.04
N GLN B 205 -6.45 -24.32 -5.24
CA GLN B 205 -5.73 -25.51 -5.63
C GLN B 205 -4.62 -25.83 -4.64
N GLY B 206 -4.52 -27.09 -4.26
CA GLY B 206 -3.47 -27.53 -3.37
C GLY B 206 -3.76 -27.39 -1.89
N VAL B 207 -4.88 -26.78 -1.51
CA VAL B 207 -5.28 -26.69 -0.11
C VAL B 207 -6.10 -27.93 0.26
N ASP B 208 -5.67 -28.63 1.31
CA ASP B 208 -6.32 -29.90 1.66
C ASP B 208 -7.80 -29.74 1.96
N GLU B 209 -8.19 -28.72 2.72
CA GLU B 209 -9.60 -28.65 3.08
C GLU B 209 -10.48 -28.39 1.87
N ASP B 210 -9.98 -27.67 0.87
CA ASP B 210 -10.76 -27.46 -0.35
C ASP B 210 -10.85 -28.73 -1.18
N ARG B 211 -9.73 -29.45 -1.33
CA ARG B 211 -9.75 -30.70 -2.08
C ARG B 211 -10.72 -31.70 -1.44
N GLU B 212 -10.64 -31.82 -0.13
CA GLU B 212 -11.46 -32.80 0.57
C GLU B 212 -12.94 -32.45 0.46
N ALA B 213 -13.27 -31.16 0.48
CA ALA B 213 -14.68 -30.78 0.36
C ALA B 213 -15.25 -31.15 -1.01
N VAL B 214 -14.45 -30.98 -2.06
CA VAL B 214 -14.92 -31.30 -3.41
C VAL B 214 -15.00 -32.82 -3.59
N GLU B 215 -13.99 -33.56 -3.12
CA GLU B 215 -14.08 -35.00 -3.24
C GLU B 215 -15.26 -35.54 -2.45
N ALA B 216 -15.55 -34.95 -1.28
CA ALA B 216 -16.70 -35.39 -0.49
C ALA B 216 -18.00 -35.11 -1.23
N ALA B 217 -18.12 -33.93 -1.88
CA ALA B 217 -19.31 -33.62 -2.65
C ALA B 217 -19.53 -34.65 -3.76
N ARG B 218 -18.48 -34.95 -4.53
CA ARG B 218 -18.62 -35.92 -5.61
C ARG B 218 -19.04 -37.27 -5.08
N SER B 219 -18.46 -37.70 -3.94
CA SER B 219 -18.83 -38.99 -3.38
C SER B 219 -20.29 -39.02 -2.95
N ARG B 220 -20.77 -37.94 -2.32
CA ARG B 220 -22.18 -37.89 -1.91
C ARG B 220 -23.11 -38.00 -3.10
N LEU B 221 -22.80 -37.28 -4.19
CA LEU B 221 -23.65 -37.33 -5.37
C LEU B 221 -23.65 -38.72 -5.99
N ALA B 222 -22.46 -39.33 -6.13
CA ALA B 222 -22.40 -40.66 -6.72
C ALA B 222 -23.14 -41.67 -5.86
N GLU B 223 -22.98 -41.59 -4.54
CA GLU B 223 -23.68 -42.51 -3.63
C GLU B 223 -25.19 -42.39 -3.76
N ALA B 224 -25.69 -41.21 -4.14
CA ALA B 224 -27.12 -41.00 -4.32
C ALA B 224 -27.57 -41.35 -5.73
N GLY B 225 -26.65 -41.78 -6.59
CA GLY B 225 -27.00 -42.03 -7.97
C GLY B 225 -27.30 -40.78 -8.75
N SER B 226 -26.76 -39.64 -8.34
CA SER B 226 -27.02 -38.38 -9.02
C SER B 226 -26.19 -38.28 -10.29
N ALA B 227 -26.79 -37.70 -11.33
CA ALA B 227 -26.09 -37.40 -12.57
C ALA B 227 -25.39 -36.06 -12.56
N VAL B 228 -25.55 -35.28 -11.48
CA VAL B 228 -24.98 -33.93 -11.40
C VAL B 228 -23.47 -33.94 -11.57
N LEU B 229 -22.96 -33.06 -12.44
CA LEU B 229 -21.53 -32.91 -12.64
C LEU B 229 -20.96 -31.87 -11.68
N VAL B 230 -19.77 -32.13 -11.14
CA VAL B 230 -19.09 -31.20 -10.24
C VAL B 230 -17.80 -30.73 -10.88
N ASP B 231 -17.66 -29.40 -11.07
CA ASP B 231 -16.42 -28.81 -11.55
C ASP B 231 -16.05 -27.62 -10.69
N THR B 232 -14.74 -27.37 -10.54
CA THR B 232 -14.31 -26.13 -9.93
C THR B 232 -14.38 -25.00 -10.95
N LEU B 233 -14.54 -23.78 -10.46
CA LEU B 233 -14.57 -22.65 -11.39
C LEU B 233 -13.20 -22.47 -12.03
N ASP B 234 -12.13 -22.83 -11.30
CA ASP B 234 -10.80 -22.87 -11.89
C ASP B 234 -10.80 -23.70 -13.17
N GLU B 235 -11.36 -24.91 -13.10
CA GLU B 235 -11.42 -25.79 -14.27
C GLU B 235 -12.30 -25.22 -15.37
N VAL B 236 -13.44 -24.64 -15.00
CA VAL B 236 -14.35 -24.08 -15.98
C VAL B 236 -13.66 -22.96 -16.76
N ILE B 237 -12.94 -22.10 -16.06
CA ILE B 237 -12.25 -20.99 -16.72
C ILE B 237 -11.16 -21.51 -17.65
N ALA B 238 -10.36 -22.46 -17.16
CA ALA B 238 -9.29 -23.01 -18.00
C ALA B 238 -9.86 -23.59 -19.30
N ARG B 239 -10.93 -24.38 -19.22
CA ARG B 239 -11.52 -24.91 -20.44
C ARG B 239 -12.05 -23.78 -21.31
N GLY B 240 -12.69 -22.78 -20.70
CA GLY B 240 -13.34 -21.73 -21.46
C GLY B 240 -12.40 -20.81 -22.22
N ARG B 241 -11.18 -20.60 -21.71
CA ARG B 241 -10.28 -19.64 -22.33
C ARG B 241 -10.00 -19.99 -23.79
N ALA B 242 -10.04 -21.27 -24.13
CA ALA B 242 -9.75 -21.73 -25.47
C ALA B 242 -10.98 -21.81 -26.37
N LEU B 243 -12.13 -21.40 -25.88
CA LEU B 243 -13.36 -21.48 -26.64
C LEU B 243 -13.78 -20.10 -27.14
N PRO B 244 -14.54 -20.05 -28.23
CA PRO B 244 -14.99 -18.76 -28.77
C PRO B 244 -15.92 -18.05 -27.80
N ARG B 245 -15.76 -16.73 -27.69
CA ARG B 245 -16.65 -15.94 -26.85
C ARG B 245 -18.09 -16.08 -27.33
N VAL B 246 -19.04 -16.04 -26.39
CA VAL B 246 -20.45 -16.00 -26.76
C VAL B 246 -20.76 -14.63 -27.34
N ALA B 247 -21.77 -14.58 -28.19
CA ALA B 247 -22.19 -13.33 -28.82
C ALA B 247 -23.13 -12.57 -27.90
N LEU B 248 -22.96 -11.25 -27.86
CA LEU B 248 -23.80 -10.37 -27.06
C LEU B 248 -24.68 -9.46 -27.96
N PRO B 249 -25.91 -9.15 -27.52
CA PRO B 249 -26.51 -9.63 -26.27
C PRO B 249 -27.08 -11.01 -26.42
N PRO B 250 -27.37 -11.66 -25.30
CA PRO B 250 -27.96 -13.00 -25.35
C PRO B 250 -29.39 -12.96 -25.85
N ALA B 251 -29.81 -14.07 -26.47
CA ALA B 251 -31.14 -14.21 -27.06
C ALA B 251 -32.17 -14.55 -25.98
N THR B 252 -32.52 -13.54 -25.19
CA THR B 252 -33.54 -13.71 -24.16
C THR B 252 -34.91 -13.37 -24.76
N ASP B 253 -35.96 -13.53 -23.97
CA ASP B 253 -37.29 -13.43 -24.54
C ASP B 253 -37.87 -12.02 -24.48
N ALA B 254 -37.22 -11.07 -23.80
CA ALA B 254 -37.89 -9.78 -23.61
C ALA B 254 -36.97 -8.57 -23.60
N GLY B 255 -35.81 -8.62 -24.23
CA GLY B 255 -34.94 -7.43 -24.31
C GLY B 255 -34.61 -6.88 -22.93
N ASP B 256 -34.67 -5.55 -22.79
CA ASP B 256 -34.42 -4.89 -21.52
C ASP B 256 -35.33 -5.39 -20.40
N ASP B 257 -36.45 -6.02 -20.74
CA ASP B 257 -37.38 -6.51 -19.72
C ASP B 257 -37.14 -7.96 -19.34
N SER B 258 -36.11 -8.61 -19.91
CA SER B 258 -35.80 -9.98 -19.52
C SER B 258 -35.37 -10.05 -18.06
N LEU B 259 -35.75 -11.15 -17.41
CA LEU B 259 -35.46 -11.35 -16.00
C LEU B 259 -34.00 -11.69 -15.80
N SER B 260 -33.27 -10.82 -15.12
CA SER B 260 -31.83 -11.02 -14.95
C SER B 260 -31.45 -11.56 -13.58
N LEU B 261 -32.22 -11.24 -12.55
CA LEU B 261 -31.80 -11.46 -11.18
C LEU B 261 -33.05 -11.57 -10.32
N LEU B 262 -33.05 -12.50 -9.36
CA LEU B 262 -34.03 -12.49 -8.29
C LEU B 262 -33.31 -12.26 -6.98
N ILE B 263 -33.80 -11.31 -6.19
CA ILE B 263 -33.24 -10.99 -4.88
C ILE B 263 -34.27 -11.42 -3.85
N TYR B 264 -34.00 -12.55 -3.19
CA TYR B 264 -34.87 -13.08 -2.15
C TYR B 264 -34.55 -12.42 -0.81
N THR B 265 -35.58 -12.20 -0.01
CA THR B 265 -35.41 -11.68 1.34
C THR B 265 -35.03 -12.82 2.30
N SER B 266 -34.86 -12.48 3.57
CA SER B 266 -34.55 -13.49 4.58
C SER B 266 -35.84 -14.17 5.07
N GLY B 270 -44.03 -15.83 4.80
CA GLY B 270 -43.88 -17.21 4.38
C GLY B 270 -42.49 -17.50 3.88
N THR B 271 -42.37 -18.39 2.88
CA THR B 271 -41.10 -18.58 2.21
C THR B 271 -40.58 -17.20 1.79
N PRO B 272 -39.27 -16.98 1.78
CA PRO B 272 -38.77 -15.73 1.23
C PRO B 272 -39.40 -15.48 -0.13
N LYS B 273 -39.59 -14.20 -0.44
CA LYS B 273 -40.13 -13.80 -1.72
C LYS B 273 -39.01 -13.24 -2.58
N GLY B 274 -39.07 -13.51 -3.87
CA GLY B 274 -38.01 -13.13 -4.78
C GLY B 274 -38.35 -11.87 -5.55
N ALA B 275 -37.65 -10.79 -5.26
CA ALA B 275 -37.91 -9.53 -5.97
C ALA B 275 -37.35 -9.58 -7.38
N MET B 276 -38.18 -9.33 -8.37
CA MET B 276 -37.75 -9.48 -9.75
C MET B 276 -36.92 -8.27 -10.18
N TYR B 277 -35.74 -8.54 -10.75
CA TYR B 277 -34.83 -7.52 -11.27
C TYR B 277 -34.65 -7.76 -12.77
N PRO B 278 -35.44 -7.11 -13.64
CA PRO B 278 -35.17 -7.19 -15.08
C PRO B 278 -33.85 -6.54 -15.42
N GLU B 279 -33.34 -6.85 -16.62
CA GLU B 279 -32.08 -6.25 -17.10
C GLU B 279 -32.04 -4.74 -16.87
N ARG B 280 -33.13 -4.04 -17.19
CA ARG B 280 -33.08 -2.58 -17.09
C ARG B 280 -32.85 -2.12 -15.66
N ASN B 281 -33.28 -2.91 -14.68
CA ASN B 281 -33.05 -2.50 -13.30
C ASN B 281 -31.68 -2.96 -12.79
N VAL B 282 -31.16 -4.08 -13.28
CA VAL B 282 -29.77 -4.43 -13.01
C VAL B 282 -28.84 -3.40 -13.62
N ALA B 283 -29.20 -2.85 -14.77
CA ALA B 283 -28.34 -1.86 -15.41
C ALA B 283 -28.11 -0.63 -14.52
N GLN B 284 -29.08 -0.31 -13.65
CA GLN B 284 -28.91 0.85 -12.78
C GLN B 284 -27.72 0.70 -11.82
N PHE B 285 -27.36 -0.53 -11.47
CA PHE B 285 -26.18 -0.75 -10.64
C PHE B 285 -24.91 -0.41 -11.39
N TRP B 286 -24.94 -0.51 -12.72
CA TRP B 286 -23.76 -0.31 -13.56
C TRP B 286 -23.76 1.11 -14.13
N GLY B 287 -23.39 2.03 -13.25
CA GLY B 287 -23.31 3.42 -13.67
C GLY B 287 -24.63 4.12 -13.80
N GLY B 288 -25.71 3.53 -13.29
CA GLY B 288 -27.03 4.13 -13.30
C GLY B 288 -27.32 4.86 -11.99
N ILE B 289 -28.61 4.94 -11.67
CA ILE B 289 -29.06 5.86 -10.64
C ILE B 289 -28.61 5.48 -9.24
N TRP B 290 -28.14 4.25 -9.02
CA TRP B 290 -27.62 3.90 -7.71
C TRP B 290 -26.37 4.69 -7.32
N HIS B 291 -25.70 5.37 -8.28
CA HIS B 291 -24.55 6.14 -7.81
C HIS B 291 -24.96 7.36 -7.01
N ASN B 292 -26.26 7.57 -6.80
CA ASN B 292 -26.80 8.64 -5.96
C ASN B 292 -27.38 8.13 -4.65
N ALA B 293 -27.23 6.83 -4.36
CA ALA B 293 -27.76 6.30 -3.12
C ALA B 293 -27.07 6.90 -1.90
N PHE B 294 -25.73 6.99 -1.93
CA PHE B 294 -24.98 7.34 -0.73
C PHE B 294 -23.97 8.45 -0.98
N ASP B 295 -24.10 9.17 -2.09
CA ASP B 295 -23.14 10.17 -2.52
C ASP B 295 -23.81 10.99 -3.62
N ASP B 296 -23.14 12.06 -4.04
CA ASP B 296 -23.53 12.83 -5.22
C ASP B 296 -22.73 12.32 -6.42
N GLY B 297 -23.23 11.25 -7.01
CA GLY B 297 -22.58 10.65 -8.17
C GLY B 297 -22.88 11.30 -9.50
N ASP B 298 -23.90 12.17 -9.54
CA ASP B 298 -24.30 12.83 -10.79
C ASP B 298 -23.49 14.08 -11.07
N SER B 299 -23.11 14.82 -10.03
CA SER B 299 -22.28 15.99 -10.19
C SER B 299 -21.73 16.37 -8.82
N ALA B 300 -20.58 15.81 -8.45
CA ALA B 300 -20.07 16.07 -7.10
C ALA B 300 -19.03 17.20 -7.09
N PRO B 301 -17.72 16.94 -7.26
CA PRO B 301 -16.57 16.12 -7.73
C PRO B 301 -16.68 14.63 -8.03
N ASP B 302 -15.90 14.18 -9.00
CA ASP B 302 -15.73 12.76 -9.32
C ASP B 302 -14.67 12.18 -8.41
N VAL B 303 -15.10 11.46 -7.38
CA VAL B 303 -14.21 10.92 -6.36
C VAL B 303 -13.62 9.60 -6.84
N PRO B 304 -12.29 9.44 -6.83
CA PRO B 304 -11.74 8.10 -7.11
C PRO B 304 -12.34 7.11 -6.14
N ASP B 305 -12.73 5.95 -6.65
CA ASP B 305 -13.55 4.99 -5.91
C ASP B 305 -12.71 3.74 -5.62
N ILE B 306 -11.99 3.77 -4.51
CA ILE B 306 -11.27 2.60 -3.98
C ILE B 306 -11.99 2.18 -2.71
N MET B 307 -12.63 1.01 -2.73
CA MET B 307 -13.58 0.63 -1.70
C MET B 307 -13.32 -0.77 -1.19
N VAL B 308 -13.55 -0.99 0.10
CA VAL B 308 -13.57 -2.32 0.68
C VAL B 308 -15.01 -2.81 0.73
N ASN B 309 -15.27 -4.02 0.23
CA ASN B 309 -16.62 -4.55 0.23
C ASN B 309 -16.71 -5.75 1.19
N PHE B 310 -17.60 -5.64 2.19
CA PHE B 310 -17.82 -6.70 3.16
C PHE B 310 -19.24 -7.25 3.12
N MET B 311 -20.10 -6.76 2.20
CA MET B 311 -21.51 -7.13 2.03
C MET B 311 -21.63 -8.31 1.07
N PRO B 312 -22.32 -9.38 1.44
CA PRO B 312 -22.51 -10.48 0.48
C PRO B 312 -23.24 -10.03 -0.77
N LEU B 313 -22.89 -10.66 -1.89
CA LEU B 313 -23.54 -10.37 -3.15
C LEU B 313 -25.04 -10.64 -3.11
N SER B 314 -25.51 -11.53 -2.23
CA SER B 314 -26.94 -11.81 -2.09
C SER B 314 -27.75 -10.61 -1.61
N HIS B 315 -27.09 -9.55 -1.15
CA HIS B 315 -27.78 -8.37 -0.67
C HIS B 315 -27.57 -7.22 -1.65
N VAL B 316 -28.61 -6.41 -1.87
CA VAL B 316 -28.50 -5.33 -2.85
C VAL B 316 -27.34 -4.39 -2.50
N ALA B 317 -27.03 -4.23 -1.20
CA ALA B 317 -25.95 -3.32 -0.84
C ALA B 317 -24.59 -3.84 -1.27
N GLY B 318 -24.40 -5.15 -1.24
CA GLY B 318 -23.18 -5.73 -1.81
C GLY B 318 -23.03 -5.37 -3.29
N ARG B 319 -24.16 -5.33 -4.01
CA ARG B 319 -24.16 -5.03 -5.44
C ARG B 319 -23.86 -3.57 -5.73
N ILE B 320 -24.49 -2.67 -4.97
CA ILE B 320 -24.31 -1.24 -5.18
C ILE B 320 -22.83 -0.87 -5.20
N GLY B 321 -22.09 -1.30 -4.18
CA GLY B 321 -20.71 -0.86 -4.08
C GLY B 321 -19.83 -1.53 -5.10
N LEU B 322 -20.06 -2.82 -5.34
CA LEU B 322 -19.22 -3.61 -6.24
C LEU B 322 -19.41 -3.16 -7.69
N MET B 323 -20.65 -3.17 -8.16
CA MET B 323 -20.91 -2.65 -9.50
C MET B 323 -20.63 -1.17 -9.60
N GLY B 324 -20.70 -0.45 -8.47
CA GLY B 324 -20.33 0.95 -8.46
C GLY B 324 -18.88 1.18 -8.84
N THR B 325 -17.95 0.45 -8.21
CA THR B 325 -16.53 0.64 -8.54
C THR B 325 -16.21 0.14 -9.93
N LEU B 326 -16.82 -0.97 -10.34
CA LEU B 326 -16.57 -1.50 -11.66
C LEU B 326 -17.04 -0.52 -12.74
N SER B 327 -18.12 0.19 -12.50
CA SER B 327 -18.64 1.10 -13.52
C SER B 327 -18.04 2.49 -13.43
N SER B 328 -17.15 2.75 -12.47
CA SER B 328 -16.45 4.03 -12.37
C SER B 328 -14.93 3.88 -12.52
N GLY B 329 -14.45 2.73 -12.93
CA GLY B 329 -13.02 2.57 -13.14
C GLY B 329 -12.21 2.53 -11.86
N GLY B 330 -12.86 2.28 -10.71
CA GLY B 330 -12.17 2.18 -9.43
C GLY B 330 -11.78 0.75 -9.12
N THR B 331 -11.66 0.44 -7.83
CA THR B 331 -11.22 -0.89 -7.40
C THR B 331 -11.98 -1.30 -6.15
N THR B 332 -12.49 -2.53 -6.14
CA THR B 332 -13.09 -3.14 -4.95
C THR B 332 -12.11 -4.12 -4.31
N TYR B 333 -11.86 -3.93 -3.03
CA TYR B 333 -11.07 -4.85 -2.22
C TYR B 333 -12.04 -5.72 -1.41
N PHE B 334 -11.98 -7.04 -1.60
CA PHE B 334 -12.89 -7.92 -0.87
C PHE B 334 -12.35 -8.20 0.52
N ILE B 335 -13.22 -8.07 1.53
CA ILE B 335 -12.81 -8.49 2.86
C ILE B 335 -12.49 -9.98 2.82
N ALA B 336 -11.47 -10.39 3.58
CA ALA B 336 -10.96 -11.75 3.43
C ALA B 336 -11.89 -12.82 4.01
N LYS B 337 -12.71 -12.48 5.02
CA LYS B 337 -13.56 -13.47 5.67
C LYS B 337 -14.91 -12.87 6.03
N SER B 338 -15.97 -13.67 5.83
CA SER B 338 -17.33 -13.17 6.08
C SER B 338 -17.56 -12.81 7.55
N ASP B 339 -16.91 -13.53 8.47
CA ASP B 339 -17.16 -13.25 9.88
C ASP B 339 -16.52 -11.95 10.37
N LEU B 340 -15.86 -11.21 9.48
CA LEU B 340 -15.30 -9.90 9.78
C LEU B 340 -14.06 -9.97 10.65
N SER B 341 -13.47 -11.16 10.84
CA SER B 341 -12.31 -11.28 11.72
C SER B 341 -11.07 -10.57 11.15
N THR B 342 -11.02 -10.32 9.85
CA THR B 342 -9.91 -9.61 9.23
C THR B 342 -10.23 -8.15 8.91
N PHE B 343 -11.29 -7.60 9.50
CA PHE B 343 -11.81 -6.29 9.10
C PHE B 343 -10.74 -5.21 9.12
N PHE B 344 -10.07 -5.02 10.27
CA PHE B 344 -9.13 -3.92 10.40
C PHE B 344 -7.84 -4.19 9.62
N GLU B 345 -7.39 -5.44 9.58
CA GLU B 345 -6.28 -5.77 8.69
C GLU B 345 -6.58 -5.36 7.26
N ASP B 346 -7.77 -5.70 6.77
CA ASP B 346 -8.08 -5.47 5.37
C ASP B 346 -8.20 -3.98 5.05
N TYR B 347 -8.89 -3.20 5.89
CA TYR B 347 -8.95 -1.76 5.67
C TYR B 347 -7.57 -1.11 5.79
N SER B 348 -6.74 -1.61 6.69
CA SER B 348 -5.41 -1.00 6.82
C SER B 348 -4.52 -1.31 5.63
N LEU B 349 -4.79 -2.41 4.93
CA LEU B 349 -4.03 -2.73 3.72
C LEU B 349 -4.62 -2.02 2.50
N ALA B 350 -5.95 -1.95 2.42
CA ALA B 350 -6.58 -1.41 1.22
C ALA B 350 -6.61 0.11 1.23
N ARG B 351 -6.80 0.71 2.40
CA ARG B 351 -6.78 2.16 2.56
C ARG B 351 -7.79 2.81 1.64
N PRO B 352 -9.07 2.44 1.78
CA PRO B 352 -10.10 2.93 0.87
C PRO B 352 -10.27 4.44 0.91
N THR B 353 -10.74 4.95 -0.23
CA THR B 353 -11.04 6.35 -0.39
C THR B 353 -12.53 6.64 -0.17
N LYS B 354 -13.40 5.62 -0.32
CA LYS B 354 -14.82 5.74 -0.07
C LYS B 354 -15.25 4.60 0.84
N LEU B 355 -16.04 4.92 1.85
CA LEU B 355 -16.52 3.94 2.82
C LEU B 355 -18.01 3.72 2.65
N PHE B 356 -18.43 2.46 2.77
CA PHE B 356 -19.85 2.17 2.97
C PHE B 356 -19.94 1.32 4.22
N PHE B 357 -20.55 1.86 5.26
CA PHE B 357 -20.80 1.11 6.48
C PHE B 357 -22.30 0.82 6.60
N VAL B 358 -22.61 -0.16 7.44
CA VAL B 358 -23.96 -0.34 7.96
C VAL B 358 -23.86 -0.22 9.47
N PRO B 359 -24.98 -0.01 10.17
CA PRO B 359 -24.90 0.25 11.61
C PRO B 359 -24.18 -0.84 12.40
N ARG B 360 -24.34 -2.12 12.06
CA ARG B 360 -23.65 -3.12 12.88
C ARG B 360 -22.14 -3.00 12.72
N ILE B 361 -21.66 -2.49 11.58
CA ILE B 361 -20.23 -2.23 11.45
C ILE B 361 -19.82 -1.03 12.29
N CYS B 362 -20.63 0.04 12.27
CA CYS B 362 -20.33 1.20 13.12
C CYS B 362 -20.31 0.83 14.60
N GLU B 363 -21.23 -0.02 15.03
CA GLU B 363 -21.21 -0.50 16.41
C GLU B 363 -19.92 -1.28 16.68
N MET B 364 -19.51 -2.13 15.74
CA MET B 364 -18.27 -2.87 15.90
C MET B 364 -17.10 -1.92 16.11
N ILE B 365 -17.05 -0.84 15.33
CA ILE B 365 -15.94 0.11 15.43
C ILE B 365 -15.99 0.85 16.75
N TYR B 366 -17.18 1.28 17.16
CA TYR B 366 -17.30 1.95 18.45
C TYR B 366 -16.88 1.02 19.59
N GLN B 367 -17.28 -0.25 19.52
CA GLN B 367 -16.87 -1.22 20.55
C GLN B 367 -15.36 -1.35 20.62
N HIS B 368 -14.70 -1.41 19.46
CA HIS B 368 -13.25 -1.45 19.43
C HIS B 368 -12.66 -0.24 20.14
N TYR B 369 -13.18 0.96 19.83
CA TYR B 369 -12.73 2.17 20.52
C TYR B 369 -12.91 2.03 22.03
N GLN B 370 -14.11 1.66 22.46
CA GLN B 370 -14.36 1.52 23.89
C GLN B 370 -13.47 0.46 24.54
N SER B 371 -13.15 -0.60 23.80
CA SER B 371 -12.28 -1.64 24.34
C SER B 371 -10.85 -1.14 24.53
N GLU B 372 -10.37 -0.30 23.61
CA GLU B 372 -9.03 0.29 23.78
C GLU B 372 -9.02 1.30 24.93
N LEU B 373 -10.07 2.12 25.02
CA LEU B 373 -10.21 3.03 26.16
C LEU B 373 -10.04 2.30 27.48
N ASP B 374 -10.71 1.16 27.63
CA ASP B 374 -10.71 0.45 28.91
C ASP B 374 -9.38 -0.25 29.14
N ARG B 375 -8.88 -0.96 28.13
CA ARG B 375 -7.57 -1.60 28.27
C ARG B 375 -6.53 -0.59 28.71
N ILE B 376 -6.59 0.63 28.16
CA ILE B 376 -5.59 1.64 28.44
C ILE B 376 -5.93 2.49 29.67
N GLY B 377 -7.19 2.47 30.12
CA GLY B 377 -7.59 3.21 31.29
C GLY B 377 -7.91 4.68 31.08
N ALA B 378 -8.13 5.11 29.85
CA ALA B 378 -8.36 6.51 29.52
C ALA B 378 -9.85 6.83 29.47
N ALA B 379 -10.17 8.10 29.69
CA ALA B 379 -11.54 8.60 29.67
C ALA B 379 -11.86 9.18 28.30
N ASP B 380 -13.15 9.18 27.96
CA ASP B 380 -13.62 9.77 26.73
C ASP B 380 -13.39 11.27 26.69
N GLY B 381 -12.69 11.74 25.66
CA GLY B 381 -12.35 13.14 25.53
C GLY B 381 -10.94 13.49 25.95
N SER B 382 -10.22 12.55 26.57
CA SER B 382 -8.86 12.80 26.99
C SER B 382 -7.93 12.79 25.78
N PRO B 383 -6.71 13.31 25.93
CA PRO B 383 -5.74 13.19 24.81
C PRO B 383 -5.54 11.76 24.35
N GLN B 384 -5.35 10.82 25.29
CA GLN B 384 -5.18 9.42 24.90
C GLN B 384 -6.38 8.90 24.12
N ALA B 385 -7.59 9.31 24.49
CA ALA B 385 -8.78 8.92 23.74
C ALA B 385 -8.73 9.47 22.32
N GLU B 386 -8.39 10.74 22.17
CA GLU B 386 -8.31 11.31 20.84
C GLU B 386 -7.22 10.63 20.00
N ALA B 387 -6.14 10.16 20.64
CA ALA B 387 -5.11 9.45 19.89
C ALA B 387 -5.61 8.10 19.39
N ILE B 388 -6.55 7.48 20.11
CA ILE B 388 -7.15 6.23 19.63
C ILE B 388 -8.01 6.49 18.41
N LYS B 389 -8.81 7.57 18.43
CA LYS B 389 -9.57 7.94 17.25
C LYS B 389 -8.65 8.26 16.08
N THR B 390 -7.58 9.00 16.32
CA THR B 390 -6.66 9.32 15.23
C THR B 390 -6.06 8.06 14.61
N GLU B 391 -5.64 7.11 15.44
CA GLU B 391 -5.10 5.86 14.91
C GLU B 391 -6.15 5.11 14.09
N LEU B 392 -7.40 5.11 14.56
CA LEU B 392 -8.49 4.47 13.81
C LEU B 392 -8.61 5.07 12.43
N ARG B 393 -8.62 6.40 12.35
CA ARG B 393 -8.81 7.08 11.08
C ARG B 393 -7.60 6.92 10.18
N GLU B 394 -6.39 7.15 10.71
CA GLU B 394 -5.21 7.26 9.85
C GLU B 394 -4.51 5.92 9.60
N LYS B 395 -4.59 4.96 10.52
CA LYS B 395 -3.90 3.68 10.40
C LYS B 395 -4.84 2.52 10.12
N LEU B 396 -5.75 2.22 11.04
CA LEU B 396 -6.57 1.02 10.89
C LEU B 396 -7.54 1.15 9.72
N LEU B 397 -8.08 2.34 9.48
CA LEU B 397 -8.94 2.58 8.33
C LEU B 397 -8.21 3.19 7.13
N GLY B 398 -6.91 3.47 7.24
CA GLY B 398 -6.08 3.76 6.10
C GLY B 398 -5.76 5.23 5.85
N GLY B 399 -6.51 6.15 6.46
CA GLY B 399 -6.16 7.55 6.36
C GLY B 399 -6.48 8.24 5.04
N ARG B 400 -7.10 7.56 4.07
CA ARG B 400 -7.40 8.17 2.78
C ARG B 400 -8.88 8.42 2.55
N VAL B 401 -9.72 8.28 3.59
CA VAL B 401 -11.16 8.34 3.37
C VAL B 401 -11.58 9.75 2.98
N LEU B 402 -12.23 9.88 1.82
CA LEU B 402 -12.78 11.13 1.33
C LEU B 402 -14.27 11.26 1.61
N THR B 403 -15.04 10.18 1.43
CA THR B 403 -16.48 10.18 1.62
C THR B 403 -16.90 8.91 2.34
N ALA B 404 -18.04 8.98 3.01
CA ALA B 404 -18.53 7.85 3.78
C ALA B 404 -20.06 7.85 3.74
N GLY B 405 -20.64 6.67 3.50
CA GLY B 405 -22.07 6.51 3.52
C GLY B 405 -22.46 5.33 4.40
N SER B 406 -23.73 5.33 4.80
CA SER B 406 -24.31 4.30 5.64
C SER B 406 -25.76 4.11 5.24
N GLY B 407 -26.26 2.92 5.48
CA GLY B 407 -27.66 2.63 5.19
C GLY B 407 -28.00 1.22 5.62
N SER B 408 -29.20 0.81 5.21
CA SER B 408 -29.76 -0.52 5.40
C SER B 408 -30.46 -0.66 6.76
N ALA B 409 -30.20 0.24 7.71
CA ALA B 409 -30.85 0.13 9.01
C ALA B 409 -30.70 1.47 9.73
N PRO B 410 -31.49 1.71 10.77
CA PRO B 410 -31.39 2.99 11.48
C PRO B 410 -30.13 3.08 12.31
N MET B 411 -29.71 4.31 12.57
CA MET B 411 -28.56 4.53 13.42
C MET B 411 -28.83 5.69 14.38
N SER B 412 -28.33 5.57 15.61
CA SER B 412 -28.57 6.61 16.58
C SER B 412 -27.75 7.86 16.25
N PRO B 413 -28.29 9.05 16.52
CA PRO B 413 -27.45 10.26 16.40
C PRO B 413 -26.12 10.14 17.11
N GLU B 414 -26.10 9.50 18.29
CA GLU B 414 -24.85 9.44 19.04
C GLU B 414 -23.82 8.56 18.33
N LEU B 415 -24.27 7.47 17.69
CA LEU B 415 -23.34 6.64 16.93
C LEU B 415 -22.87 7.37 15.67
N THR B 416 -23.80 8.04 14.98
CA THR B 416 -23.42 8.84 13.82
C THR B 416 -22.38 9.88 14.18
N ALA B 417 -22.62 10.65 15.25
CA ALA B 417 -21.66 11.65 15.67
C ALA B 417 -20.29 11.04 15.99
N PHE B 418 -20.27 9.88 16.64
CA PHE B 418 -19.00 9.23 16.94
C PHE B 418 -18.26 8.89 15.65
N ILE B 419 -18.94 8.28 14.68
CA ILE B 419 -18.28 7.87 13.45
C ILE B 419 -17.75 9.08 12.69
N GLU B 420 -18.52 10.17 12.69
CA GLU B 420 -18.05 11.37 12.01
C GLU B 420 -16.86 11.99 12.74
N SER B 421 -16.80 11.86 14.07
CA SER B 421 -15.63 12.38 14.79
C SER B 421 -14.39 11.55 14.50
N VAL B 422 -14.57 10.25 14.22
CA VAL B 422 -13.42 9.42 13.84
C VAL B 422 -12.96 9.74 12.42
N LEU B 423 -13.89 9.71 11.47
CA LEU B 423 -13.52 9.86 10.06
C LEU B 423 -13.18 11.30 9.69
N GLN B 424 -13.78 12.27 10.38
CA GLN B 424 -13.68 13.67 10.03
C GLN B 424 -14.22 13.94 8.62
N VAL B 425 -15.26 13.19 8.23
CA VAL B 425 -16.05 13.48 7.05
C VAL B 425 -17.50 13.24 7.42
N HIS B 426 -18.41 13.84 6.66
CA HIS B 426 -19.83 13.65 6.87
C HIS B 426 -20.24 12.22 6.48
N LEU B 427 -21.08 11.59 7.30
CA LEU B 427 -21.58 10.24 7.04
C LEU B 427 -22.95 10.35 6.38
N VAL B 428 -23.03 10.01 5.09
CA VAL B 428 -24.29 10.11 4.35
C VAL B 428 -25.19 8.95 4.74
N ASP B 429 -26.44 9.26 5.10
CA ASP B 429 -27.47 8.27 5.40
C ASP B 429 -28.33 8.07 4.16
N GLY B 430 -28.26 6.89 3.55
CA GLY B 430 -29.11 6.55 2.43
C GLY B 430 -30.14 5.53 2.86
N TYR B 431 -31.41 5.84 2.57
CA TYR B 431 -32.52 4.95 2.87
C TYR B 431 -33.07 4.42 1.55
N GLY B 432 -33.36 3.12 1.52
CA GLY B 432 -33.91 2.49 0.33
C GLY B 432 -34.23 1.03 0.63
N SER B 433 -34.64 0.31 -0.40
CA SER B 433 -35.01 -1.08 -0.23
C SER B 433 -34.73 -1.87 -1.50
N THR B 434 -34.69 -3.19 -1.34
CA THR B 434 -34.63 -4.09 -2.49
C THR B 434 -35.76 -3.80 -3.47
N GLU B 435 -36.97 -3.57 -2.95
CA GLU B 435 -38.14 -3.35 -3.79
C GLU B 435 -38.09 -2.01 -4.51
N ALA B 436 -37.73 -0.94 -3.80
CA ALA B 436 -37.90 0.41 -4.33
C ALA B 436 -36.65 1.00 -4.95
N GLY B 437 -35.45 0.51 -4.60
CA GLY B 437 -34.24 1.17 -4.99
C GLY B 437 -33.90 2.26 -3.97
N PRO B 438 -33.06 3.21 -4.35
CA PRO B 438 -32.69 4.30 -3.41
C PRO B 438 -33.85 5.27 -3.27
N VAL B 439 -34.21 5.60 -2.05
CA VAL B 439 -35.39 6.42 -1.80
C VAL B 439 -35.04 7.81 -1.27
N TRP B 440 -34.16 7.88 -0.26
CA TRP B 440 -33.74 9.21 0.18
C TRP B 440 -32.29 9.20 0.62
N ARG B 441 -31.72 10.39 0.71
CA ARG B 441 -30.31 10.56 1.05
C ARG B 441 -30.20 11.81 1.92
N ASP B 442 -29.74 11.63 3.15
CA ASP B 442 -29.73 12.72 4.13
C ASP B 442 -31.08 13.42 4.19
N ARG B 443 -32.12 12.61 4.44
CA ARG B 443 -33.52 13.02 4.58
C ARG B 443 -34.21 13.31 3.25
N LYS B 444 -33.48 13.68 2.21
CA LYS B 444 -34.10 14.20 0.98
C LYS B 444 -34.32 13.12 -0.08
N LEU B 445 -35.54 13.05 -0.60
CA LEU B 445 -35.86 12.12 -1.68
C LEU B 445 -34.87 12.21 -2.85
N VAL B 446 -34.46 11.04 -3.33
CA VAL B 446 -33.52 10.93 -4.44
C VAL B 446 -34.34 10.96 -5.73
N LYS B 447 -34.27 12.08 -6.45
CA LYS B 447 -35.13 12.29 -7.62
C LYS B 447 -34.29 12.73 -8.82
N PRO B 448 -34.27 11.93 -9.88
CA PRO B 448 -34.82 10.57 -9.97
C PRO B 448 -34.07 9.63 -9.00
N PRO B 449 -34.56 8.40 -8.80
CA PRO B 449 -35.67 7.72 -9.45
C PRO B 449 -37.07 8.04 -8.88
N VAL B 450 -37.16 8.61 -7.68
CA VAL B 450 -38.48 8.86 -7.09
C VAL B 450 -39.20 9.95 -7.85
N THR B 451 -40.47 9.73 -8.16
CA THR B 451 -41.25 10.77 -8.85
C THR B 451 -42.44 11.28 -8.06
N GLU B 452 -43.04 10.48 -7.18
CA GLU B 452 -44.15 10.92 -6.36
C GLU B 452 -44.11 10.21 -5.01
N HIS B 453 -44.75 10.81 -4.02
CA HIS B 453 -44.77 10.25 -2.68
C HIS B 453 -45.99 10.73 -1.93
N LYS B 454 -46.37 9.98 -0.89
CA LYS B 454 -47.36 10.39 0.09
C LYS B 454 -47.10 9.67 1.40
N LEU B 455 -47.64 10.24 2.47
CA LEU B 455 -47.74 9.56 3.76
C LEU B 455 -49.16 9.04 3.93
N ILE B 456 -49.29 7.83 4.47
CA ILE B 456 -50.57 7.20 4.73
C ILE B 456 -50.73 7.06 6.24
N ASP B 457 -51.87 7.49 6.77
CA ASP B 457 -52.11 7.33 8.20
C ASP B 457 -52.12 5.86 8.58
N VAL B 458 -51.55 5.56 9.75
CA VAL B 458 -51.61 4.20 10.32
C VAL B 458 -52.30 4.31 11.67
N PRO B 459 -53.63 4.40 11.69
CA PRO B 459 -54.32 4.71 12.96
C PRO B 459 -54.09 3.66 14.03
N GLU B 460 -54.00 2.38 13.67
CA GLU B 460 -53.82 1.35 14.69
C GLU B 460 -52.46 1.40 15.37
N LEU B 461 -51.50 2.15 14.82
CA LEU B 461 -50.21 2.39 15.46
C LEU B 461 -50.06 3.83 15.91
N GLY B 462 -51.11 4.64 15.78
CA GLY B 462 -51.10 5.99 16.28
C GLY B 462 -50.29 6.99 15.48
N TYR B 463 -50.19 6.81 14.16
CA TYR B 463 -49.41 7.69 13.30
C TYR B 463 -50.33 8.42 12.34
N PHE B 464 -50.37 9.74 12.46
CA PHE B 464 -51.29 10.56 11.66
C PHE B 464 -50.56 11.76 11.05
N SER B 465 -51.06 12.19 9.88
CA SER B 465 -50.54 13.38 9.23
C SER B 465 -50.73 14.63 10.08
N THR B 466 -51.64 14.60 11.05
CA THR B 466 -51.88 15.75 11.91
C THR B 466 -50.98 15.75 13.15
N ASP B 467 -50.06 14.80 13.28
CA ASP B 467 -49.24 14.74 14.48
C ASP B 467 -48.36 15.98 14.60
N SER B 468 -47.98 16.28 15.84
CA SER B 468 -47.08 17.38 16.14
C SER B 468 -45.89 16.81 16.91
N PRO B 469 -44.67 17.27 16.59
CA PRO B 469 -44.36 18.37 15.66
C PRO B 469 -44.35 18.03 14.16
N TYR B 470 -44.37 16.73 13.81
CA TYR B 470 -44.21 16.34 12.42
C TYR B 470 -45.32 15.41 11.96
N PRO B 471 -45.82 15.57 10.75
CA PRO B 471 -46.68 14.54 10.15
C PRO B 471 -45.96 13.19 10.19
N ARG B 472 -46.71 12.13 10.50
CA ARG B 472 -46.19 10.78 10.51
C ARG B 472 -47.14 9.84 9.78
N GLY B 473 -46.58 8.77 9.23
CA GLY B 473 -47.39 7.79 8.51
C GLY B 473 -46.48 6.87 7.73
N GLU B 474 -47.10 5.89 7.09
CA GLU B 474 -46.37 4.98 6.22
C GLU B 474 -46.01 5.69 4.91
N LEU B 475 -44.75 5.57 4.50
CA LEU B 475 -44.29 6.20 3.27
C LEU B 475 -44.73 5.38 2.06
N ALA B 476 -45.28 6.03 1.05
CA ALA B 476 -45.65 5.37 -0.20
C ALA B 476 -45.08 6.15 -1.37
N ILE B 477 -44.54 5.46 -2.37
CA ILE B 477 -43.80 6.15 -3.42
C ILE B 477 -44.09 5.55 -4.80
N LYS B 478 -43.94 6.41 -5.82
CA LYS B 478 -43.77 5.98 -7.20
C LYS B 478 -42.33 6.26 -7.58
N THR B 479 -41.68 5.29 -8.21
CA THR B 479 -40.25 5.44 -8.49
C THR B 479 -39.89 4.63 -9.72
N GLN B 480 -38.94 5.18 -10.49
CA GLN B 480 -38.48 4.51 -11.71
C GLN B 480 -37.85 3.14 -11.46
N THR B 481 -37.36 2.87 -10.25
CA THR B 481 -36.64 1.63 -9.96
C THR B 481 -37.52 0.59 -9.27
N ILE B 482 -38.84 0.76 -9.30
CA ILE B 482 -39.73 -0.15 -8.58
C ILE B 482 -39.69 -1.53 -9.24
N LEU B 483 -39.77 -2.58 -8.41
CA LEU B 483 -39.80 -3.93 -8.96
C LEU B 483 -41.10 -4.17 -9.71
N PRO B 484 -41.08 -5.00 -10.74
CA PRO B 484 -42.34 -5.35 -11.43
C PRO B 484 -43.20 -6.33 -10.65
N GLY B 485 -42.62 -7.08 -9.73
CA GLY B 485 -43.37 -7.99 -8.90
C GLY B 485 -42.44 -8.92 -8.16
N TYR B 486 -43.03 -9.72 -7.29
CA TYR B 486 -42.32 -10.85 -6.69
C TYR B 486 -42.52 -12.09 -7.55
N TYR B 487 -41.45 -12.86 -7.72
CA TYR B 487 -41.47 -13.96 -8.68
C TYR B 487 -42.54 -14.98 -8.32
N LYS B 488 -43.47 -15.20 -9.24
CA LYS B 488 -44.51 -16.22 -9.10
C LYS B 488 -45.45 -15.96 -7.92
N ARG B 489 -45.47 -14.76 -7.36
CA ARG B 489 -46.33 -14.45 -6.21
C ARG B 489 -47.14 -13.19 -6.48
N PRO B 490 -48.12 -13.28 -7.39
CA PRO B 490 -48.97 -12.10 -7.66
C PRO B 490 -49.76 -11.62 -6.45
N GLU B 491 -50.17 -12.50 -5.54
CA GLU B 491 -50.94 -12.02 -4.40
C GLU B 491 -50.07 -11.24 -3.42
N THR B 492 -48.83 -11.67 -3.21
CA THR B 492 -47.92 -10.89 -2.38
C THR B 492 -47.58 -9.55 -3.03
N THR B 493 -47.43 -9.54 -4.35
CA THR B 493 -47.19 -8.28 -5.03
C THR B 493 -48.35 -7.32 -4.82
N ALA B 494 -49.59 -7.81 -4.93
CA ALA B 494 -50.74 -6.92 -4.82
C ALA B 494 -50.80 -6.28 -3.44
N GLU B 495 -50.29 -6.95 -2.42
CA GLU B 495 -50.35 -6.40 -1.07
C GLU B 495 -49.40 -5.21 -0.85
N VAL B 496 -48.38 -5.03 -1.70
CA VAL B 496 -47.41 -3.96 -1.48
C VAL B 496 -47.65 -2.76 -2.41
N PHE B 497 -48.76 -2.74 -3.14
CA PHE B 497 -49.17 -1.58 -3.94
C PHE B 497 -50.57 -1.18 -3.51
N ASP B 498 -50.83 0.13 -3.44
CA ASP B 498 -52.19 0.57 -3.14
C ASP B 498 -52.98 0.75 -4.44
N GLU B 499 -54.23 1.21 -4.31
CA GLU B 499 -55.13 1.24 -5.47
C GLU B 499 -54.74 2.30 -6.49
N ASP B 500 -53.91 3.27 -6.09
CA ASP B 500 -53.42 4.32 -6.97
C ASP B 500 -52.04 4.02 -7.53
N GLY B 501 -51.53 2.82 -7.31
CA GLY B 501 -50.26 2.43 -7.89
C GLY B 501 -49.03 2.81 -7.10
N PHE B 502 -49.18 3.38 -5.89
CA PHE B 502 -48.03 3.66 -5.04
C PHE B 502 -47.52 2.37 -4.41
N TYR B 503 -46.18 2.24 -4.35
CA TYR B 503 -45.56 1.18 -3.57
C TYR B 503 -45.61 1.52 -2.08
N LEU B 504 -46.05 0.55 -1.27
CA LEU B 504 -46.18 0.73 0.18
C LEU B 504 -44.91 0.22 0.84
N THR B 505 -44.13 1.13 1.44
CA THR B 505 -42.82 0.73 1.94
C THR B 505 -42.91 -0.18 3.16
N GLY B 506 -44.05 -0.17 3.85
CA GLY B 506 -44.12 -0.80 5.16
C GLY B 506 -43.36 -0.07 6.25
N ASP B 507 -42.86 1.14 5.96
CA ASP B 507 -42.02 1.90 6.90
C ASP B 507 -42.74 3.18 7.32
N VAL B 508 -42.76 3.43 8.63
CA VAL B 508 -43.32 4.66 9.19
C VAL B 508 -42.21 5.71 9.21
N VAL B 509 -42.54 6.91 8.72
CA VAL B 509 -41.60 8.03 8.69
C VAL B 509 -42.27 9.26 9.27
N ALA B 510 -41.47 10.26 9.62
CA ALA B 510 -41.95 11.59 9.96
C ALA B 510 -41.49 12.57 8.88
N GLU B 511 -42.38 13.44 8.42
CA GLU B 511 -42.01 14.44 7.42
C GLU B 511 -41.56 15.70 8.15
N VAL B 512 -40.26 15.99 8.10
CA VAL B 512 -39.70 17.08 8.88
C VAL B 512 -39.57 18.38 8.10
N ALA B 513 -39.70 18.34 6.77
CA ALA B 513 -39.76 19.50 5.90
C ALA B 513 -40.23 19.01 4.54
N PRO B 514 -40.49 19.90 3.57
CA PRO B 514 -40.97 19.44 2.27
C PRO B 514 -40.03 18.42 1.63
N GLU B 515 -40.55 17.22 1.42
CA GLU B 515 -39.80 16.13 0.79
C GLU B 515 -38.57 15.74 1.61
N GLU B 516 -38.63 15.95 2.92
CA GLU B 516 -37.55 15.51 3.83
C GLU B 516 -38.12 14.63 4.93
N PHE B 517 -37.49 13.47 5.14
CA PHE B 517 -38.08 12.46 5.99
C PHE B 517 -37.08 11.92 6.99
N VAL B 518 -37.60 11.45 8.11
CA VAL B 518 -36.83 10.74 9.12
C VAL B 518 -37.52 9.40 9.40
N TYR B 519 -36.73 8.34 9.46
CA TYR B 519 -37.26 7.00 9.68
C TYR B 519 -37.73 6.84 11.12
N VAL B 520 -38.95 6.35 11.30
CA VAL B 520 -39.46 6.01 12.64
C VAL B 520 -39.21 4.52 12.89
N ASP B 521 -39.84 3.65 12.11
CA ASP B 521 -39.61 2.21 12.21
C ASP B 521 -40.42 1.50 11.13
N ARG B 522 -40.04 0.25 10.84
CA ARG B 522 -40.92 -0.66 10.14
C ARG B 522 -42.23 -0.82 10.92
N ARG B 523 -43.35 -0.87 10.19
CA ARG B 523 -44.62 -1.15 10.86
C ARG B 523 -44.50 -2.40 11.71
N LYS B 524 -43.79 -3.41 11.21
CA LYS B 524 -43.66 -4.69 11.92
C LYS B 524 -42.89 -4.56 13.23
N ASN B 525 -42.10 -3.50 13.39
CA ASN B 525 -41.30 -3.32 14.59
C ASN B 525 -41.96 -2.43 15.63
N VAL B 526 -43.19 -1.98 15.39
CA VAL B 526 -43.88 -1.12 16.33
C VAL B 526 -44.78 -1.99 17.19
N LEU B 527 -44.61 -1.88 18.51
CA LEU B 527 -45.34 -2.71 19.46
C LEU B 527 -46.22 -1.82 20.33
N LYS B 528 -47.46 -2.24 20.55
CA LYS B 528 -48.36 -1.55 21.48
C LYS B 528 -48.34 -2.31 22.81
N LEU B 529 -47.89 -1.64 23.87
CA LEU B 529 -47.82 -2.26 25.19
C LEU B 529 -49.21 -2.29 25.83
N SER B 530 -49.33 -3.04 26.92
CA SER B 530 -50.65 -3.32 27.48
C SER B 530 -51.37 -2.04 27.95
N GLN B 531 -50.62 -1.03 28.38
CA GLN B 531 -51.23 0.22 28.82
C GLN B 531 -51.50 1.19 27.66
N GLY B 532 -51.24 0.76 26.41
CA GLY B 532 -51.62 1.52 25.25
C GLY B 532 -50.54 2.37 24.60
N GLU B 533 -49.34 2.42 25.16
CA GLU B 533 -48.27 3.18 24.56
C GLU B 533 -47.59 2.37 23.46
N PHE B 534 -47.04 3.06 22.46
CA PHE B 534 -46.36 2.45 21.32
C PHE B 534 -44.85 2.62 21.43
N VAL B 535 -44.11 1.57 21.08
CA VAL B 535 -42.66 1.60 21.12
C VAL B 535 -42.13 1.19 19.75
N ALA B 536 -41.11 1.90 19.29
CA ALA B 536 -40.43 1.59 18.04
C ALA B 536 -39.22 0.76 18.41
N LEU B 537 -39.32 -0.56 18.26
CA LEU B 537 -38.32 -1.45 18.84
C LEU B 537 -36.94 -1.25 18.23
N SER B 538 -36.86 -0.99 16.91
CA SER B 538 -35.54 -0.81 16.34
C SER B 538 -34.91 0.52 16.73
N LYS B 539 -35.72 1.53 17.08
CA LYS B 539 -35.16 2.76 17.63
C LYS B 539 -34.49 2.49 18.97
N LEU B 540 -35.12 1.67 19.80
CA LEU B 540 -34.54 1.36 21.09
C LEU B 540 -33.30 0.51 20.95
N GLU B 541 -33.31 -0.45 20.03
CA GLU B 541 -32.11 -1.25 19.79
C GLU B 541 -30.95 -0.40 19.33
N ALA B 542 -31.21 0.59 18.47
CA ALA B 542 -30.14 1.48 18.03
C ALA B 542 -29.61 2.33 19.18
N ALA B 543 -30.50 2.77 20.08
CA ALA B 543 -30.08 3.61 21.19
C ALA B 543 -29.25 2.82 22.21
N TYR B 544 -29.76 1.65 22.61
CA TYR B 544 -29.09 0.87 23.65
C TYR B 544 -27.86 0.16 23.14
N GLY B 545 -27.74 0.00 21.81
CA GLY B 545 -26.55 -0.61 21.24
C GLY B 545 -25.28 0.13 21.56
N THR B 546 -25.37 1.42 21.92
CA THR B 546 -24.19 2.21 22.27
C THR B 546 -23.81 2.09 23.73
N SER B 547 -24.54 1.35 24.55
CA SER B 547 -24.04 1.05 25.88
C SER B 547 -22.64 0.47 25.77
N PRO B 548 -21.68 0.94 26.56
CA PRO B 548 -20.32 0.34 26.53
C PRO B 548 -20.29 -1.13 26.88
N LEU B 549 -21.34 -1.65 27.52
CA LEU B 549 -21.40 -3.04 27.95
C LEU B 549 -22.10 -3.94 26.95
N VAL B 550 -22.73 -3.38 25.93
CA VAL B 550 -23.58 -4.14 25.00
C VAL B 550 -22.80 -4.45 23.74
N ARG B 551 -22.72 -5.74 23.41
CA ARG B 551 -22.21 -6.12 22.09
C ARG B 551 -23.35 -6.16 21.08
N GLN B 552 -24.45 -6.84 21.41
CA GLN B 552 -25.68 -6.86 20.61
C GLN B 552 -26.87 -6.83 21.56
N ILE B 553 -27.98 -6.29 21.08
CA ILE B 553 -29.22 -6.31 21.85
C ILE B 553 -30.41 -6.48 20.93
N SER B 554 -31.38 -7.27 21.36
CA SER B 554 -32.69 -7.32 20.70
C SER B 554 -33.74 -7.03 21.76
N VAL B 555 -34.55 -6.00 21.53
CA VAL B 555 -35.56 -5.59 22.52
C VAL B 555 -36.87 -6.30 22.20
N TYR B 556 -37.55 -6.76 23.23
CA TYR B 556 -38.71 -7.64 23.07
C TYR B 556 -39.85 -7.14 23.94
N GLY B 557 -41.06 -7.16 23.39
CA GLY B 557 -42.23 -6.78 24.14
C GLY B 557 -43.40 -7.69 23.82
N SER B 558 -44.43 -7.58 24.63
CA SER B 558 -45.65 -8.36 24.48
C SER B 558 -46.85 -7.43 24.59
N SER B 559 -47.82 -7.61 23.70
CA SER B 559 -49.02 -6.79 23.78
C SER B 559 -49.79 -7.03 25.08
N GLN B 560 -49.46 -8.09 25.81
CA GLN B 560 -50.10 -8.43 27.08
C GLN B 560 -49.34 -7.94 28.30
N ARG B 561 -48.18 -7.32 28.12
CA ARG B 561 -47.36 -6.85 29.22
C ARG B 561 -47.13 -5.35 29.09
N SER B 562 -46.81 -4.71 30.21
CA SER B 562 -46.71 -3.25 30.28
C SER B 562 -45.28 -2.75 30.19
N TYR B 563 -44.31 -3.64 30.04
CA TYR B 563 -42.90 -3.26 30.00
C TYR B 563 -42.17 -4.20 29.06
N LEU B 564 -40.90 -3.87 28.80
CA LEU B 564 -40.06 -4.56 27.85
C LEU B 564 -38.99 -5.42 28.52
N LEU B 565 -38.52 -6.42 27.77
CA LEU B 565 -37.36 -7.25 28.07
C LEU B 565 -36.34 -7.09 26.96
N ALA B 566 -35.18 -7.71 27.11
CA ALA B 566 -34.22 -7.69 26.01
C ALA B 566 -33.31 -8.89 26.10
N VAL B 567 -32.93 -9.38 24.93
CA VAL B 567 -31.82 -10.32 24.79
C VAL B 567 -30.56 -9.50 24.58
N VAL B 568 -29.58 -9.68 25.46
CA VAL B 568 -28.36 -8.90 25.41
C VAL B 568 -27.15 -9.83 25.35
N VAL B 569 -26.36 -9.67 24.30
CA VAL B 569 -25.02 -10.26 24.22
C VAL B 569 -24.05 -9.22 24.78
N PRO B 570 -23.48 -9.43 25.96
CA PRO B 570 -22.54 -8.44 26.51
C PRO B 570 -21.21 -8.50 25.77
N THR B 571 -20.42 -7.42 25.91
CA THR B 571 -19.07 -7.46 25.35
C THR B 571 -18.24 -8.54 26.06
N PRO B 572 -17.17 -9.01 25.44
CA PRO B 572 -16.27 -9.92 26.18
C PRO B 572 -15.72 -9.29 27.44
N GLU B 573 -15.43 -7.99 27.41
CA GLU B 573 -14.95 -7.29 28.60
C GLU B 573 -15.99 -7.32 29.72
N ALA B 574 -17.26 -7.04 29.37
CA ALA B 574 -18.31 -7.08 30.39
C ALA B 574 -18.48 -8.46 30.99
N LEU B 575 -18.41 -9.50 30.15
CA LEU B 575 -18.53 -10.87 30.64
C LEU B 575 -17.37 -11.23 31.57
N ALA B 576 -16.15 -10.83 31.21
CA ALA B 576 -15.00 -11.11 32.05
C ALA B 576 -15.09 -10.38 33.39
N LYS B 577 -15.66 -9.17 33.39
CA LYS B 577 -15.74 -8.36 34.59
C LYS B 577 -16.90 -8.79 35.48
N TYR B 578 -18.06 -9.05 34.91
CA TYR B 578 -19.29 -9.27 35.68
C TYR B 578 -19.88 -10.66 35.57
N GLY B 579 -19.39 -11.52 34.69
CA GLY B 579 -20.02 -12.80 34.47
C GLY B 579 -21.27 -12.68 33.61
N ASP B 580 -22.07 -13.74 33.60
CA ASP B 580 -23.25 -13.81 32.75
C ASP B 580 -24.55 -13.85 33.55
N GLY B 581 -24.52 -13.44 34.81
CA GLY B 581 -25.70 -13.50 35.65
C GLY B 581 -26.17 -12.18 36.25
N GLU B 582 -26.57 -12.22 37.53
CA GLU B 582 -27.19 -11.06 38.16
C GLU B 582 -26.31 -9.83 38.09
N ALA B 583 -24.99 -10.00 38.26
CA ALA B 583 -24.09 -8.86 38.28
C ALA B 583 -24.14 -8.10 36.95
N VAL B 584 -24.02 -8.83 35.83
CA VAL B 584 -24.02 -8.15 34.54
C VAL B 584 -25.40 -7.59 34.23
N LYS B 585 -26.47 -8.21 34.72
CA LYS B 585 -27.80 -7.62 34.56
C LYS B 585 -27.89 -6.29 35.28
N SER B 586 -27.37 -6.22 36.51
CA SER B 586 -27.39 -4.96 37.24
C SER B 586 -26.61 -3.89 36.48
N ALA B 587 -25.41 -4.21 36.04
CA ALA B 587 -24.60 -3.23 35.31
C ALA B 587 -25.31 -2.78 34.05
N LEU B 588 -25.87 -3.72 33.28
CA LEU B 588 -26.61 -3.37 32.08
C LEU B 588 -27.79 -2.46 32.40
N GLY B 589 -28.58 -2.83 33.42
CA GLY B 589 -29.69 -1.99 33.83
C GLY B 589 -29.29 -0.54 34.04
N ASP B 590 -28.25 -0.32 34.85
CA ASP B 590 -27.78 1.04 35.08
C ASP B 590 -27.40 1.72 33.77
N SER B 591 -26.72 0.99 32.88
CA SER B 591 -26.28 1.58 31.63
C SER B 591 -27.46 2.00 30.77
N LEU B 592 -28.49 1.16 30.69
CA LEU B 592 -29.62 1.48 29.83
C LEU B 592 -30.43 2.64 30.40
N GLN B 593 -30.54 2.73 31.73
CA GLN B 593 -31.24 3.86 32.33
C GLN B 593 -30.51 5.16 32.08
N LYS B 594 -29.17 5.12 32.07
CA LYS B 594 -28.38 6.31 31.74
C LYS B 594 -28.64 6.76 30.30
N ILE B 595 -28.71 5.83 29.36
CA ILE B 595 -29.03 6.18 27.98
C ILE B 595 -30.43 6.76 27.87
N ALA B 596 -31.39 6.15 28.58
CA ALA B 596 -32.76 6.64 28.54
C ALA B 596 -32.84 8.10 28.98
N ARG B 597 -32.13 8.46 30.04
CA ARG B 597 -32.15 9.84 30.52
C ARG B 597 -31.51 10.80 29.52
N GLU B 598 -30.39 10.39 28.92
CA GLU B 598 -29.68 11.28 28.00
C GLU B 598 -30.44 11.48 26.70
N GLU B 599 -31.26 10.52 26.31
CA GLU B 599 -31.95 10.56 25.03
C GLU B 599 -33.45 10.78 25.18
N GLY B 600 -33.92 11.10 26.38
CA GLY B 600 -35.33 11.43 26.58
C GLY B 600 -36.29 10.31 26.23
N LEU B 601 -35.93 9.08 26.57
CA LEU B 601 -36.83 7.95 26.44
C LEU B 601 -37.70 7.82 27.68
N GLN B 602 -38.94 7.37 27.48
CA GLN B 602 -39.86 7.20 28.59
C GLN B 602 -39.51 5.95 29.39
N SER B 603 -40.00 5.92 30.64
CA SER B 603 -39.69 4.81 31.52
C SER B 603 -40.09 3.48 30.90
N TYR B 604 -41.22 3.45 30.19
CA TYR B 604 -41.66 2.19 29.60
C TYR B 604 -40.79 1.74 28.43
N GLU B 605 -39.89 2.58 27.94
CA GLU B 605 -38.97 2.18 26.87
C GLU B 605 -37.70 1.51 27.39
N VAL B 606 -37.52 1.42 28.70
CA VAL B 606 -36.32 0.83 29.30
C VAL B 606 -36.61 -0.64 29.62
N PRO B 607 -35.88 -1.60 29.04
CA PRO B 607 -36.09 -3.00 29.41
C PRO B 607 -35.86 -3.21 30.89
N ARG B 608 -36.72 -4.00 31.50
CA ARG B 608 -36.65 -4.21 32.95
C ARG B 608 -35.86 -5.46 33.36
N ASP B 609 -35.80 -6.47 32.50
CA ASP B 609 -35.01 -7.66 32.79
C ASP B 609 -34.49 -8.19 31.47
N PHE B 610 -33.59 -9.18 31.55
CA PHE B 610 -32.83 -9.60 30.39
C PHE B 610 -32.64 -11.11 30.35
N ILE B 611 -32.52 -11.61 29.13
CA ILE B 611 -31.87 -12.88 28.83
C ILE B 611 -30.44 -12.56 28.41
N ILE B 612 -29.47 -13.13 29.12
CA ILE B 612 -28.06 -12.93 28.83
C ILE B 612 -27.57 -14.03 27.92
N GLU B 613 -26.96 -13.63 26.80
CA GLU B 613 -26.43 -14.58 25.81
C GLU B 613 -24.94 -14.34 25.64
N THR B 614 -24.15 -15.40 25.79
CA THR B 614 -22.72 -15.30 25.54
C THR B 614 -22.33 -15.70 24.12
N ASP B 615 -23.27 -16.24 23.34
CA ASP B 615 -23.01 -16.65 21.97
C ASP B 615 -23.53 -15.56 21.04
N PRO B 616 -22.68 -14.84 20.32
CA PRO B 616 -23.18 -13.69 19.55
C PRO B 616 -24.13 -14.09 18.44
N PHE B 617 -25.05 -13.19 18.09
CA PHE B 617 -25.80 -13.35 16.85
C PHE B 617 -24.82 -13.27 15.69
N THR B 618 -24.90 -14.20 14.73
CA THR B 618 -24.03 -14.17 13.57
C THR B 618 -24.80 -14.47 12.29
N ILE B 619 -24.17 -14.21 11.15
CA ILE B 619 -24.71 -14.71 9.89
C ILE B 619 -24.70 -16.22 9.89
N GLU B 620 -23.63 -16.81 10.44
CA GLU B 620 -23.46 -18.25 10.43
C GLU B 620 -24.59 -18.95 11.17
N ASN B 621 -25.04 -18.42 12.33
CA ASN B 621 -26.11 -19.10 13.05
C ASN B 621 -27.50 -18.59 12.67
N GLY B 622 -27.59 -17.70 11.67
CA GLY B 622 -28.87 -17.34 11.10
C GLY B 622 -29.61 -16.26 11.82
N ILE B 623 -29.12 -15.81 12.98
CA ILE B 623 -29.80 -14.73 13.69
C ILE B 623 -29.60 -13.40 12.98
N LEU B 624 -28.48 -13.21 12.29
CA LEU B 624 -28.24 -12.04 11.47
C LEU B 624 -28.47 -12.40 10.01
N SER B 625 -29.06 -11.47 9.26
CA SER B 625 -29.18 -11.63 7.82
C SER B 625 -27.82 -11.43 7.14
N ASP B 626 -27.74 -11.79 5.85
CA ASP B 626 -26.57 -11.51 5.03
C ASP B 626 -26.10 -10.06 5.18
N ALA B 627 -27.02 -9.12 5.34
CA ALA B 627 -26.63 -7.72 5.49
C ALA B 627 -26.17 -7.37 6.89
N GLY B 628 -26.24 -8.32 7.83
CA GLY B 628 -25.87 -8.07 9.20
C GLY B 628 -26.96 -7.50 10.08
N LYS B 629 -28.19 -7.44 9.60
CA LYS B 629 -29.27 -6.98 10.46
C LYS B 629 -29.76 -8.13 11.33
N THR B 630 -30.20 -7.78 12.54
CA THR B 630 -30.80 -8.76 13.42
C THR B 630 -32.18 -9.12 12.93
N LEU B 631 -32.45 -10.42 12.74
CA LEU B 631 -33.74 -10.88 12.25
C LEU B 631 -34.66 -11.11 13.45
N ARG B 632 -35.72 -10.30 13.55
CA ARG B 632 -36.57 -10.41 14.73
C ARG B 632 -37.25 -11.77 14.84
N PRO B 633 -37.76 -12.37 13.77
CA PRO B 633 -38.37 -13.70 13.92
C PRO B 633 -37.38 -14.76 14.35
N LYS B 634 -36.10 -14.61 13.96
CA LYS B 634 -35.09 -15.58 14.37
C LYS B 634 -34.76 -15.43 15.86
N VAL B 635 -34.73 -14.20 16.36
CA VAL B 635 -34.57 -13.99 17.79
C VAL B 635 -35.76 -14.58 18.54
N LYS B 636 -36.96 -14.41 18.00
CA LYS B 636 -38.14 -14.96 18.67
C LYS B 636 -38.09 -16.49 18.69
N ALA B 637 -37.65 -17.11 17.58
CA ALA B 637 -37.62 -18.57 17.55
C ALA B 637 -36.63 -19.13 18.55
N ARG B 638 -35.49 -18.45 18.75
CA ARG B 638 -34.46 -18.96 19.64
C ARG B 638 -34.70 -18.60 21.10
N TYR B 639 -35.26 -17.43 21.39
CA TYR B 639 -35.36 -16.91 22.75
C TYR B 639 -36.78 -16.64 23.22
N GLY B 640 -37.79 -16.77 22.34
CA GLY B 640 -39.14 -16.34 22.70
C GLY B 640 -39.72 -17.09 23.88
N GLU B 641 -39.48 -18.40 23.93
CA GLU B 641 -40.01 -19.18 25.06
C GLU B 641 -39.39 -18.72 26.38
N ARG B 642 -38.07 -18.47 26.37
CA ARG B 642 -37.43 -17.98 27.58
C ARG B 642 -37.89 -16.57 27.95
N LEU B 643 -38.15 -15.73 26.96
CA LEU B 643 -38.64 -14.38 27.28
C LEU B 643 -40.04 -14.45 27.88
N GLU B 644 -40.91 -15.27 27.30
CA GLU B 644 -42.26 -15.37 27.84
C GLU B 644 -42.26 -16.02 29.21
N ALA B 645 -41.34 -16.98 29.44
CA ALA B 645 -41.16 -17.53 30.77
C ALA B 645 -40.68 -16.46 31.76
N LEU B 646 -39.86 -15.52 31.30
CA LEU B 646 -39.39 -14.47 32.20
C LEU B 646 -40.54 -13.55 32.59
N TYR B 647 -41.36 -13.14 31.63
CA TYR B 647 -42.57 -12.38 31.94
C TYR B 647 -43.41 -13.09 33.00
N ALA B 648 -43.67 -14.38 32.79
CA ALA B 648 -44.56 -15.10 33.70
C ALA B 648 -43.94 -15.23 35.08
N GLN B 649 -42.63 -15.44 35.14
CA GLN B 649 -41.95 -15.52 36.42
C GLN B 649 -42.02 -14.20 37.18
N LEU B 650 -41.81 -13.08 36.49
CA LEU B 650 -41.87 -11.78 37.12
C LEU B 650 -43.28 -11.32 37.47
N ALA B 651 -44.31 -12.01 36.97
CA ALA B 651 -45.69 -11.64 37.26
C ALA B 651 -46.20 -12.32 38.53
CA CA C . 13.37 -7.09 -18.58
CA CA D . 52.78 5.27 5.34
OXT FUM E . 29.74 4.25 7.58
C FUM E . 29.32 5.11 6.75
O FUM E . 28.40 5.93 7.04
C4 FUM E . 29.93 5.25 5.38
C5 FUM E . 29.98 6.45 4.79
C6 FUM E . 30.56 6.79 3.39
O7 FUM E . 30.12 7.83 2.83
O8 FUM E . 31.47 6.12 2.82
P AMP F . 32.86 7.61 0.93
O1P AMP F . 31.93 6.92 1.97
O2P AMP F . 32.18 7.98 -0.37
O3P AMP F . 34.23 7.01 0.86
O5' AMP F . 33.10 9.02 1.62
C5' AMP F . 33.80 9.15 2.84
C4' AMP F . 33.93 10.61 3.24
O4' AMP F . 32.61 11.18 3.36
C3' AMP F . 34.58 10.87 4.58
O3' AMP F . 36.00 10.84 4.50
C2' AMP F . 34.01 12.24 4.95
O2' AMP F . 34.63 13.28 4.22
C1' AMP F . 32.58 12.11 4.42
N9 AMP F . 31.60 11.64 5.42
C8 AMP F . 31.06 10.37 5.54
N7 AMP F . 30.14 10.27 6.55
C5 AMP F . 30.11 11.57 7.07
C6 AMP F . 29.36 12.15 8.13
N6 AMP F . 28.47 11.43 8.85
N1 AMP F . 29.52 13.46 8.45
C2 AMP F . 30.42 14.14 7.69
N3 AMP F . 31.21 13.75 6.66
C4 AMP F . 31.00 12.42 6.36
CA CA G . -53.03 -3.62 -3.59
CA CA H . -8.62 -20.88 -7.43
OXT FUM I . -31.24 -2.54 0.49
C FUM I . -31.12 -1.75 1.47
O FUM I . -31.31 -2.13 2.66
C4 FUM I . -30.74 -0.33 1.24
C5 FUM I . -31.14 0.38 0.18
C6 FUM I . -30.76 1.82 -0.05
O7 FUM I . -30.87 2.65 0.89
O8 FUM I . -30.35 2.13 -1.20
P AMP J . -33.43 -4.27 2.21
O1P AMP J . -34.63 -4.65 1.41
O2P AMP J . -32.52 -5.34 2.75
O3P AMP J . -32.68 -3.01 1.62
O5' AMP J . -34.04 -3.59 3.51
C5' AMP J . -34.96 -2.53 3.43
C4' AMP J . -35.34 -2.04 4.80
O4' AMP J . -34.15 -1.60 5.48
C3' AMP J . -36.23 -0.82 4.81
O3' AMP J . -37.60 -1.16 4.62
C2' AMP J . -35.94 -0.23 6.18
O2' AMP J . -36.59 -0.96 7.22
C1' AMP J . -34.44 -0.52 6.32
N9 AMP J . -33.58 0.62 5.92
C8 AMP J . -32.83 0.78 4.76
N7 AMP J . -32.10 1.92 4.75
C5 AMP J . -32.40 2.50 5.98
C6 AMP J . -31.96 3.68 6.58
N6 AMP J . -31.09 4.53 5.97
N1 AMP J . -32.43 4.04 7.80
C2 AMP J . -33.27 3.19 8.37
N3 AMP J . -33.78 2.01 7.95
C4 AMP J . -33.31 1.69 6.72
#